data_6JKP
#
_entry.id   6JKP
#
_cell.length_a   70.881
_cell.length_b   112.317
_cell.length_c   93.573
_cell.angle_alpha   90.000
_cell.angle_beta   107.530
_cell.angle_gamma   90.000
#
_symmetry.space_group_name_H-M   'P 1 21 1'
#
loop_
_entity.id
_entity.type
_entity.pdbx_description
1 polymer 'Methanol dehydrogenase'
2 non-polymer NICOTINAMIDE-ADENINE-DINUCLEOTIDE
3 non-polymer 'ZINC ION'
4 water water
#
_entity_poly.entity_id   1
_entity_poly.type   'polypeptide(L)'
_entity_poly.pdbx_seq_one_letter_code
;SNGGGMLWDYAQPVTIRFGKGRAMEIKDIAEAMGLHDGIMVTPKFFVDSGEAQRLIDASDGAVSTVFTDFSPNPDVTEVD
ACAEIIRKNHCEFVVAMGGGSAMDVSKAAASICLTDDSIADYHGTGKAMPQKHLPIIALPTTAGTGSEVTCVSVLTNRKL
GKKAPIVSDGFFPSVAIVDPELTYSVPPKITASTGMDVLSQAIEGFWSKGHQPICDSCAAHAAKLVFKYLPIAVAEPHNE
EAREKMCEASVIAGLAFTLPKTTSSHACSFPLTNIHGIPHGEACGLTLDYFARINKDAQHGRVQEFARGIGFKDVDAMAD
AIHDLKVRIGMRTGLKDLNLTEEQIADLVRISRHPNLYNNPVEITDDMLDTMYHYLASTD
;
_entity_poly.pdbx_strand_id   A,B,C,D
#
loop_
_chem_comp.id
_chem_comp.type
_chem_comp.name
_chem_comp.formula
NAD non-polymer NICOTINAMIDE-ADENINE-DINUCLEOTIDE 'C21 H27 N7 O14 P2'
ZN non-polymer 'ZINC ION' 'Zn 2'
#
# COMPACT_ATOMS: atom_id res chain seq x y z
N GLY A 5 47.91 -25.32 16.69
CA GLY A 5 46.70 -25.08 17.45
C GLY A 5 45.83 -23.99 16.87
N MET A 6 44.75 -23.66 17.55
CA MET A 6 43.86 -22.60 17.10
C MET A 6 44.46 -21.23 17.38
N LEU A 7 44.46 -20.37 16.37
CA LEU A 7 44.92 -18.99 16.48
C LEU A 7 43.82 -18.07 15.97
N TRP A 8 43.44 -17.09 16.78
CA TRP A 8 42.38 -16.17 16.36
C TRP A 8 42.36 -14.97 17.28
N ASP A 9 42.01 -13.82 16.70
CA ASP A 9 41.81 -12.58 17.45
C ASP A 9 40.34 -12.22 17.44
N TYR A 10 39.88 -11.59 18.52
CA TYR A 10 38.48 -11.22 18.66
C TYR A 10 38.40 -9.81 19.23
N ALA A 11 37.73 -8.91 18.51
CA ALA A 11 37.60 -7.52 18.93
C ALA A 11 36.21 -7.03 18.51
N GLN A 12 35.32 -6.84 19.47
CA GLN A 12 33.94 -6.42 19.21
C GLN A 12 33.66 -5.21 20.08
N PRO A 13 33.94 -4.00 19.59
CA PRO A 13 33.88 -2.83 20.47
C PRO A 13 32.56 -2.10 20.45
N VAL A 14 31.51 -2.74 19.93
CA VAL A 14 30.21 -2.08 19.76
C VAL A 14 29.30 -2.48 20.92
N THR A 15 28.58 -1.49 21.44
CA THR A 15 27.59 -1.71 22.49
C THR A 15 26.22 -1.88 21.85
N ILE A 16 25.54 -2.98 22.19
CA ILE A 16 24.28 -3.36 21.57
C ILE A 16 23.17 -3.15 22.60
N ARG A 17 22.23 -2.26 22.28
CA ARG A 17 21.02 -2.06 23.09
C ARG A 17 19.85 -2.64 22.29
N PHE A 18 19.50 -3.89 22.58
CA PHE A 18 18.43 -4.58 21.88
C PHE A 18 17.13 -4.44 22.64
N GLY A 19 16.04 -4.24 21.90
CA GLY A 19 14.73 -4.16 22.53
C GLY A 19 13.67 -3.44 21.71
N LYS A 20 12.42 -3.89 21.86
CA LYS A 20 11.31 -3.27 21.14
C LYS A 20 10.96 -1.94 21.77
N GLY A 21 11.05 -0.86 20.98
CA GLY A 21 10.75 0.47 21.46
C GLY A 21 11.91 1.22 22.07
N ARG A 22 13.11 0.64 22.09
CA ARG A 22 14.27 1.30 22.66
C ARG A 22 14.91 2.31 21.72
N ALA A 23 14.25 2.65 20.62
CA ALA A 23 14.76 3.71 19.75
C ALA A 23 14.63 5.08 20.40
N MET A 24 13.75 5.22 21.39
CA MET A 24 13.59 6.48 22.11
C MET A 24 14.80 6.79 22.99
N GLU A 25 15.70 5.84 23.21
CA GLU A 25 16.83 5.99 24.10
C GLU A 25 18.02 6.72 23.47
N ILE A 26 17.79 7.47 22.39
CA ILE A 26 18.86 8.30 21.86
C ILE A 26 19.17 9.43 22.83
N LYS A 27 18.17 9.92 23.57
CA LYS A 27 18.40 10.93 24.58
C LYS A 27 19.30 10.42 25.69
N ASP A 28 19.12 9.16 26.09
CA ASP A 28 19.93 8.59 27.17
C ASP A 28 21.40 8.51 26.77
N ILE A 29 21.66 8.05 25.54
CA ILE A 29 23.05 7.92 25.09
C ILE A 29 23.68 9.29 24.91
N ALA A 30 22.92 10.25 24.37
CA ALA A 30 23.46 11.60 24.17
C ALA A 30 23.69 12.29 25.52
N GLU A 31 22.81 12.05 26.50
CA GLU A 31 23.00 12.65 27.81
C GLU A 31 24.14 11.98 28.57
N ALA A 32 24.22 10.64 28.52
CA ALA A 32 25.30 9.93 29.19
C ALA A 32 26.66 10.36 28.64
N MET A 33 26.75 10.54 27.33
CA MET A 33 27.95 11.08 26.72
C MET A 33 28.02 12.60 26.81
N GLY A 34 27.00 13.24 27.37
CA GLY A 34 26.99 14.69 27.49
C GLY A 34 27.00 15.41 26.16
N LEU A 35 26.47 14.79 25.11
CA LEU A 35 26.49 15.37 23.78
C LEU A 35 25.11 15.91 23.41
N HIS A 36 25.11 17.01 22.67
CA HIS A 36 23.89 17.60 22.13
C HIS A 36 24.15 17.98 20.67
N ASP A 37 23.06 18.36 19.99
CA ASP A 37 23.12 18.77 18.59
C ASP A 37 23.70 17.67 17.70
N GLY A 38 22.86 16.73 17.29
CA GLY A 38 23.31 15.63 16.45
C GLY A 38 22.71 15.65 15.07
N ILE A 39 23.37 15.01 14.10
CA ILE A 39 22.90 14.91 12.73
C ILE A 39 22.38 13.49 12.52
N MET A 40 21.12 13.38 12.11
CA MET A 40 20.48 12.09 11.87
C MET A 40 20.52 11.79 10.38
N VAL A 41 21.38 10.85 9.98
CA VAL A 41 21.47 10.40 8.60
C VAL A 41 20.46 9.27 8.41
N THR A 42 19.42 9.53 7.62
CA THR A 42 18.32 8.60 7.44
C THR A 42 17.80 8.73 6.02
N PRO A 43 17.19 7.68 5.47
CA PRO A 43 16.54 7.83 4.17
C PRO A 43 15.30 8.70 4.26
N LYS A 44 14.86 9.19 3.10
CA LYS A 44 13.71 10.10 3.05
C LYS A 44 12.41 9.41 3.44
N PHE A 45 12.36 8.08 3.38
CA PHE A 45 11.13 7.37 3.74
C PHE A 45 10.78 7.59 5.20
N PHE A 46 11.76 7.51 6.10
CA PHE A 46 11.48 7.69 7.52
C PHE A 46 11.16 9.14 7.87
N VAL A 47 11.46 10.09 6.99
CA VAL A 47 11.04 11.46 7.23
C VAL A 47 9.58 11.65 6.80
N ASP A 48 9.20 11.12 5.64
CA ASP A 48 7.82 11.22 5.18
C ASP A 48 6.86 10.45 6.05
N SER A 49 7.34 9.50 6.84
CA SER A 49 6.49 8.72 7.73
C SER A 49 6.47 9.28 9.15
N GLY A 50 7.11 10.43 9.39
CA GLY A 50 7.17 11.02 10.70
C GLY A 50 7.98 10.27 11.73
N GLU A 51 8.55 9.12 11.37
CA GLU A 51 9.33 8.34 12.33
C GLU A 51 10.61 9.06 12.72
N ALA A 52 11.19 9.84 11.80
CA ALA A 52 12.41 10.58 12.12
C ALA A 52 12.14 11.66 13.16
N GLN A 53 11.07 12.44 12.96
CA GLN A 53 10.74 13.50 13.91
C GLN A 53 10.31 12.94 15.26
N ARG A 54 9.72 11.74 15.27
CA ARG A 54 9.34 11.12 16.54
C ARG A 54 10.55 10.89 17.43
N LEU A 55 11.71 10.60 16.84
CA LEU A 55 12.94 10.42 17.60
C LEU A 55 13.68 11.74 17.82
N ILE A 56 13.49 12.72 16.93
CA ILE A 56 14.08 14.04 17.15
C ILE A 56 13.43 14.71 18.36
N ASP A 57 12.09 14.64 18.44
CA ASP A 57 11.41 15.21 19.59
C ASP A 57 11.61 14.37 20.84
N ALA A 58 11.83 13.06 20.68
CA ALA A 58 12.13 12.22 21.83
C ALA A 58 13.51 12.52 22.39
N SER A 59 14.46 12.89 21.54
CA SER A 59 15.79 13.26 22.01
C SER A 59 15.77 14.60 22.74
N ASP A 60 14.74 15.40 22.54
CA ASP A 60 14.53 16.68 23.23
C ASP A 60 15.74 17.60 23.05
N GLY A 61 15.94 17.99 21.79
CA GLY A 61 17.01 18.90 21.43
C GLY A 61 18.37 18.26 21.29
N ALA A 62 18.48 16.95 21.47
CA ALA A 62 19.78 16.30 21.30
C ALA A 62 20.12 16.15 19.82
N VAL A 63 19.13 15.88 18.98
CA VAL A 63 19.30 15.81 17.54
C VAL A 63 18.64 17.05 16.94
N SER A 64 19.34 17.71 16.02
CA SER A 64 18.87 18.96 15.44
C SER A 64 18.70 18.91 13.93
N THR A 65 19.67 18.34 13.21
CA THR A 65 19.67 18.36 11.75
C THR A 65 19.35 16.98 11.20
N VAL A 66 19.02 16.95 9.90
CA VAL A 66 18.62 15.73 9.20
C VAL A 66 19.27 15.75 7.82
N PHE A 67 19.80 14.60 7.41
CA PHE A 67 20.43 14.42 6.10
C PHE A 67 19.77 13.23 5.40
N THR A 68 19.23 13.47 4.20
CA THR A 68 18.48 12.45 3.48
C THR A 68 18.88 12.35 2.01
N ASP A 69 20.05 12.85 1.63
CA ASP A 69 20.45 12.93 0.23
C ASP A 69 21.53 11.89 -0.03
N PHE A 70 21.12 10.62 -0.14
CA PHE A 70 22.03 9.54 -0.50
C PHE A 70 21.24 8.42 -1.18
N SER A 71 21.89 7.77 -2.14
CA SER A 71 21.31 6.71 -2.96
C SER A 71 21.51 5.35 -2.30
N PRO A 72 20.75 4.33 -2.71
CA PRO A 72 20.96 2.98 -2.16
C PRO A 72 22.40 2.49 -2.28
N ASN A 73 23.04 2.71 -3.43
CA ASN A 73 24.48 2.50 -3.53
C ASN A 73 25.16 3.84 -3.32
N PRO A 74 25.70 4.12 -2.14
CA PRO A 74 26.10 5.50 -1.81
C PRO A 74 27.36 5.94 -2.53
N ASP A 75 27.31 7.16 -3.06
CA ASP A 75 28.45 7.76 -3.75
C ASP A 75 29.28 8.59 -2.78
N VAL A 76 30.54 8.82 -3.15
CA VAL A 76 31.43 9.58 -2.30
C VAL A 76 30.98 11.04 -2.21
N THR A 77 30.30 11.56 -3.23
CA THR A 77 29.81 12.93 -3.18
C THR A 77 28.71 13.10 -2.14
N GLU A 78 27.87 12.09 -1.97
CA GLU A 78 26.83 12.15 -0.94
C GLU A 78 27.44 12.12 0.46
N VAL A 79 28.62 11.52 0.60
CA VAL A 79 29.31 11.53 1.89
C VAL A 79 29.85 12.92 2.19
N ASP A 80 30.56 13.51 1.23
CA ASP A 80 31.09 14.85 1.43
C ASP A 80 29.98 15.88 1.56
N ALA A 81 28.84 15.64 0.91
CA ALA A 81 27.68 16.51 1.10
C ALA A 81 27.18 16.43 2.54
N CYS A 82 27.19 15.23 3.12
CA CYS A 82 26.84 15.09 4.53
C CYS A 82 27.95 15.61 5.43
N ALA A 83 29.20 15.46 5.02
CA ALA A 83 30.31 15.97 5.81
C ALA A 83 30.29 17.49 5.89
N GLU A 84 30.08 18.16 4.75
CA GLU A 84 30.03 19.61 4.74
C GLU A 84 28.83 20.14 5.53
N ILE A 85 27.77 19.34 5.65
CA ILE A 85 26.62 19.74 6.47
C ILE A 85 27.01 19.78 7.94
N ILE A 86 27.75 18.78 8.40
CA ILE A 86 28.21 18.78 9.80
C ILE A 86 29.17 19.93 10.05
N ARG A 87 29.98 20.29 9.05
CA ARG A 87 30.89 21.42 9.20
C ARG A 87 30.13 22.74 9.33
N LYS A 88 29.00 22.87 8.63
CA LYS A 88 28.24 24.11 8.66
C LYS A 88 27.30 24.21 9.85
N ASN A 89 27.03 23.10 10.54
CA ASN A 89 26.15 23.11 11.70
C ASN A 89 26.82 22.59 12.96
N HIS A 90 28.11 22.25 12.91
CA HIS A 90 28.90 21.70 14.02
C HIS A 90 28.10 20.74 14.89
N CYS A 91 27.79 19.56 14.37
CA CYS A 91 27.13 18.53 15.16
C CYS A 91 28.16 17.75 15.97
N GLU A 92 27.70 17.22 17.11
CA GLU A 92 28.60 16.52 18.02
C GLU A 92 28.57 15.01 17.88
N PHE A 93 27.54 14.45 17.23
CA PHE A 93 27.47 13.01 17.02
C PHE A 93 26.63 12.73 15.78
N VAL A 94 26.65 11.46 15.36
CA VAL A 94 25.97 11.01 14.15
C VAL A 94 24.94 9.96 14.54
N VAL A 95 23.72 10.11 14.02
CA VAL A 95 22.65 9.15 14.24
C VAL A 95 22.38 8.48 12.88
N ALA A 96 22.67 7.18 12.80
CA ALA A 96 22.52 6.42 11.55
C ALA A 96 21.27 5.55 11.69
N MET A 97 20.14 6.06 11.20
CA MET A 97 18.87 5.33 11.23
C MET A 97 18.53 4.97 9.79
N GLY A 98 18.84 3.74 9.40
CA GLY A 98 18.51 3.28 8.07
C GLY A 98 19.11 1.93 7.82
N GLY A 99 19.10 1.55 6.55
CA GLY A 99 19.70 0.30 6.13
C GLY A 99 21.22 0.40 6.11
N GLY A 100 21.83 -0.54 5.40
CA GLY A 100 23.28 -0.53 5.25
C GLY A 100 23.78 0.70 4.53
N SER A 101 23.00 1.23 3.59
CA SER A 101 23.42 2.42 2.87
C SER A 101 23.54 3.61 3.80
N ALA A 102 22.57 3.77 4.71
CA ALA A 102 22.64 4.89 5.65
C ALA A 102 23.75 4.71 6.67
N MET A 103 24.03 3.48 7.08
CA MET A 103 25.11 3.23 8.03
C MET A 103 26.48 3.14 7.38
N ASP A 104 26.57 3.29 6.06
CA ASP A 104 27.86 3.34 5.39
C ASP A 104 28.31 4.76 5.08
N VAL A 105 27.39 5.70 4.95
CA VAL A 105 27.77 7.10 4.84
C VAL A 105 27.97 7.74 6.21
N SER A 106 27.34 7.18 7.25
CA SER A 106 27.53 7.73 8.58
C SER A 106 28.92 7.43 9.12
N LYS A 107 29.52 6.32 8.69
CA LYS A 107 30.87 5.98 9.13
C LYS A 107 31.92 6.84 8.43
N ALA A 108 31.74 7.06 7.12
CA ALA A 108 32.68 7.86 6.36
C ALA A 108 32.58 9.34 6.70
N ALA A 109 31.36 9.87 6.82
CA ALA A 109 31.18 11.29 7.06
C ALA A 109 31.53 11.69 8.49
N ALA A 110 31.51 10.75 9.44
CA ALA A 110 31.89 11.07 10.81
C ALA A 110 33.39 11.21 10.96
N SER A 111 34.17 10.54 10.12
CA SER A 111 35.62 10.65 10.19
C SER A 111 36.17 11.68 9.22
N ILE A 112 35.51 11.87 8.07
CA ILE A 112 36.01 12.80 7.06
C ILE A 112 35.57 14.24 7.34
N CYS A 113 34.58 14.46 8.20
CA CYS A 113 34.18 15.83 8.52
C CYS A 113 35.21 16.52 9.39
N LEU A 114 35.97 15.75 10.17
CA LEU A 114 37.06 16.32 10.97
C LEU A 114 38.24 16.74 10.11
N THR A 115 38.30 16.29 8.86
CA THR A 115 39.36 16.66 7.92
C THR A 115 38.80 17.60 6.86
N ASP A 116 39.68 18.03 5.95
CA ASP A 116 39.30 18.90 4.85
C ASP A 116 39.45 18.24 3.49
N ASP A 117 39.94 17.00 3.43
CA ASP A 117 40.07 16.29 2.18
C ASP A 117 38.73 15.66 1.79
N SER A 118 38.72 15.00 0.63
CA SER A 118 37.54 14.26 0.18
C SER A 118 37.63 12.82 0.64
N ILE A 119 36.46 12.21 0.86
CA ILE A 119 36.40 10.82 1.28
C ILE A 119 36.91 9.88 0.18
N ALA A 120 36.94 10.35 -1.06
CA ALA A 120 37.50 9.55 -2.16
C ALA A 120 39.02 9.45 -2.10
N ASP A 121 39.68 10.28 -1.29
CA ASP A 121 41.14 10.19 -1.13
C ASP A 121 41.57 8.94 -0.39
N TYR A 122 40.63 8.19 0.21
CA TYR A 122 40.92 6.96 0.91
C TYR A 122 40.07 5.80 0.36
N HIS A 123 39.49 5.97 -0.81
CA HIS A 123 38.54 5.02 -1.38
C HIS A 123 39.28 4.11 -2.36
N GLY A 124 39.70 2.94 -1.89
CA GLY A 124 40.36 1.96 -2.72
C GLY A 124 41.83 2.19 -2.97
N THR A 125 42.33 3.41 -2.74
CA THR A 125 43.74 3.69 -2.98
C THR A 125 44.64 3.03 -1.95
N GLY A 126 44.12 2.78 -0.74
CA GLY A 126 44.89 2.18 0.33
C GLY A 126 45.31 3.12 1.43
N LYS A 127 45.03 4.42 1.29
CA LYS A 127 45.39 5.38 2.34
C LYS A 127 44.51 5.18 3.57
N ALA A 128 45.14 5.07 4.73
CA ALA A 128 44.39 4.80 5.96
C ALA A 128 43.57 6.00 6.38
N MET A 129 42.39 5.74 6.94
CA MET A 129 41.52 6.78 7.44
C MET A 129 42.07 7.36 8.75
N PRO A 130 41.80 8.63 9.03
CA PRO A 130 42.15 9.19 10.34
C PRO A 130 41.32 8.55 11.44
N GLN A 131 41.99 8.16 12.53
CA GLN A 131 41.32 7.49 13.64
C GLN A 131 40.67 8.48 14.61
N LYS A 132 40.27 9.65 14.13
CA LYS A 132 39.54 10.63 14.92
C LYS A 132 38.21 10.91 14.23
N HIS A 133 37.10 10.73 14.97
CA HIS A 133 35.79 10.82 14.37
C HIS A 133 34.77 11.20 15.45
N LEU A 134 33.55 11.48 15.00
CA LEU A 134 32.40 11.74 15.85
C LEU A 134 31.75 10.43 16.28
N PRO A 135 31.13 10.42 17.47
CA PRO A 135 30.42 9.21 17.90
C PRO A 135 29.28 8.87 16.95
N ILE A 136 29.05 7.56 16.77
CA ILE A 136 28.03 7.04 15.87
C ILE A 136 27.04 6.22 16.68
N ILE A 137 25.76 6.53 16.52
CA ILE A 137 24.68 5.76 17.11
C ILE A 137 23.91 5.14 15.96
N ALA A 138 24.13 3.85 15.72
CA ALA A 138 23.54 3.14 14.60
C ALA A 138 22.18 2.59 14.97
N LEU A 139 21.16 2.95 14.18
CA LEU A 139 19.80 2.44 14.34
C LEU A 139 19.41 1.69 13.07
N PRO A 140 19.84 0.44 12.92
CA PRO A 140 19.50 -0.31 11.71
C PRO A 140 17.99 -0.53 11.61
N THR A 141 17.49 -0.45 10.39
CA THR A 141 16.07 -0.59 10.13
C THR A 141 15.73 -1.80 9.27
N THR A 142 16.71 -2.62 8.90
CA THR A 142 16.51 -3.86 8.19
C THR A 142 17.11 -5.01 8.99
N ALA A 143 16.88 -6.24 8.54
CA ALA A 143 17.42 -7.42 9.23
C ALA A 143 17.71 -8.50 8.19
N GLY A 144 18.83 -8.35 7.48
CA GLY A 144 19.71 -7.22 7.67
C GLY A 144 21.12 -7.50 7.20
N THR A 145 21.98 -6.49 7.36
CA THR A 145 23.38 -6.61 6.96
C THR A 145 24.35 -6.60 8.14
N GLY A 146 23.89 -6.19 9.33
CA GLY A 146 24.78 -6.13 10.47
C GLY A 146 25.84 -5.05 10.38
N SER A 147 25.61 -4.02 9.55
CA SER A 147 26.60 -2.96 9.41
C SER A 147 26.79 -2.17 10.69
N GLU A 148 25.85 -2.28 11.64
CA GLU A 148 25.96 -1.57 12.90
C GLU A 148 27.01 -2.16 13.84
N VAL A 149 27.50 -3.37 13.55
CA VAL A 149 28.51 -4.01 14.38
C VAL A 149 29.77 -4.34 13.60
N THR A 150 29.94 -3.75 12.42
CA THR A 150 31.15 -3.90 11.62
C THR A 150 31.86 -2.56 11.50
N CYS A 151 33.06 -2.61 10.93
CA CYS A 151 33.84 -1.41 10.69
C CYS A 151 34.02 -1.12 9.20
N VAL A 152 33.25 -1.78 8.35
CA VAL A 152 33.36 -1.62 6.89
C VAL A 152 32.29 -0.66 6.42
N SER A 153 32.66 0.22 5.48
CA SER A 153 31.74 1.20 4.89
C SER A 153 31.83 1.05 3.37
N VAL A 154 30.92 0.26 2.80
CA VAL A 154 30.91 0.06 1.35
C VAL A 154 30.45 1.34 0.68
N LEU A 155 31.29 1.89 -0.19
CA LEU A 155 31.00 3.12 -0.90
C LEU A 155 30.99 2.85 -2.41
N THR A 156 30.90 3.92 -3.19
CA THR A 156 30.89 3.83 -4.65
C THR A 156 31.40 5.15 -5.22
N ASN A 157 32.24 5.06 -6.24
CA ASN A 157 32.77 6.22 -6.95
C ASN A 157 32.19 6.17 -8.37
N ARG A 158 31.07 6.88 -8.56
CA ARG A 158 30.37 6.82 -9.85
C ARG A 158 31.18 7.50 -10.95
N LYS A 159 31.81 8.64 -10.64
CA LYS A 159 32.60 9.33 -11.64
C LYS A 159 33.79 8.49 -12.09
N LEU A 160 34.40 7.75 -11.15
CA LEU A 160 35.51 6.87 -11.45
C LEU A 160 35.06 5.45 -11.77
N GLY A 161 33.76 5.16 -11.69
CA GLY A 161 33.27 3.83 -12.00
C GLY A 161 33.77 2.74 -11.08
N LYS A 162 33.98 3.05 -9.80
CA LYS A 162 34.53 2.11 -8.85
C LYS A 162 33.59 1.97 -7.65
N LYS A 163 33.54 0.76 -7.10
CA LYS A 163 32.80 0.46 -5.87
C LYS A 163 33.71 -0.39 -4.99
N ALA A 164 34.35 0.25 -4.01
CA ALA A 164 35.31 -0.42 -3.14
C ALA A 164 34.98 -0.15 -1.68
N PRO A 165 35.13 -1.14 -0.81
CA PRO A 165 34.85 -0.92 0.62
C PRO A 165 36.02 -0.23 1.31
N ILE A 166 35.71 0.35 2.47
CA ILE A 166 36.68 1.03 3.32
C ILE A 166 36.60 0.45 4.72
N VAL A 167 37.74 0.00 5.24
CA VAL A 167 37.82 -0.63 6.55
C VAL A 167 38.68 0.24 7.45
N SER A 168 38.11 0.72 8.55
CA SER A 168 38.82 1.59 9.48
C SER A 168 38.29 1.33 10.88
N ASP A 169 39.19 1.23 11.85
CA ASP A 169 38.79 0.98 13.24
C ASP A 169 37.92 2.11 13.78
N GLY A 170 38.08 3.32 13.25
CA GLY A 170 37.26 4.45 13.66
C GLY A 170 35.84 4.42 13.14
N PHE A 171 35.51 3.47 12.28
CA PHE A 171 34.14 3.36 11.77
C PHE A 171 33.22 2.58 12.71
N PHE A 172 33.75 1.97 13.76
CA PHE A 172 32.94 1.20 14.69
C PHE A 172 31.94 2.11 15.40
N PRO A 173 30.64 1.86 15.28
CA PRO A 173 29.66 2.68 16.00
C PRO A 173 29.82 2.52 17.51
N SER A 174 29.60 3.62 18.23
CA SER A 174 29.68 3.59 19.69
C SER A 174 28.60 2.68 20.26
N VAL A 175 27.34 2.97 19.95
CA VAL A 175 26.20 2.17 20.40
C VAL A 175 25.36 1.82 19.18
N ALA A 176 24.89 0.57 19.13
CA ALA A 176 24.02 0.10 18.06
C ALA A 176 22.69 -0.30 18.69
N ILE A 177 21.69 0.55 18.52
CA ILE A 177 20.34 0.25 19.02
C ILE A 177 19.61 -0.58 17.98
N VAL A 178 19.17 -1.77 18.39
CA VAL A 178 18.43 -2.67 17.51
C VAL A 178 16.99 -2.69 17.98
N ASP A 179 16.09 -2.09 17.18
CA ASP A 179 14.68 -2.00 17.52
C ASP A 179 13.86 -2.71 16.45
N PRO A 180 13.14 -3.78 16.78
CA PRO A 180 12.34 -4.48 15.75
C PRO A 180 11.16 -3.67 15.25
N GLU A 181 10.75 -2.61 15.95
CA GLU A 181 9.64 -1.79 15.48
C GLU A 181 9.98 -1.08 14.18
N LEU A 182 11.25 -0.70 13.99
CA LEU A 182 11.66 -0.04 12.77
C LEU A 182 11.68 -0.98 11.56
N THR A 183 11.55 -2.28 11.77
CA THR A 183 11.52 -3.24 10.67
C THR A 183 10.10 -3.63 10.27
N TYR A 184 9.08 -3.16 10.99
CA TYR A 184 7.70 -3.52 10.64
C TYR A 184 7.30 -2.96 9.29
N SER A 185 7.94 -1.89 8.83
CA SER A 185 7.58 -1.21 7.59
C SER A 185 8.37 -1.70 6.39
N VAL A 186 9.06 -2.84 6.49
CA VAL A 186 9.84 -3.36 5.39
C VAL A 186 8.93 -4.22 4.51
N PRO A 187 8.90 -4.00 3.19
CA PRO A 187 8.02 -4.79 2.35
C PRO A 187 8.50 -6.23 2.30
N PRO A 188 7.59 -7.18 2.04
CA PRO A 188 7.98 -8.60 2.11
C PRO A 188 9.13 -8.98 1.18
N LYS A 189 9.23 -8.35 0.01
CA LYS A 189 10.32 -8.70 -0.90
C LYS A 189 11.67 -8.28 -0.35
N ILE A 190 11.75 -7.08 0.23
CA ILE A 190 13.02 -6.64 0.82
C ILE A 190 13.31 -7.42 2.09
N THR A 191 12.27 -7.81 2.83
CA THR A 191 12.46 -8.67 3.99
C THR A 191 13.11 -9.99 3.60
N ALA A 192 12.64 -10.60 2.51
CA ALA A 192 13.20 -11.88 2.07
C ALA A 192 14.65 -11.74 1.64
N SER A 193 14.98 -10.70 0.88
CA SER A 193 16.36 -10.53 0.44
C SER A 193 17.28 -10.27 1.62
N THR A 194 16.95 -9.28 2.46
CA THR A 194 17.78 -9.03 3.64
C THR A 194 17.79 -10.24 4.57
N GLY A 195 16.71 -11.02 4.58
CA GLY A 195 16.69 -12.22 5.40
C GLY A 195 17.69 -13.26 4.93
N MET A 196 17.74 -13.51 3.63
CA MET A 196 18.74 -14.41 3.07
C MET A 196 20.15 -13.89 3.27
N ASP A 197 20.33 -12.58 3.43
CA ASP A 197 21.65 -12.02 3.65
C ASP A 197 22.18 -12.38 5.04
N VAL A 198 21.28 -12.56 6.01
CA VAL A 198 21.70 -12.99 7.34
C VAL A 198 22.15 -14.44 7.29
N LEU A 199 21.35 -15.31 6.66
CA LEU A 199 21.71 -16.72 6.57
C LEU A 199 23.00 -16.94 5.78
N SER A 200 23.26 -16.10 4.78
CA SER A 200 24.51 -16.22 4.03
C SER A 200 25.71 -15.92 4.92
N GLN A 201 25.70 -14.75 5.57
CA GLN A 201 26.82 -14.36 6.43
C GLN A 201 27.01 -15.32 7.60
N ALA A 202 25.97 -16.05 7.99
CA ALA A 202 26.12 -17.03 9.06
C ALA A 202 26.75 -18.32 8.54
N ILE A 203 26.21 -18.85 7.43
CA ILE A 203 26.74 -20.10 6.88
C ILE A 203 28.13 -19.89 6.29
N GLU A 204 28.30 -18.81 5.51
CA GLU A 204 29.62 -18.51 4.97
C GLU A 204 30.60 -18.17 6.09
N GLY A 205 30.16 -17.36 7.06
CA GLY A 205 31.02 -16.99 8.17
C GLY A 205 31.49 -18.16 9.00
N PHE A 206 30.73 -19.26 9.01
CA PHE A 206 31.11 -20.43 9.80
C PHE A 206 32.19 -21.25 9.09
N TRP A 207 31.91 -21.69 7.87
CA TRP A 207 32.82 -22.59 7.17
C TRP A 207 34.01 -21.86 6.53
N SER A 208 34.18 -20.58 6.83
CA SER A 208 35.29 -19.82 6.27
C SER A 208 36.63 -20.39 6.74
N LYS A 209 37.70 -19.95 6.07
CA LYS A 209 39.03 -20.35 6.50
C LYS A 209 39.43 -19.64 7.78
N GLY A 210 39.06 -18.38 7.93
CA GLY A 210 39.40 -17.63 9.12
C GLY A 210 38.38 -17.77 10.22
N HIS A 211 37.82 -18.97 10.38
CA HIS A 211 36.81 -19.20 11.40
C HIS A 211 37.44 -19.24 12.78
N GLN A 212 36.62 -18.91 13.78
CA GLN A 212 37.03 -18.91 15.18
C GLN A 212 35.84 -19.31 16.04
N PRO A 213 36.07 -19.86 17.23
CA PRO A 213 34.95 -20.43 17.99
C PRO A 213 33.88 -19.44 18.41
N ILE A 214 34.26 -18.21 18.78
CA ILE A 214 33.27 -17.24 19.22
C ILE A 214 32.32 -16.89 18.09
N CYS A 215 32.85 -16.68 16.88
CA CYS A 215 32.00 -16.35 15.75
C CYS A 215 31.17 -17.55 15.30
N ASP A 216 31.69 -18.77 15.49
CA ASP A 216 30.94 -19.97 15.09
C ASP A 216 29.77 -20.23 16.02
N SER A 217 29.92 -19.92 17.31
CA SER A 217 28.79 -20.06 18.22
C SER A 217 27.65 -19.12 17.83
N CYS A 218 27.99 -17.90 17.40
CA CYS A 218 27.00 -16.96 16.93
C CYS A 218 26.43 -17.34 15.57
N ALA A 219 27.24 -17.94 14.70
CA ALA A 219 26.76 -18.31 13.37
C ALA A 219 25.68 -19.37 13.45
N ALA A 220 25.80 -20.31 14.38
CA ALA A 220 24.81 -21.36 14.51
C ALA A 220 23.50 -20.84 15.08
N HIS A 221 23.58 -19.89 16.02
CA HIS A 221 22.37 -19.35 16.63
C HIS A 221 21.57 -18.54 15.62
N ALA A 222 22.25 -17.74 14.80
CA ALA A 222 21.57 -16.91 13.81
C ALA A 222 20.94 -17.75 12.72
N ALA A 223 21.67 -18.76 12.23
CA ALA A 223 21.17 -19.58 11.14
C ALA A 223 19.92 -20.34 11.55
N LYS A 224 19.89 -20.86 12.78
CA LYS A 224 18.73 -21.61 13.23
C LYS A 224 17.49 -20.74 13.35
N LEU A 225 17.68 -19.44 13.63
CA LEU A 225 16.54 -18.53 13.73
C LEU A 225 15.96 -18.15 12.38
N VAL A 226 16.79 -18.10 11.33
CA VAL A 226 16.29 -17.70 10.02
C VAL A 226 15.37 -18.77 9.45
N PHE A 227 15.73 -20.05 9.61
CA PHE A 227 14.93 -21.13 9.05
C PHE A 227 13.52 -21.18 9.64
N LYS A 228 13.33 -20.67 10.85
CA LYS A 228 12.04 -20.76 11.52
C LYS A 228 11.18 -19.52 11.36
N TYR A 229 11.76 -18.32 11.39
CA TYR A 229 10.98 -17.10 11.45
C TYR A 229 10.99 -16.28 10.17
N LEU A 230 11.94 -16.51 9.27
CA LEU A 230 11.95 -15.73 8.03
C LEU A 230 10.69 -15.93 7.19
N PRO A 231 10.17 -17.15 6.99
CA PRO A 231 8.89 -17.26 6.29
C PRO A 231 7.75 -16.55 6.99
N ILE A 232 7.80 -16.45 8.32
CA ILE A 232 6.72 -15.77 9.05
C ILE A 232 6.79 -14.27 8.82
N ALA A 233 7.99 -13.70 8.86
CA ALA A 233 8.14 -12.26 8.64
C ALA A 233 7.74 -11.87 7.22
N VAL A 234 7.91 -12.78 6.26
CA VAL A 234 7.55 -12.47 4.88
C VAL A 234 6.04 -12.56 4.69
N ALA A 235 5.42 -13.64 5.14
CA ALA A 235 3.98 -13.79 4.98
C ALA A 235 3.19 -12.93 5.96
N GLU A 236 3.82 -12.47 7.03
CA GLU A 236 3.16 -11.66 8.04
C GLU A 236 4.10 -10.51 8.40
N PRO A 237 4.03 -9.39 7.66
CA PRO A 237 4.99 -8.31 7.88
C PRO A 237 4.93 -7.70 9.27
N HIS A 238 3.76 -7.70 9.90
CA HIS A 238 3.59 -7.08 11.21
C HIS A 238 3.63 -8.09 12.36
N ASN A 239 4.19 -9.27 12.12
CA ASN A 239 4.37 -10.25 13.19
C ASN A 239 5.51 -9.81 14.09
N GLU A 240 5.18 -9.43 15.32
CA GLU A 240 6.18 -8.82 16.20
C GLU A 240 7.27 -9.81 16.59
N GLU A 241 6.90 -11.04 16.94
CA GLU A 241 7.90 -12.02 17.35
C GLU A 241 8.82 -12.38 16.18
N ALA A 242 8.24 -12.65 15.01
CA ALA A 242 9.06 -12.98 13.85
C ALA A 242 10.00 -11.84 13.48
N ARG A 243 9.52 -10.60 13.59
CA ARG A 243 10.38 -9.45 13.33
C ARG A 243 11.50 -9.37 14.36
N GLU A 244 11.18 -9.53 15.64
CA GLU A 244 12.21 -9.45 16.67
C GLU A 244 13.22 -10.59 16.53
N LYS A 245 12.74 -11.81 16.27
CA LYS A 245 13.66 -12.93 16.10
C LYS A 245 14.55 -12.76 14.88
N MET A 246 14.06 -12.08 13.84
CA MET A 246 14.91 -11.76 12.69
C MET A 246 15.90 -10.64 13.01
N CYS A 247 15.52 -9.69 13.85
CA CYS A 247 16.46 -8.67 14.31
C CYS A 247 17.53 -9.26 15.21
N GLU A 248 17.17 -10.24 16.04
CA GLU A 248 18.15 -10.90 16.90
C GLU A 248 19.18 -11.64 16.07
N ALA A 249 18.74 -12.40 15.08
CA ALA A 249 19.68 -13.16 14.26
C ALA A 249 20.54 -12.25 13.39
N SER A 250 20.01 -11.08 13.01
CA SER A 250 20.76 -10.21 12.11
C SER A 250 21.96 -9.59 12.80
N VAL A 251 21.81 -9.19 14.07
CA VAL A 251 22.95 -8.59 14.77
C VAL A 251 23.92 -9.66 15.25
N ILE A 252 23.42 -10.85 15.59
CA ILE A 252 24.30 -11.93 16.03
C ILE A 252 25.10 -12.47 14.85
N ALA A 253 24.49 -12.51 13.66
CA ALA A 253 25.23 -12.90 12.46
C ALA A 253 26.22 -11.83 12.02
N GLY A 254 26.02 -10.58 12.46
CA GLY A 254 27.00 -9.55 12.16
C GLY A 254 28.33 -9.81 12.83
N LEU A 255 28.30 -10.25 14.09
CA LEU A 255 29.52 -10.61 14.79
C LEU A 255 30.15 -11.89 14.24
N ALA A 256 29.37 -12.71 13.53
CA ALA A 256 29.82 -13.99 13.02
C ALA A 256 30.63 -13.88 11.74
N PHE A 257 30.42 -12.84 10.92
CA PHE A 257 31.12 -12.70 9.65
C PHE A 257 32.06 -11.51 9.58
N THR A 258 32.08 -10.63 10.60
CA THR A 258 32.96 -9.47 10.55
C THR A 258 34.42 -9.87 10.68
N LEU A 259 34.72 -10.92 11.45
CA LEU A 259 36.10 -11.36 11.65
C LEU A 259 36.46 -12.52 10.73
N PRO A 260 35.66 -13.59 10.63
CA PRO A 260 36.03 -14.67 9.69
C PRO A 260 35.80 -14.33 8.21
N LYS A 261 35.15 -13.20 7.90
CA LYS A 261 34.90 -12.75 6.53
C LYS A 261 33.98 -13.70 5.78
N THR A 262 33.58 -13.31 4.58
CA THR A 262 32.67 -14.09 3.75
C THR A 262 33.44 -14.93 2.75
N THR A 263 32.73 -15.87 2.12
CA THR A 263 33.37 -16.90 1.34
C THR A 263 32.88 -16.77 -0.11
N SER A 264 32.31 -17.81 -0.69
CA SER A 264 32.07 -17.88 -2.14
C SER A 264 30.78 -17.22 -2.57
N SER A 265 29.68 -17.44 -1.84
CA SER A 265 28.40 -16.88 -2.22
C SER A 265 28.43 -15.35 -2.22
N HIS A 266 29.29 -14.75 -1.39
CA HIS A 266 29.48 -13.31 -1.47
C HIS A 266 30.39 -12.92 -2.62
N ALA A 267 31.38 -13.75 -2.94
CA ALA A 267 32.26 -13.45 -4.07
C ALA A 267 31.51 -13.59 -5.40
N CYS A 268 30.53 -14.49 -5.47
CA CYS A 268 29.71 -14.63 -6.67
C CYS A 268 28.54 -13.65 -6.71
N SER A 269 28.18 -13.05 -5.58
CA SER A 269 27.03 -12.14 -5.56
C SER A 269 27.38 -10.76 -6.12
N PHE A 270 28.64 -10.35 -6.02
CA PHE A 270 29.03 -9.02 -6.50
C PHE A 270 28.81 -8.84 -8.00
N PRO A 271 29.19 -9.77 -8.87
CA PRO A 271 28.83 -9.61 -10.30
C PRO A 271 27.36 -9.82 -10.58
N LEU A 272 26.66 -10.58 -9.73
CA LEU A 272 25.23 -10.78 -9.94
C LEU A 272 24.42 -9.53 -9.63
N THR A 273 24.98 -8.60 -8.87
CA THR A 273 24.27 -7.38 -8.49
C THR A 273 24.64 -6.19 -9.37
N ASN A 274 25.94 -5.94 -9.56
CA ASN A 274 26.35 -4.76 -10.32
C ASN A 274 26.06 -4.89 -11.80
N ILE A 275 25.94 -6.11 -12.33
CA ILE A 275 25.71 -6.33 -13.75
C ILE A 275 24.26 -6.70 -14.04
N HIS A 276 23.63 -7.48 -13.16
CA HIS A 276 22.29 -7.98 -13.41
C HIS A 276 21.25 -7.44 -12.45
N GLY A 277 21.63 -6.56 -11.52
CA GLY A 277 20.65 -5.91 -10.67
C GLY A 277 19.98 -6.79 -9.66
N ILE A 278 20.47 -8.00 -9.44
CA ILE A 278 19.88 -8.88 -8.41
C ILE A 278 20.29 -8.35 -7.03
N PRO A 279 19.36 -8.23 -6.08
CA PRO A 279 19.73 -7.74 -4.75
C PRO A 279 20.81 -8.58 -4.09
N HIS A 280 21.51 -7.96 -3.14
CA HIS A 280 22.66 -8.60 -2.51
C HIS A 280 22.26 -9.89 -1.80
N GLY A 281 21.27 -9.81 -0.91
CA GLY A 281 20.84 -11.00 -0.19
C GLY A 281 20.29 -12.08 -1.10
N GLU A 282 19.62 -11.69 -2.18
CA GLU A 282 19.12 -12.67 -3.13
C GLU A 282 20.26 -13.25 -3.99
N ALA A 283 21.25 -12.43 -4.33
CA ALA A 283 22.39 -12.92 -5.09
C ALA A 283 23.27 -13.83 -4.24
N CYS A 284 23.38 -13.55 -2.93
CA CYS A 284 24.13 -14.44 -2.05
C CYS A 284 23.42 -15.77 -1.88
N GLY A 285 22.11 -15.73 -1.62
CA GLY A 285 21.34 -16.95 -1.47
C GLY A 285 21.15 -17.75 -2.74
N LEU A 286 21.42 -17.16 -3.90
CA LEU A 286 21.28 -17.88 -5.15
C LEU A 286 22.28 -19.03 -5.26
N THR A 287 23.46 -18.87 -4.69
CA THR A 287 24.49 -19.90 -4.72
C THR A 287 24.80 -20.49 -3.36
N LEU A 288 24.08 -20.07 -2.30
CA LEU A 288 24.40 -20.52 -0.95
C LEU A 288 24.24 -22.03 -0.82
N ASP A 289 23.14 -22.58 -1.32
CA ASP A 289 22.91 -24.02 -1.23
C ASP A 289 23.76 -24.82 -2.20
N TYR A 290 24.24 -24.21 -3.27
CA TYR A 290 25.10 -24.93 -4.20
C TYR A 290 26.47 -25.19 -3.59
N PHE A 291 27.07 -24.17 -2.98
CA PHE A 291 28.34 -24.35 -2.29
C PHE A 291 28.22 -25.20 -1.04
N ALA A 292 27.04 -25.30 -0.46
CA ALA A 292 26.86 -26.17 0.70
C ALA A 292 27.04 -27.64 0.31
N ARG A 293 26.54 -28.03 -0.86
CA ARG A 293 26.73 -29.40 -1.33
C ARG A 293 28.18 -29.70 -1.67
N ILE A 294 29.00 -28.68 -1.85
CA ILE A 294 30.42 -28.86 -2.11
C ILE A 294 31.22 -28.91 -0.82
N ASN A 295 30.86 -28.11 0.16
CA ASN A 295 31.60 -27.99 1.41
C ASN A 295 31.07 -28.91 2.51
N LYS A 296 30.23 -29.88 2.17
CA LYS A 296 29.59 -30.69 3.22
C LYS A 296 30.61 -31.56 3.95
N ASP A 297 31.49 -32.23 3.22
CA ASP A 297 32.50 -33.10 3.81
C ASP A 297 33.83 -32.39 4.04
N ALA A 298 33.84 -31.07 4.00
CA ALA A 298 35.07 -30.30 4.17
C ALA A 298 35.32 -29.98 5.65
N GLN A 299 36.58 -29.62 5.94
CA GLN A 299 37.01 -29.27 7.29
C GLN A 299 36.75 -30.40 8.28
N HIS A 300 36.93 -31.64 7.82
CA HIS A 300 36.84 -32.83 8.65
C HIS A 300 35.49 -32.89 9.39
N GLY A 301 34.43 -32.96 8.59
CA GLY A 301 33.10 -33.10 9.15
C GLY A 301 32.62 -31.93 9.97
N ARG A 302 33.24 -30.76 9.80
CA ARG A 302 32.87 -29.61 10.61
C ARG A 302 31.53 -29.03 10.15
N VAL A 303 31.30 -28.96 8.83
CA VAL A 303 30.03 -28.46 8.34
C VAL A 303 28.93 -29.48 8.59
N GLN A 304 29.27 -30.76 8.69
CA GLN A 304 28.26 -31.77 9.04
C GLN A 304 27.78 -31.57 10.47
N GLU A 305 28.71 -31.33 11.41
CA GLU A 305 28.31 -31.05 12.78
C GLU A 305 27.51 -29.76 12.88
N PHE A 306 27.74 -28.81 11.97
CA PHE A 306 26.97 -27.57 11.98
C PHE A 306 25.52 -27.83 11.58
N ALA A 307 25.30 -28.64 10.55
CA ALA A 307 23.93 -28.92 10.11
C ALA A 307 23.16 -29.69 11.17
N ARG A 308 23.83 -30.63 11.85
CA ARG A 308 23.17 -31.38 12.92
C ARG A 308 22.93 -30.52 14.15
N GLY A 309 23.80 -29.52 14.38
CA GLY A 309 23.62 -28.64 15.52
C GLY A 309 22.37 -27.78 15.42
N ILE A 310 21.96 -27.42 14.20
CA ILE A 310 20.78 -26.59 13.99
C ILE A 310 19.54 -27.41 13.67
N GLY A 311 19.67 -28.73 13.54
CA GLY A 311 18.52 -29.60 13.39
C GLY A 311 18.33 -30.18 12.00
N PHE A 312 19.37 -30.79 11.45
CA PHE A 312 19.29 -31.47 10.16
C PHE A 312 20.11 -32.75 10.22
N LYS A 313 19.68 -33.75 9.44
CA LYS A 313 20.39 -35.02 9.41
C LYS A 313 21.81 -34.85 8.84
N ASP A 314 22.00 -33.91 7.94
CA ASP A 314 23.30 -33.64 7.33
C ASP A 314 23.19 -32.31 6.59
N VAL A 315 24.24 -31.97 5.84
CA VAL A 315 24.20 -30.75 5.04
C VAL A 315 23.18 -30.89 3.90
N ASP A 316 23.03 -32.09 3.36
CA ASP A 316 22.07 -32.31 2.28
C ASP A 316 20.66 -32.02 2.75
N ALA A 317 20.32 -32.38 3.98
CA ALA A 317 19.02 -32.00 4.53
C ALA A 317 18.93 -30.51 4.77
N MET A 318 20.05 -29.86 5.09
CA MET A 318 20.06 -28.41 5.24
C MET A 318 19.98 -27.71 3.89
N ALA A 319 20.64 -28.27 2.87
CA ALA A 319 20.58 -27.68 1.54
C ALA A 319 19.15 -27.69 1.00
N ASP A 320 18.41 -28.78 1.26
CA ASP A 320 17.00 -28.81 0.86
C ASP A 320 16.19 -27.77 1.61
N ALA A 321 16.53 -27.51 2.88
CA ALA A 321 15.84 -26.49 3.64
C ALA A 321 16.12 -25.10 3.09
N ILE A 322 17.35 -24.86 2.62
CA ILE A 322 17.66 -23.57 2.00
C ILE A 322 16.84 -23.39 0.73
N HIS A 323 16.72 -24.44 -0.09
CA HIS A 323 15.97 -24.34 -1.33
C HIS A 323 14.49 -24.08 -1.06
N ASP A 324 13.88 -24.86 -0.17
CA ASP A 324 12.48 -24.66 0.14
C ASP A 324 12.23 -23.31 0.80
N LEU A 325 13.23 -22.78 1.50
CA LEU A 325 13.07 -21.45 2.10
C LEU A 325 12.95 -20.38 1.02
N LYS A 326 13.80 -20.43 0.01
CA LYS A 326 13.78 -19.43 -1.05
C LYS A 326 12.50 -19.51 -1.87
N VAL A 327 11.97 -20.71 -2.08
CA VAL A 327 10.74 -20.85 -2.85
C VAL A 327 9.56 -20.30 -2.07
N ARG A 328 9.55 -20.49 -0.75
CA ARG A 328 8.45 -20.02 0.06
C ARG A 328 8.44 -18.50 0.17
N ILE A 329 9.61 -17.87 0.19
CA ILE A 329 9.70 -16.42 0.30
C ILE A 329 9.90 -15.74 -1.04
N GLY A 330 10.02 -16.50 -2.13
CA GLY A 330 10.08 -15.94 -3.45
C GLY A 330 11.44 -15.38 -3.86
N MET A 331 12.50 -16.14 -3.63
CA MET A 331 13.84 -15.75 -4.03
C MET A 331 14.29 -16.59 -5.23
N ARG A 332 15.28 -16.06 -5.93
CA ARG A 332 15.75 -16.68 -7.17
C ARG A 332 16.32 -18.07 -6.90
N THR A 333 15.92 -19.04 -7.72
CA THR A 333 16.52 -20.37 -7.70
C THR A 333 17.37 -20.65 -8.94
N GLY A 334 17.29 -19.80 -9.95
CA GLY A 334 18.08 -19.98 -11.15
C GLY A 334 18.16 -18.69 -11.93
N LEU A 335 18.80 -18.77 -13.10
CA LEU A 335 18.99 -17.62 -13.98
C LEU A 335 18.56 -17.94 -15.40
N LYS A 336 17.51 -18.76 -15.57
CA LYS A 336 17.09 -19.11 -16.93
C LYS A 336 16.37 -17.95 -17.60
N ASP A 337 15.60 -17.16 -16.83
CA ASP A 337 14.90 -16.03 -17.41
C ASP A 337 15.83 -14.97 -17.96
N LEU A 338 17.11 -14.99 -17.56
CA LEU A 338 18.06 -13.99 -18.05
C LEU A 338 18.52 -14.26 -19.47
N ASN A 339 18.36 -15.49 -19.96
CA ASN A 339 18.77 -15.86 -21.31
C ASN A 339 20.23 -15.47 -21.57
N LEU A 340 21.09 -15.84 -20.63
CA LEU A 340 22.49 -15.43 -20.67
C LEU A 340 23.20 -16.08 -21.85
N THR A 341 24.08 -15.32 -22.47
CA THR A 341 24.91 -15.80 -23.57
C THR A 341 26.18 -16.45 -23.03
N GLU A 342 26.89 -17.15 -23.92
CA GLU A 342 28.15 -17.76 -23.51
C GLU A 342 29.16 -16.72 -23.08
N GLU A 343 29.07 -15.51 -23.63
CA GLU A 343 29.96 -14.43 -23.18
C GLU A 343 29.63 -13.99 -21.77
N GLN A 344 28.33 -13.88 -21.44
CA GLN A 344 27.92 -13.42 -20.13
C GLN A 344 28.27 -14.43 -19.05
N ILE A 345 28.07 -15.72 -19.33
CA ILE A 345 28.43 -16.74 -18.35
C ILE A 345 29.93 -16.71 -18.09
N ALA A 346 30.73 -16.52 -19.15
CA ALA A 346 32.17 -16.42 -18.95
C ALA A 346 32.56 -15.09 -18.31
N ASP A 347 31.71 -14.06 -18.44
CA ASP A 347 31.96 -12.81 -17.73
C ASP A 347 31.70 -12.96 -16.24
N LEU A 348 30.73 -13.78 -15.85
CA LEU A 348 30.49 -14.03 -14.43
C LEU A 348 31.63 -14.84 -13.81
N VAL A 349 32.25 -15.72 -14.59
CA VAL A 349 33.36 -16.52 -14.07
C VAL A 349 34.55 -15.63 -13.73
N ARG A 350 34.89 -14.68 -14.62
CA ARG A 350 36.04 -13.82 -14.37
C ARG A 350 35.84 -12.96 -13.13
N ILE A 351 34.69 -12.30 -13.03
CA ILE A 351 34.46 -11.36 -11.94
C ILE A 351 34.21 -12.07 -10.61
N SER A 352 33.76 -13.33 -10.64
CA SER A 352 33.51 -14.06 -9.40
C SER A 352 34.79 -14.43 -8.69
N ARG A 353 35.93 -14.43 -9.38
CA ARG A 353 37.22 -14.74 -8.76
C ARG A 353 37.68 -13.50 -7.99
N HIS A 354 37.05 -13.30 -6.83
CA HIS A 354 37.22 -12.27 -5.83
C HIS A 354 38.05 -12.81 -4.66
N PRO A 355 38.79 -11.95 -3.96
CA PRO A 355 39.57 -12.41 -2.80
C PRO A 355 38.76 -13.18 -1.78
N ASN A 356 37.46 -12.87 -1.62
CA ASN A 356 36.64 -13.60 -0.67
C ASN A 356 36.37 -15.03 -1.12
N LEU A 357 36.57 -15.34 -2.41
CA LEU A 357 36.34 -16.69 -2.89
C LEU A 357 37.32 -17.69 -2.29
N TYR A 358 38.55 -17.26 -2.04
CA TYR A 358 39.57 -18.16 -1.52
C TYR A 358 39.32 -18.57 -0.07
N ASN A 359 38.38 -17.92 0.62
CA ASN A 359 38.06 -18.30 1.99
C ASN A 359 37.24 -19.58 2.06
N ASN A 360 36.77 -20.10 0.94
CA ASN A 360 35.98 -21.32 0.96
C ASN A 360 36.87 -22.51 1.32
N PRO A 361 36.38 -23.46 2.10
CA PRO A 361 37.21 -24.63 2.44
C PRO A 361 37.61 -25.44 1.20
N VAL A 362 36.63 -25.86 0.41
CA VAL A 362 36.92 -26.54 -0.85
C VAL A 362 37.32 -25.50 -1.89
N GLU A 363 38.36 -25.81 -2.67
CA GLU A 363 38.84 -24.88 -3.68
C GLU A 363 37.82 -24.72 -4.80
N ILE A 364 37.48 -23.48 -5.11
CA ILE A 364 36.51 -23.16 -6.16
C ILE A 364 37.33 -22.85 -7.41
N THR A 365 37.52 -23.86 -8.26
CA THR A 365 38.26 -23.68 -9.49
C THR A 365 37.42 -22.94 -10.52
N ASP A 366 38.09 -22.41 -11.54
CA ASP A 366 37.36 -21.73 -12.62
C ASP A 366 36.47 -22.69 -13.38
N ASP A 367 36.80 -23.98 -13.39
CA ASP A 367 35.94 -24.96 -14.05
C ASP A 367 34.67 -25.23 -13.25
N MET A 368 34.77 -25.15 -11.92
CA MET A 368 33.57 -25.32 -11.10
C MET A 368 32.65 -24.12 -11.22
N LEU A 369 33.20 -22.92 -11.34
CA LEU A 369 32.39 -21.74 -11.59
C LEU A 369 31.70 -21.82 -12.94
N ASP A 370 32.44 -22.22 -13.98
CA ASP A 370 31.84 -22.40 -15.30
C ASP A 370 30.76 -23.48 -15.26
N THR A 371 30.95 -24.51 -14.45
CA THR A 371 29.95 -25.56 -14.33
C THR A 371 28.72 -25.07 -13.56
N MET A 372 28.95 -24.31 -12.47
CA MET A 372 27.83 -23.82 -11.66
C MET A 372 27.01 -22.80 -12.44
N TYR A 373 27.67 -21.83 -13.08
CA TYR A 373 26.96 -20.79 -13.80
C TYR A 373 26.16 -21.36 -14.97
N HIS A 374 26.72 -22.35 -15.68
CA HIS A 374 25.96 -23.01 -16.72
C HIS A 374 24.77 -23.77 -16.16
N TYR A 375 24.87 -24.25 -14.93
CA TYR A 375 23.74 -24.93 -14.30
C TYR A 375 22.65 -23.95 -13.93
N LEU A 376 23.02 -22.80 -13.35
CA LEU A 376 22.03 -21.80 -12.98
C LEU A 376 21.37 -21.19 -14.21
N ALA A 377 22.09 -21.13 -15.33
CA ALA A 377 21.52 -20.57 -16.56
C ALA A 377 20.41 -21.46 -17.11
N SER A 378 20.32 -22.71 -16.66
CA SER A 378 19.31 -23.65 -17.12
C SER A 378 18.26 -23.95 -16.06
N THR A 379 18.29 -23.25 -14.94
CA THR A 379 17.39 -23.50 -13.82
C THR A 379 16.41 -22.35 -13.67
N ASP A 380 15.14 -22.68 -13.42
CA ASP A 380 14.11 -21.68 -13.19
C ASP A 380 14.29 -21.05 -11.82
N GLY B 5 -18.14 11.97 -37.96
CA GLY B 5 -16.99 12.85 -38.12
C GLY B 5 -15.78 12.43 -37.30
N MET B 6 -14.60 12.49 -37.92
CA MET B 6 -13.35 12.13 -37.27
C MET B 6 -12.42 13.33 -37.28
N LEU B 7 -12.05 13.80 -36.10
CA LEU B 7 -11.11 14.90 -35.95
C LEU B 7 -9.80 14.39 -35.36
N TRP B 8 -8.69 14.88 -35.88
CA TRP B 8 -7.37 14.48 -35.39
C TRP B 8 -6.32 15.43 -35.94
N ASP B 9 -5.22 15.56 -35.19
CA ASP B 9 -4.07 16.36 -35.60
C ASP B 9 -2.84 15.48 -35.68
N TYR B 10 -1.93 15.84 -36.57
CA TYR B 10 -0.69 15.08 -36.76
C TYR B 10 0.47 16.05 -36.92
N ALA B 11 1.46 15.92 -36.06
CA ALA B 11 2.68 16.74 -36.12
C ALA B 11 3.86 15.86 -35.74
N GLN B 12 4.80 15.71 -36.67
CA GLN B 12 5.98 14.87 -36.46
C GLN B 12 7.18 15.56 -37.09
N PRO B 13 7.84 16.46 -36.36
CA PRO B 13 8.88 17.30 -36.97
C PRO B 13 10.29 16.78 -36.77
N VAL B 14 10.46 15.47 -36.60
CA VAL B 14 11.76 14.87 -36.35
C VAL B 14 12.23 14.17 -37.61
N THR B 15 13.34 14.64 -38.17
CA THR B 15 13.95 13.96 -39.30
C THR B 15 14.60 12.67 -38.83
N ILE B 16 14.46 11.60 -39.62
CA ILE B 16 14.91 10.27 -39.25
C ILE B 16 15.90 9.78 -40.30
N ARG B 17 17.08 9.38 -39.86
CA ARG B 17 18.07 8.74 -40.71
C ARG B 17 18.25 7.31 -40.21
N PHE B 18 17.90 6.34 -41.06
CA PHE B 18 17.92 4.93 -40.70
C PHE B 18 18.94 4.19 -41.56
N GLY B 19 19.69 3.31 -40.94
CA GLY B 19 20.66 2.50 -41.66
C GLY B 19 21.86 2.16 -40.78
N LYS B 20 22.42 0.97 -41.02
CA LYS B 20 23.59 0.54 -40.29
C LYS B 20 24.79 1.39 -40.67
N GLY B 21 25.57 1.78 -39.67
CA GLY B 21 26.75 2.58 -39.91
C GLY B 21 26.50 4.03 -40.22
N ARG B 22 25.31 4.55 -39.92
CA ARG B 22 24.98 5.94 -40.17
C ARG B 22 25.20 6.83 -38.96
N ALA B 23 25.69 6.28 -37.84
CA ALA B 23 26.04 7.12 -36.69
C ALA B 23 27.25 8.00 -36.98
N MET B 24 28.03 7.67 -38.01
CA MET B 24 29.17 8.48 -38.43
C MET B 24 28.76 9.74 -39.16
N GLU B 25 27.46 9.94 -39.42
CA GLU B 25 26.97 11.09 -40.14
C GLU B 25 26.66 12.27 -39.22
N ILE B 26 27.18 12.26 -37.99
CA ILE B 26 27.00 13.40 -37.11
C ILE B 26 27.77 14.60 -37.64
N LYS B 27 28.91 14.38 -38.28
CA LYS B 27 29.66 15.48 -38.88
C LYS B 27 28.89 16.13 -40.02
N ASP B 28 28.02 15.38 -40.68
CA ASP B 28 27.23 15.93 -41.77
C ASP B 28 26.09 16.83 -41.29
N ILE B 29 25.62 16.62 -40.06
CA ILE B 29 24.54 17.45 -39.51
C ILE B 29 25.09 18.70 -38.85
N ALA B 30 26.24 18.61 -38.19
CA ALA B 30 26.82 19.79 -37.55
C ALA B 30 27.37 20.76 -38.57
N GLU B 31 27.76 20.29 -39.75
CA GLU B 31 28.23 21.18 -40.80
C GLU B 31 27.07 21.83 -41.54
N ALA B 32 26.01 21.07 -41.82
CA ALA B 32 24.85 21.63 -42.52
C ALA B 32 24.12 22.63 -41.64
N MET B 33 23.93 22.31 -40.36
CA MET B 33 23.28 23.24 -39.44
C MET B 33 24.21 24.34 -38.95
N GLY B 34 25.51 24.23 -39.22
CA GLY B 34 26.45 25.24 -38.78
C GLY B 34 26.55 25.33 -37.26
N LEU B 35 26.79 24.20 -36.62
CA LEU B 35 26.89 24.13 -35.17
C LEU B 35 28.18 23.43 -34.78
N HIS B 36 28.91 24.03 -33.84
CA HIS B 36 30.17 23.49 -33.36
C HIS B 36 30.10 23.35 -31.84
N ASP B 37 31.13 22.69 -31.28
CA ASP B 37 31.23 22.48 -29.84
C ASP B 37 29.98 21.84 -29.27
N GLY B 38 29.86 20.51 -29.42
CA GLY B 38 28.70 19.81 -28.92
C GLY B 38 28.97 18.98 -27.68
N ILE B 39 27.91 18.63 -26.95
CA ILE B 39 28.01 17.80 -25.75
C ILE B 39 27.23 16.52 -26.00
N MET B 40 27.87 15.38 -25.75
CA MET B 40 27.26 14.08 -25.97
C MET B 40 26.85 13.49 -24.64
N VAL B 41 25.54 13.37 -24.41
CA VAL B 41 25.00 12.76 -23.19
C VAL B 41 24.85 11.27 -23.47
N THR B 42 25.76 10.48 -22.92
CA THR B 42 25.76 9.04 -23.13
C THR B 42 26.07 8.34 -21.82
N PRO B 43 25.50 7.14 -21.60
CA PRO B 43 25.86 6.38 -20.40
C PRO B 43 27.33 5.98 -20.43
N LYS B 44 27.88 5.75 -19.23
CA LYS B 44 29.31 5.46 -19.11
C LYS B 44 29.72 4.19 -19.84
N PHE B 45 28.77 3.31 -20.17
CA PHE B 45 29.10 2.08 -20.89
C PHE B 45 29.79 2.38 -22.23
N PHE B 46 29.27 3.36 -22.97
CA PHE B 46 29.85 3.68 -24.27
C PHE B 46 31.18 4.43 -24.14
N VAL B 47 31.44 5.05 -22.98
CA VAL B 47 32.73 5.69 -22.76
C VAL B 47 33.82 4.65 -22.56
N ASP B 48 33.56 3.65 -21.71
CA ASP B 48 34.55 2.61 -21.46
C ASP B 48 34.73 1.67 -22.64
N SER B 49 33.73 1.57 -23.52
CA SER B 49 33.78 0.66 -24.65
C SER B 49 34.42 1.28 -25.89
N GLY B 50 34.75 2.57 -25.85
CA GLY B 50 35.34 3.23 -26.99
C GLY B 50 34.38 3.62 -28.09
N GLU B 51 33.12 3.19 -28.01
CA GLU B 51 32.14 3.56 -29.02
C GLU B 51 31.85 5.06 -28.99
N ALA B 52 31.89 5.68 -27.80
CA ALA B 52 31.63 7.10 -27.70
C ALA B 52 32.76 7.92 -28.33
N GLN B 53 34.01 7.54 -28.05
CA GLN B 53 35.14 8.26 -28.63
C GLN B 53 35.28 8.02 -30.12
N ARG B 54 34.73 6.92 -30.64
CA ARG B 54 34.80 6.64 -32.07
C ARG B 54 33.98 7.63 -32.87
N LEU B 55 32.78 7.96 -32.39
CA LEU B 55 31.91 8.90 -33.09
C LEU B 55 32.39 10.35 -32.90
N ILE B 56 32.97 10.66 -31.74
CA ILE B 56 33.48 12.01 -31.51
C ILE B 56 34.64 12.30 -32.45
N ASP B 57 35.52 11.32 -32.66
CA ASP B 57 36.61 11.50 -33.61
C ASP B 57 36.11 11.54 -35.05
N ALA B 58 35.00 10.84 -35.34
CA ALA B 58 34.44 10.89 -36.69
C ALA B 58 33.77 12.23 -36.96
N SER B 59 33.19 12.87 -35.94
CA SER B 59 32.55 14.16 -36.13
C SER B 59 33.53 15.26 -36.47
N ASP B 60 34.84 15.03 -36.27
CA ASP B 60 35.90 15.97 -36.60
C ASP B 60 35.70 17.30 -35.86
N GLY B 61 35.89 17.22 -34.54
CA GLY B 61 35.82 18.39 -33.70
C GLY B 61 34.45 18.99 -33.51
N ALA B 62 33.40 18.39 -34.06
CA ALA B 62 32.05 18.92 -33.85
C ALA B 62 31.62 18.75 -32.39
N VAL B 63 31.91 17.60 -31.80
CA VAL B 63 31.61 17.33 -30.40
C VAL B 63 32.89 17.50 -29.59
N SER B 64 32.81 18.25 -28.49
CA SER B 64 33.96 18.55 -27.65
C SER B 64 33.88 17.92 -26.27
N THR B 65 32.79 18.15 -25.55
CA THR B 65 32.64 17.66 -24.18
C THR B 65 31.70 16.46 -24.13
N VAL B 66 31.81 15.70 -23.04
CA VAL B 66 31.01 14.50 -22.81
C VAL B 66 30.43 14.56 -21.40
N PHE B 67 29.17 14.16 -21.27
CA PHE B 67 28.49 14.12 -19.98
C PHE B 67 27.92 12.73 -19.78
N THR B 68 28.35 12.05 -18.70
CA THR B 68 27.94 10.68 -18.45
C THR B 68 27.37 10.46 -17.05
N ASP B 69 27.14 11.53 -16.28
CA ASP B 69 26.69 11.42 -14.88
C ASP B 69 25.17 11.52 -14.83
N PHE B 70 24.50 10.38 -15.03
CA PHE B 70 23.04 10.31 -14.92
C PHE B 70 22.63 8.86 -14.73
N SER B 71 21.48 8.67 -14.07
CA SER B 71 20.97 7.36 -13.68
C SER B 71 20.02 6.80 -14.72
N PRO B 72 19.79 5.49 -14.72
CA PRO B 72 18.73 4.94 -15.59
C PRO B 72 17.36 5.55 -15.30
N ASN B 73 17.06 5.82 -14.02
CA ASN B 73 15.91 6.63 -13.66
C ASN B 73 16.40 8.05 -13.39
N PRO B 74 16.39 8.92 -14.39
CA PRO B 74 17.10 10.19 -14.27
C PRO B 74 16.44 11.14 -13.28
N ASP B 75 17.28 11.87 -12.55
CA ASP B 75 16.83 12.82 -11.55
C ASP B 75 16.89 14.24 -12.10
N VAL B 76 16.17 15.14 -11.42
CA VAL B 76 16.19 16.54 -11.80
C VAL B 76 17.55 17.18 -11.51
N THR B 77 18.36 16.56 -10.66
CA THR B 77 19.67 17.13 -10.33
C THR B 77 20.69 16.85 -11.43
N GLU B 78 20.60 15.67 -12.07
CA GLU B 78 21.50 15.37 -13.18
C GLU B 78 21.19 16.23 -14.40
N VAL B 79 19.94 16.69 -14.53
CA VAL B 79 19.60 17.59 -15.63
C VAL B 79 20.29 18.94 -15.45
N ASP B 80 20.17 19.53 -14.26
CA ASP B 80 20.86 20.79 -14.00
C ASP B 80 22.36 20.63 -13.99
N ALA B 81 22.85 19.45 -13.58
CA ALA B 81 24.29 19.18 -13.66
C ALA B 81 24.73 19.15 -15.12
N CYS B 82 23.94 18.54 -16.00
CA CYS B 82 24.25 18.57 -17.42
C CYS B 82 24.07 19.97 -17.99
N ALA B 83 23.14 20.74 -17.46
CA ALA B 83 22.94 22.11 -17.93
C ALA B 83 24.12 23.00 -17.56
N GLU B 84 24.75 22.75 -16.41
CA GLU B 84 25.91 23.54 -16.01
C GLU B 84 27.10 23.26 -16.91
N ILE B 85 27.26 22.00 -17.34
CA ILE B 85 28.35 21.67 -18.26
C ILE B 85 28.16 22.37 -19.59
N ILE B 86 26.91 22.45 -20.06
CA ILE B 86 26.64 23.15 -21.31
C ILE B 86 26.90 24.65 -21.17
N ARG B 87 26.58 25.20 -19.98
CA ARG B 87 26.80 26.62 -19.75
C ARG B 87 28.28 26.97 -19.71
N LYS B 88 29.12 26.05 -19.24
CA LYS B 88 30.55 26.32 -19.12
C LYS B 88 31.25 26.24 -20.47
N ASN B 89 31.13 25.10 -21.15
CA ASN B 89 31.84 24.87 -22.41
C ASN B 89 31.21 25.59 -23.59
N HIS B 90 30.11 26.32 -23.40
CA HIS B 90 29.41 27.02 -24.46
C HIS B 90 29.04 26.07 -25.61
N CYS B 91 28.26 25.05 -25.25
CA CYS B 91 27.83 24.06 -26.23
C CYS B 91 26.67 24.59 -27.05
N GLU B 92 26.69 24.31 -28.35
CA GLU B 92 25.66 24.79 -29.25
C GLU B 92 24.58 23.75 -29.53
N PHE B 93 24.94 22.47 -29.60
CA PHE B 93 23.97 21.40 -29.79
C PHE B 93 24.23 20.28 -28.79
N VAL B 94 23.26 19.37 -28.68
CA VAL B 94 23.29 18.29 -27.71
C VAL B 94 23.07 16.97 -28.44
N VAL B 95 23.97 16.02 -28.22
CA VAL B 95 23.88 14.68 -28.81
C VAL B 95 23.39 13.72 -27.74
N ALA B 96 22.35 12.97 -28.06
CA ALA B 96 21.73 12.03 -27.13
C ALA B 96 21.96 10.60 -27.66
N MET B 97 23.05 9.98 -27.22
CA MET B 97 23.39 8.62 -27.63
C MET B 97 23.18 7.69 -26.45
N GLY B 98 21.99 7.12 -26.37
CA GLY B 98 21.68 6.20 -25.30
C GLY B 98 20.25 5.70 -25.42
N GLY B 99 19.79 5.05 -24.36
CA GLY B 99 18.42 4.59 -24.29
C GLY B 99 17.48 5.73 -23.92
N GLY B 100 16.30 5.34 -23.41
CA GLY B 100 15.31 6.33 -23.03
C GLY B 100 15.72 7.22 -21.88
N SER B 101 16.78 6.88 -21.17
CA SER B 101 17.25 7.68 -20.04
C SER B 101 18.23 8.76 -20.47
N ALA B 102 19.19 8.42 -21.33
CA ALA B 102 20.12 9.43 -21.83
C ALA B 102 19.41 10.48 -22.67
N MET B 103 18.35 10.09 -23.39
CA MET B 103 17.58 11.04 -24.19
C MET B 103 16.58 11.83 -23.37
N ASP B 104 16.30 11.40 -22.13
CA ASP B 104 15.36 12.13 -21.28
C ASP B 104 15.99 13.40 -20.73
N VAL B 105 17.23 13.31 -20.24
CA VAL B 105 17.89 14.49 -19.72
C VAL B 105 18.38 15.39 -20.85
N SER B 106 18.63 14.83 -22.04
CA SER B 106 19.07 15.66 -23.16
C SER B 106 18.00 16.66 -23.57
N LYS B 107 16.73 16.22 -23.60
CA LYS B 107 15.65 17.14 -23.93
C LYS B 107 15.47 18.18 -22.84
N ALA B 108 15.62 17.79 -21.58
CA ALA B 108 15.40 18.73 -20.48
C ALA B 108 16.57 19.70 -20.33
N ALA B 109 17.80 19.22 -20.47
CA ALA B 109 18.96 20.09 -20.31
C ALA B 109 19.10 21.06 -21.46
N ALA B 110 18.72 20.66 -22.68
CA ALA B 110 18.86 21.55 -23.83
C ALA B 110 17.91 22.74 -23.75
N SER B 111 16.79 22.59 -23.05
CA SER B 111 15.85 23.69 -22.90
C SER B 111 16.11 24.50 -21.64
N ILE B 112 16.69 23.89 -20.61
CA ILE B 112 16.88 24.58 -19.34
C ILE B 112 18.24 25.28 -19.25
N CYS B 113 19.22 24.89 -20.07
CA CYS B 113 20.53 25.52 -20.01
C CYS B 113 20.52 26.96 -20.51
N LEU B 114 19.45 27.39 -21.17
CA LEU B 114 19.34 28.76 -21.64
C LEU B 114 18.70 29.69 -20.61
N THR B 115 18.37 29.18 -19.43
CA THR B 115 17.83 29.99 -18.34
C THR B 115 18.66 29.75 -17.08
N ASP B 116 18.54 30.67 -16.13
CA ASP B 116 19.18 30.53 -14.83
C ASP B 116 18.24 29.93 -13.79
N ASP B 117 17.25 29.16 -14.21
CA ASP B 117 16.29 28.51 -13.33
C ASP B 117 16.49 27.00 -13.35
N SER B 118 16.25 26.37 -12.22
CA SER B 118 16.40 24.92 -12.12
C SER B 118 15.32 24.20 -12.93
N ILE B 119 15.62 22.96 -13.31
CA ILE B 119 14.65 22.16 -14.06
C ILE B 119 13.46 21.77 -13.20
N ALA B 120 13.57 21.87 -11.88
CA ALA B 120 12.47 21.52 -11.00
C ALA B 120 11.35 22.55 -11.04
N ASP B 121 11.64 23.78 -11.47
CA ASP B 121 10.63 24.83 -11.54
C ASP B 121 9.61 24.60 -12.65
N TYR B 122 9.73 23.51 -13.41
CA TYR B 122 8.73 23.16 -14.39
C TYR B 122 8.34 21.68 -14.31
N HIS B 123 8.76 20.97 -13.26
CA HIS B 123 8.55 19.53 -13.15
C HIS B 123 7.18 19.29 -12.51
N GLY B 124 6.15 19.29 -13.35
CA GLY B 124 4.80 19.04 -12.88
C GLY B 124 4.24 20.10 -11.97
N THR B 125 4.71 21.35 -12.09
CA THR B 125 4.24 22.45 -11.27
C THR B 125 3.45 23.48 -12.08
N GLY B 126 2.91 23.08 -13.23
CA GLY B 126 2.10 23.94 -14.06
C GLY B 126 2.85 24.95 -14.89
N LYS B 127 4.11 25.22 -14.57
CA LYS B 127 4.91 26.18 -15.33
C LYS B 127 5.31 25.59 -16.67
N ALA B 128 4.99 26.31 -17.75
CA ALA B 128 5.32 25.83 -19.08
C ALA B 128 6.82 26.00 -19.34
N MET B 129 7.39 25.02 -20.04
CA MET B 129 8.81 25.08 -20.34
C MET B 129 9.08 26.12 -21.44
N PRO B 130 10.15 26.89 -21.33
CA PRO B 130 10.51 27.82 -22.42
C PRO B 130 10.85 27.06 -23.68
N GLN B 131 10.21 27.46 -24.79
CA GLN B 131 10.37 26.72 -26.04
C GLN B 131 11.76 26.88 -26.65
N LYS B 132 12.51 27.91 -26.26
CA LYS B 132 13.86 28.06 -26.77
C LYS B 132 14.74 26.94 -26.22
N HIS B 133 15.50 26.30 -27.10
CA HIS B 133 16.28 25.13 -26.73
C HIS B 133 17.41 24.94 -27.73
N LEU B 134 18.40 24.17 -27.32
CA LEU B 134 19.46 23.81 -28.24
C LEU B 134 19.01 22.66 -29.13
N PRO B 135 19.57 22.56 -30.35
CA PRO B 135 19.25 21.42 -31.20
C PRO B 135 19.68 20.11 -30.57
N ILE B 136 18.92 19.05 -30.84
CA ILE B 136 19.16 17.72 -30.29
C ILE B 136 19.30 16.74 -31.45
N ILE B 137 20.30 15.86 -31.35
CA ILE B 137 20.52 14.79 -32.32
C ILE B 137 20.44 13.48 -31.55
N ALA B 138 19.27 12.87 -31.52
CA ALA B 138 19.05 11.65 -30.75
C ALA B 138 19.64 10.44 -31.47
N LEU B 139 20.41 9.64 -30.75
CA LEU B 139 20.98 8.38 -31.25
C LEU B 139 20.56 7.26 -30.32
N PRO B 140 19.37 6.69 -30.53
CA PRO B 140 18.89 5.63 -29.63
C PRO B 140 19.77 4.39 -29.74
N THR B 141 20.04 3.78 -28.58
CA THR B 141 20.82 2.56 -28.51
C THR B 141 20.03 1.36 -27.99
N THR B 142 18.76 1.56 -27.62
CA THR B 142 17.86 0.46 -27.29
C THR B 142 16.66 0.51 -28.22
N ALA B 143 16.08 -0.66 -28.48
CA ALA B 143 14.91 -0.79 -29.36
C ALA B 143 13.79 -1.51 -28.60
N GLY B 144 13.10 -0.77 -27.72
CA GLY B 144 13.35 0.64 -27.49
C GLY B 144 12.20 1.35 -26.83
N THR B 145 12.33 2.66 -26.66
CA THR B 145 11.26 3.48 -26.10
C THR B 145 10.66 4.44 -27.12
N GLY B 146 11.28 4.60 -28.28
CA GLY B 146 10.80 5.57 -29.24
C GLY B 146 10.91 7.00 -28.79
N SER B 147 11.68 7.28 -27.74
CA SER B 147 11.81 8.63 -27.20
C SER B 147 12.48 9.58 -28.17
N GLU B 148 13.10 9.08 -29.23
CA GLU B 148 13.78 9.92 -30.20
C GLU B 148 12.83 10.67 -31.13
N VAL B 149 11.51 10.46 -31.00
CA VAL B 149 10.55 11.14 -31.85
C VAL B 149 9.40 11.67 -30.98
N THR B 150 9.66 11.86 -29.69
CA THR B 150 8.64 12.33 -28.77
C THR B 150 9.09 13.64 -28.12
N CYS B 151 8.11 14.39 -27.62
CA CYS B 151 8.36 15.62 -26.87
C CYS B 151 8.20 15.42 -25.37
N VAL B 152 8.53 14.22 -24.89
CA VAL B 152 8.34 13.85 -23.49
C VAL B 152 9.71 13.64 -22.85
N SER B 153 9.86 14.11 -21.62
CA SER B 153 11.07 13.90 -20.82
C SER B 153 10.63 13.46 -19.43
N VAL B 154 10.80 12.17 -19.14
CA VAL B 154 10.39 11.61 -17.85
C VAL B 154 11.53 11.80 -16.86
N LEU B 155 11.26 12.51 -15.77
CA LEU B 155 12.27 12.83 -14.77
C LEU B 155 11.81 12.34 -13.40
N THR B 156 12.65 12.61 -12.39
CA THR B 156 12.39 12.20 -11.02
C THR B 156 13.03 13.22 -10.08
N ASN B 157 12.38 13.45 -8.95
CA ASN B 157 12.88 14.34 -7.91
C ASN B 157 13.05 13.51 -6.63
N ARG B 158 14.28 13.09 -6.36
CA ARG B 158 14.53 12.26 -5.19
C ARG B 158 14.38 13.05 -3.89
N LYS B 159 14.84 14.30 -3.88
CA LYS B 159 14.71 15.13 -2.68
C LYS B 159 13.26 15.49 -2.38
N LEU B 160 12.38 15.42 -3.37
CA LEU B 160 10.96 15.71 -3.17
C LEU B 160 10.06 14.52 -3.42
N GLY B 161 10.62 13.35 -3.77
CA GLY B 161 9.81 12.17 -4.00
C GLY B 161 8.91 12.22 -5.20
N LYS B 162 9.15 13.14 -6.12
CA LYS B 162 8.29 13.36 -7.28
C LYS B 162 8.83 12.62 -8.50
N LYS B 163 7.90 12.12 -9.33
CA LYS B 163 8.27 11.49 -10.59
C LYS B 163 7.13 11.74 -11.57
N ALA B 164 7.35 12.66 -12.52
CA ALA B 164 6.32 13.05 -13.48
C ALA B 164 6.98 13.48 -14.77
N PRO B 165 6.35 13.21 -15.92
CA PRO B 165 6.94 13.63 -17.20
C PRO B 165 6.73 15.13 -17.45
N ILE B 166 7.48 15.63 -18.43
CA ILE B 166 7.40 17.02 -18.85
C ILE B 166 7.26 17.04 -20.37
N VAL B 167 6.17 17.63 -20.85
CA VAL B 167 5.86 17.67 -22.28
C VAL B 167 6.04 19.10 -22.76
N SER B 168 6.94 19.29 -23.73
CA SER B 168 7.20 20.61 -24.28
C SER B 168 7.51 20.48 -25.76
N ASP B 169 7.01 21.43 -26.55
CA ASP B 169 7.28 21.42 -27.98
C ASP B 169 8.76 21.59 -28.29
N GLY B 170 9.53 22.12 -27.35
CA GLY B 170 10.97 22.27 -27.49
C GLY B 170 11.78 21.02 -27.21
N PHE B 171 11.14 19.92 -26.84
CA PHE B 171 11.83 18.67 -26.59
C PHE B 171 11.95 17.79 -27.83
N PHE B 172 11.31 18.18 -28.94
CA PHE B 172 11.39 17.40 -30.16
C PHE B 172 12.80 17.42 -30.72
N PRO B 173 13.45 16.27 -30.88
CA PRO B 173 14.78 16.27 -31.52
C PRO B 173 14.70 16.74 -32.96
N SER B 174 15.74 17.45 -33.39
CA SER B 174 15.79 17.88 -34.78
C SER B 174 16.06 16.70 -35.71
N VAL B 175 17.09 15.92 -35.42
CA VAL B 175 17.43 14.74 -36.20
C VAL B 175 17.58 13.56 -35.24
N ALA B 176 17.12 12.39 -35.68
CA ALA B 176 17.23 11.15 -34.91
C ALA B 176 17.84 10.08 -35.81
N ILE B 177 19.11 9.76 -35.57
CA ILE B 177 19.81 8.73 -36.33
C ILE B 177 19.55 7.39 -35.65
N VAL B 178 18.87 6.50 -36.35
CA VAL B 178 18.58 5.16 -35.84
C VAL B 178 19.59 4.21 -36.48
N ASP B 179 20.63 3.86 -35.73
CA ASP B 179 21.65 2.93 -36.18
C ASP B 179 21.46 1.60 -35.47
N PRO B 180 21.10 0.53 -36.18
CA PRO B 180 20.91 -0.76 -35.51
C PRO B 180 22.18 -1.34 -34.91
N GLU B 181 23.36 -0.87 -35.36
CA GLU B 181 24.59 -1.41 -34.81
C GLU B 181 24.76 -1.09 -33.33
N LEU B 182 24.31 0.10 -32.91
CA LEU B 182 24.43 0.50 -31.51
C LEU B 182 23.59 -0.37 -30.57
N THR B 183 22.68 -1.17 -31.10
CA THR B 183 21.85 -2.06 -30.28
C THR B 183 22.42 -3.47 -30.17
N TYR B 184 23.53 -3.76 -30.85
CA TYR B 184 24.11 -5.10 -30.80
C TYR B 184 24.55 -5.47 -29.39
N SER B 185 25.03 -4.50 -28.62
CA SER B 185 25.60 -4.74 -27.31
C SER B 185 24.57 -4.76 -26.19
N VAL B 186 23.29 -4.77 -26.52
CA VAL B 186 22.25 -4.77 -25.48
C VAL B 186 22.09 -6.20 -24.97
N PRO B 187 22.16 -6.41 -23.65
CA PRO B 187 22.04 -7.76 -23.10
C PRO B 187 20.67 -8.34 -23.38
N PRO B 188 20.54 -9.66 -23.44
CA PRO B 188 19.24 -10.27 -23.77
C PRO B 188 18.11 -9.90 -22.83
N LYS B 189 18.38 -9.70 -21.54
CA LYS B 189 17.30 -9.35 -20.61
C LYS B 189 16.75 -7.96 -20.90
N ILE B 190 17.62 -7.01 -21.26
CA ILE B 190 17.16 -5.67 -21.61
C ILE B 190 16.53 -5.66 -22.99
N THR B 191 17.04 -6.49 -23.90
CA THR B 191 16.45 -6.59 -25.23
C THR B 191 14.99 -7.03 -25.15
N ALA B 192 14.68 -7.97 -24.25
CA ALA B 192 13.30 -8.44 -24.10
C ALA B 192 12.41 -7.36 -23.50
N SER B 193 12.92 -6.65 -22.47
CA SER B 193 12.12 -5.60 -21.86
C SER B 193 11.86 -4.46 -22.84
N THR B 194 12.92 -3.97 -23.51
CA THR B 194 12.73 -2.89 -24.47
C THR B 194 11.86 -3.35 -25.64
N GLY B 195 11.93 -4.62 -26.02
CA GLY B 195 11.07 -5.12 -27.08
C GLY B 195 9.60 -5.15 -26.68
N MET B 196 9.32 -5.45 -25.40
CA MET B 196 7.95 -5.40 -24.92
C MET B 196 7.44 -3.96 -24.85
N ASP B 197 8.34 -3.00 -24.67
CA ASP B 197 7.93 -1.60 -24.66
C ASP B 197 7.49 -1.15 -26.05
N VAL B 198 8.11 -1.68 -27.10
CA VAL B 198 7.68 -1.37 -28.46
C VAL B 198 6.31 -1.95 -28.74
N LEU B 199 6.07 -3.18 -28.28
CA LEU B 199 4.78 -3.84 -28.51
C LEU B 199 3.67 -3.18 -27.73
N SER B 200 3.96 -2.68 -26.52
CA SER B 200 2.92 -2.04 -25.73
C SER B 200 2.52 -0.70 -26.34
N GLN B 201 3.50 0.10 -26.76
CA GLN B 201 3.18 1.39 -27.38
C GLN B 201 2.41 1.21 -28.68
N ALA B 202 2.69 0.12 -29.42
CA ALA B 202 1.99 -0.10 -30.68
C ALA B 202 0.54 -0.48 -30.45
N ILE B 203 0.27 -1.36 -29.48
CA ILE B 203 -1.09 -1.83 -29.24
C ILE B 203 -1.90 -0.80 -28.47
N GLU B 204 -1.31 -0.21 -27.42
CA GLU B 204 -2.02 0.82 -26.68
C GLU B 204 -2.28 2.04 -27.55
N GLY B 205 -1.31 2.41 -28.39
CA GLY B 205 -1.50 3.53 -29.28
C GLY B 205 -2.62 3.34 -30.28
N PHE B 206 -3.00 2.10 -30.55
CA PHE B 206 -4.06 1.83 -31.52
C PHE B 206 -5.44 1.91 -30.88
N TRP B 207 -5.67 1.16 -29.81
CA TRP B 207 -6.98 1.13 -29.19
C TRP B 207 -7.25 2.35 -28.31
N SER B 208 -6.34 3.33 -28.29
CA SER B 208 -6.55 4.53 -27.50
C SER B 208 -7.78 5.30 -27.99
N LYS B 209 -8.42 6.00 -27.06
CA LYS B 209 -9.57 6.82 -27.42
C LYS B 209 -9.18 7.99 -28.34
N GLY B 210 -7.92 8.40 -28.33
CA GLY B 210 -7.46 9.45 -29.21
C GLY B 210 -6.67 8.91 -30.39
N HIS B 211 -7.16 7.83 -30.98
CA HIS B 211 -6.47 7.23 -32.12
C HIS B 211 -6.67 8.08 -33.37
N GLN B 212 -5.81 7.83 -34.37
CA GLN B 212 -5.90 8.48 -35.67
C GLN B 212 -5.30 7.56 -36.71
N PRO B 213 -5.71 7.68 -37.98
CA PRO B 213 -5.29 6.68 -38.97
C PRO B 213 -3.79 6.64 -39.24
N ILE B 214 -3.12 7.79 -39.25
CA ILE B 214 -1.69 7.78 -39.57
C ILE B 214 -0.91 7.02 -38.51
N CYS B 215 -1.35 7.08 -37.26
CA CYS B 215 -0.66 6.35 -36.20
C CYS B 215 -1.02 4.87 -36.23
N ASP B 216 -2.23 4.52 -36.68
CA ASP B 216 -2.63 3.12 -36.74
C ASP B 216 -1.80 2.34 -37.74
N SER B 217 -1.50 2.94 -38.90
CA SER B 217 -0.67 2.27 -39.90
C SER B 217 0.71 1.96 -39.32
N CYS B 218 1.27 2.89 -38.55
CA CYS B 218 2.54 2.65 -37.89
C CYS B 218 2.39 1.63 -36.76
N ALA B 219 1.29 1.69 -36.02
CA ALA B 219 1.08 0.78 -34.90
C ALA B 219 0.95 -0.66 -35.38
N ALA B 220 0.25 -0.89 -36.48
CA ALA B 220 0.08 -2.25 -36.98
C ALA B 220 1.37 -2.78 -37.60
N HIS B 221 2.18 -1.91 -38.21
CA HIS B 221 3.42 -2.36 -38.81
C HIS B 221 4.45 -2.76 -37.76
N ALA B 222 4.53 -1.99 -36.67
CA ALA B 222 5.51 -2.29 -35.64
C ALA B 222 5.12 -3.50 -34.83
N ALA B 223 3.81 -3.68 -34.56
CA ALA B 223 3.38 -4.80 -33.74
C ALA B 223 3.68 -6.14 -34.40
N LYS B 224 3.46 -6.24 -35.71
CA LYS B 224 3.73 -7.49 -36.41
C LYS B 224 5.21 -7.83 -36.40
N LEU B 225 6.08 -6.80 -36.41
CA LEU B 225 7.53 -7.04 -36.38
C LEU B 225 7.98 -7.58 -35.03
N VAL B 226 7.37 -7.13 -33.94
CA VAL B 226 7.80 -7.58 -32.62
C VAL B 226 7.49 -9.07 -32.44
N PHE B 227 6.32 -9.52 -32.90
CA PHE B 227 5.94 -10.92 -32.73
C PHE B 227 6.87 -11.85 -33.50
N LYS B 228 7.51 -11.37 -34.56
CA LYS B 228 8.33 -12.22 -35.42
C LYS B 228 9.81 -12.17 -35.06
N TYR B 229 10.36 -10.99 -34.77
CA TYR B 229 11.80 -10.84 -34.66
C TYR B 229 12.31 -10.71 -33.23
N LEU B 230 11.46 -10.31 -32.29
CA LEU B 230 11.95 -10.12 -30.91
C LEU B 230 12.48 -11.41 -30.28
N PRO B 231 11.82 -12.57 -30.39
CA PRO B 231 12.45 -13.79 -29.87
C PRO B 231 13.79 -14.10 -30.51
N ILE B 232 13.96 -13.76 -31.79
CA ILE B 232 15.25 -14.01 -32.45
C ILE B 232 16.32 -13.10 -31.88
N ALA B 233 15.99 -11.85 -31.57
CA ALA B 233 16.98 -10.91 -31.06
C ALA B 233 17.37 -11.24 -29.62
N VAL B 234 16.45 -11.78 -28.84
CA VAL B 234 16.79 -12.19 -27.47
C VAL B 234 17.73 -13.38 -27.48
N ALA B 235 17.42 -14.38 -28.30
CA ALA B 235 18.24 -15.59 -28.35
C ALA B 235 19.56 -15.35 -29.08
N GLU B 236 19.56 -14.47 -30.09
CA GLU B 236 20.75 -14.20 -30.89
C GLU B 236 21.01 -12.69 -30.89
N PRO B 237 21.80 -12.19 -29.95
CA PRO B 237 22.07 -10.75 -29.90
C PRO B 237 22.80 -10.23 -31.13
N HIS B 238 23.62 -11.04 -31.78
CA HIS B 238 24.41 -10.59 -32.92
C HIS B 238 23.71 -10.76 -34.25
N ASN B 239 22.41 -11.07 -34.24
CA ASN B 239 21.64 -11.24 -35.47
C ASN B 239 21.35 -9.87 -36.05
N GLU B 240 22.01 -9.53 -37.16
CA GLU B 240 21.88 -8.18 -37.71
C GLU B 240 20.49 -7.91 -38.26
N GLU B 241 19.79 -8.94 -38.74
CA GLU B 241 18.45 -8.72 -39.26
C GLU B 241 17.45 -8.50 -38.13
N ALA B 242 17.51 -9.33 -37.08
CA ALA B 242 16.58 -9.19 -35.97
C ALA B 242 16.78 -7.87 -35.23
N ARG B 243 18.01 -7.39 -35.15
CA ARG B 243 18.26 -6.10 -34.52
C ARG B 243 17.73 -4.95 -35.38
N GLU B 244 17.98 -5.01 -36.69
CA GLU B 244 17.53 -3.94 -37.56
C GLU B 244 16.01 -3.86 -37.62
N LYS B 245 15.34 -5.02 -37.61
CA LYS B 245 13.88 -5.02 -37.62
C LYS B 245 13.31 -4.45 -36.33
N MET B 246 13.96 -4.74 -35.19
CA MET B 246 13.49 -4.19 -33.92
C MET B 246 13.69 -2.68 -33.86
N CYS B 247 14.78 -2.17 -34.45
CA CYS B 247 14.92 -0.72 -34.59
C CYS B 247 13.84 -0.16 -35.52
N GLU B 248 13.52 -0.89 -36.59
CA GLU B 248 12.47 -0.44 -37.49
C GLU B 248 11.14 -0.31 -36.75
N ALA B 249 10.79 -1.31 -35.95
CA ALA B 249 9.56 -1.23 -35.17
C ALA B 249 9.66 -0.19 -34.06
N SER B 250 10.86 0.05 -33.54
CA SER B 250 11.01 0.91 -32.38
C SER B 250 10.70 2.37 -32.74
N VAL B 251 11.35 2.89 -33.77
CA VAL B 251 11.10 4.28 -34.16
C VAL B 251 9.70 4.44 -34.73
N ILE B 252 9.18 3.41 -35.39
CA ILE B 252 7.85 3.50 -36.00
C ILE B 252 6.77 3.47 -34.94
N ALA B 253 6.93 2.62 -33.92
CA ALA B 253 5.96 2.59 -32.82
C ALA B 253 5.97 3.88 -32.02
N GLY B 254 7.12 4.56 -31.96
CA GLY B 254 7.17 5.85 -31.29
C GLY B 254 6.33 6.90 -31.99
N LEU B 255 6.13 6.75 -33.30
CA LEU B 255 5.27 7.66 -34.04
C LEU B 255 3.79 7.43 -33.77
N ALA B 256 3.43 6.35 -33.07
CA ALA B 256 2.05 6.00 -32.80
C ALA B 256 1.62 6.31 -31.37
N PHE B 257 2.54 6.78 -30.52
CA PHE B 257 2.22 7.11 -29.13
C PHE B 257 2.48 8.56 -28.77
N THR B 258 3.08 9.36 -29.67
CA THR B 258 3.34 10.76 -29.35
C THR B 258 2.05 11.57 -29.29
N LEU B 259 1.10 11.29 -30.18
CA LEU B 259 -0.16 12.01 -30.22
C LEU B 259 -1.28 11.21 -29.54
N PRO B 260 -1.54 9.95 -29.91
CA PRO B 260 -2.65 9.24 -29.25
C PRO B 260 -2.38 8.88 -27.80
N LYS B 261 -1.12 8.95 -27.35
CA LYS B 261 -0.73 8.61 -25.99
C LYS B 261 -0.99 7.13 -25.67
N THR B 262 -0.68 6.71 -24.46
CA THR B 262 -0.86 5.34 -24.01
C THR B 262 -2.02 5.25 -23.05
N THR B 263 -2.40 4.01 -22.72
CA THR B 263 -3.62 3.78 -21.95
C THR B 263 -3.38 3.03 -20.66
N SER B 264 -3.88 1.78 -20.59
CA SER B 264 -4.01 1.09 -19.32
C SER B 264 -2.69 0.49 -18.84
N SER B 265 -1.98 -0.22 -19.72
CA SER B 265 -0.76 -0.90 -19.30
C SER B 265 0.32 0.10 -18.90
N HIS B 266 0.41 1.24 -19.59
CA HIS B 266 1.37 2.26 -19.19
C HIS B 266 0.94 2.95 -17.91
N ALA B 267 -0.36 3.03 -17.64
CA ALA B 267 -0.83 3.61 -16.38
C ALA B 267 -0.51 2.71 -15.20
N CYS B 268 -0.51 1.40 -15.40
CA CYS B 268 -0.19 0.45 -14.34
C CYS B 268 1.32 0.21 -14.21
N SER B 269 2.10 0.58 -15.22
CA SER B 269 3.54 0.34 -15.14
C SER B 269 4.22 1.30 -14.17
N PHE B 270 3.63 2.48 -13.96
CA PHE B 270 4.24 3.46 -13.07
C PHE B 270 4.34 2.95 -11.64
N PRO B 271 3.28 2.41 -11.02
CA PRO B 271 3.48 1.79 -9.70
C PRO B 271 4.32 0.51 -9.74
N LEU B 272 4.20 -0.28 -10.80
CA LEU B 272 4.99 -1.51 -10.89
C LEU B 272 6.48 -1.23 -11.06
N THR B 273 6.84 -0.06 -11.58
CA THR B 273 8.25 0.29 -11.75
C THR B 273 8.80 1.04 -10.54
N ASN B 274 8.13 2.11 -10.12
CA ASN B 274 8.67 2.96 -9.06
C ASN B 274 8.68 2.23 -7.72
N ILE B 275 7.65 1.45 -7.44
CA ILE B 275 7.51 0.80 -6.15
C ILE B 275 8.26 -0.53 -6.09
N HIS B 276 8.16 -1.34 -7.15
CA HIS B 276 8.68 -2.69 -7.12
C HIS B 276 9.89 -2.89 -8.03
N GLY B 277 10.40 -1.82 -8.64
CA GLY B 277 11.62 -1.92 -9.42
C GLY B 277 11.51 -2.74 -10.68
N ILE B 278 10.31 -3.04 -11.15
CA ILE B 278 10.14 -3.76 -12.41
C ILE B 278 10.46 -2.82 -13.56
N PRO B 279 11.26 -3.24 -14.55
CA PRO B 279 11.55 -2.36 -15.68
C PRO B 279 10.29 -1.92 -16.39
N HIS B 280 10.41 -0.81 -17.13
CA HIS B 280 9.24 -0.17 -17.72
C HIS B 280 8.54 -1.09 -18.73
N GLY B 281 9.27 -1.58 -19.72
CA GLY B 281 8.65 -2.44 -20.73
C GLY B 281 8.10 -3.72 -20.15
N GLU B 282 8.75 -4.26 -19.12
CA GLU B 282 8.26 -5.50 -18.50
C GLU B 282 7.01 -5.25 -17.68
N ALA B 283 6.88 -4.06 -17.08
CA ALA B 283 5.68 -3.74 -16.32
C ALA B 283 4.50 -3.48 -17.24
N CYS B 284 4.74 -2.84 -18.39
CA CYS B 284 3.68 -2.66 -19.38
C CYS B 284 3.22 -4.00 -19.92
N GLY B 285 4.17 -4.88 -20.27
CA GLY B 285 3.81 -6.20 -20.75
C GLY B 285 3.14 -7.07 -19.71
N LEU B 286 3.28 -6.73 -18.43
CA LEU B 286 2.66 -7.53 -17.38
C LEU B 286 1.13 -7.49 -17.46
N THR B 287 0.58 -6.42 -18.03
CA THR B 287 -0.87 -6.27 -18.13
C THR B 287 -1.33 -6.09 -19.56
N LEU B 288 -0.44 -6.25 -20.54
CA LEU B 288 -0.82 -6.00 -21.94
C LEU B 288 -1.91 -6.96 -22.39
N ASP B 289 -1.64 -8.26 -22.31
CA ASP B 289 -2.63 -9.24 -22.75
C ASP B 289 -3.83 -9.30 -21.82
N TYR B 290 -3.72 -8.76 -20.60
CA TYR B 290 -4.87 -8.72 -19.69
C TYR B 290 -5.91 -7.73 -20.20
N PHE B 291 -5.49 -6.50 -20.48
CA PHE B 291 -6.40 -5.50 -21.03
C PHE B 291 -6.80 -5.81 -22.46
N ALA B 292 -6.00 -6.60 -23.19
CA ALA B 292 -6.38 -6.97 -24.54
C ALA B 292 -7.65 -7.80 -24.55
N ARG B 293 -7.77 -8.77 -23.62
CA ARG B 293 -8.98 -9.57 -23.54
C ARG B 293 -10.18 -8.79 -23.01
N ILE B 294 -9.99 -7.56 -22.57
CA ILE B 294 -11.08 -6.71 -22.11
C ILE B 294 -11.54 -5.74 -23.20
N ASN B 295 -10.60 -5.16 -23.93
CA ASN B 295 -10.90 -4.20 -24.98
C ASN B 295 -11.13 -4.87 -26.34
N LYS B 296 -11.28 -6.19 -26.37
CA LYS B 296 -11.31 -6.90 -27.64
C LYS B 296 -12.51 -6.49 -28.49
N ASP B 297 -13.64 -6.20 -27.86
CA ASP B 297 -14.87 -5.92 -28.57
C ASP B 297 -15.26 -4.45 -28.54
N ALA B 298 -14.43 -3.58 -27.98
CA ALA B 298 -14.75 -2.17 -27.96
C ALA B 298 -14.54 -1.55 -29.34
N GLN B 299 -15.05 -0.33 -29.51
CA GLN B 299 -14.91 0.45 -30.74
C GLN B 299 -15.45 -0.30 -31.95
N HIS B 300 -16.53 -1.06 -31.75
CA HIS B 300 -17.24 -1.76 -32.82
C HIS B 300 -16.30 -2.67 -33.60
N GLY B 301 -15.68 -3.60 -32.87
CA GLY B 301 -14.80 -4.58 -33.50
C GLY B 301 -13.55 -4.02 -34.12
N ARG B 302 -13.15 -2.80 -33.73
CA ARG B 302 -11.94 -2.21 -34.31
C ARG B 302 -10.70 -2.95 -33.85
N VAL B 303 -10.68 -3.40 -32.59
CA VAL B 303 -9.52 -4.13 -32.09
C VAL B 303 -9.44 -5.52 -32.72
N GLN B 304 -10.59 -6.12 -33.07
CA GLN B 304 -10.57 -7.41 -33.75
C GLN B 304 -9.95 -7.29 -35.14
N GLU B 305 -10.19 -6.16 -35.82
CA GLU B 305 -9.57 -5.95 -37.12
C GLU B 305 -8.07 -5.76 -37.00
N PHE B 306 -7.60 -5.18 -35.89
CA PHE B 306 -6.18 -5.00 -35.67
C PHE B 306 -5.46 -6.35 -35.54
N ALA B 307 -6.07 -7.29 -34.81
CA ALA B 307 -5.46 -8.60 -34.65
C ALA B 307 -5.42 -9.36 -35.97
N ARG B 308 -6.50 -9.31 -36.76
CA ARG B 308 -6.51 -10.00 -38.03
C ARG B 308 -5.54 -9.37 -39.03
N GLY B 309 -5.33 -8.06 -38.94
CA GLY B 309 -4.39 -7.41 -39.85
C GLY B 309 -2.96 -7.87 -39.64
N ILE B 310 -2.58 -8.11 -38.39
CA ILE B 310 -1.22 -8.58 -38.08
C ILE B 310 -1.11 -10.10 -38.13
N GLY B 311 -2.19 -10.81 -38.44
CA GLY B 311 -2.12 -12.24 -38.71
C GLY B 311 -2.62 -13.14 -37.61
N PHE B 312 -3.75 -12.81 -37.00
CA PHE B 312 -4.34 -13.61 -35.94
C PHE B 312 -5.82 -13.83 -36.22
N LYS B 313 -6.34 -14.94 -35.72
CA LYS B 313 -7.76 -15.25 -35.91
C LYS B 313 -8.64 -14.24 -35.19
N ASP B 314 -8.40 -14.03 -33.90
CA ASP B 314 -9.17 -13.08 -33.10
C ASP B 314 -8.21 -12.33 -32.19
N VAL B 315 -8.76 -11.54 -31.28
CA VAL B 315 -7.94 -10.86 -30.29
C VAL B 315 -7.45 -11.85 -29.23
N ASP B 316 -8.32 -12.77 -28.81
CA ASP B 316 -7.91 -13.78 -27.84
C ASP B 316 -6.75 -14.61 -28.37
N ALA B 317 -6.70 -14.84 -29.68
CA ALA B 317 -5.52 -15.49 -30.26
C ALA B 317 -4.30 -14.58 -30.16
N MET B 318 -4.49 -13.27 -30.31
CA MET B 318 -3.39 -12.34 -30.17
C MET B 318 -2.93 -12.24 -28.72
N ALA B 319 -3.88 -12.27 -27.77
CA ALA B 319 -3.51 -12.25 -26.35
C ALA B 319 -2.77 -13.52 -25.96
N ASP B 320 -3.05 -14.64 -26.63
CA ASP B 320 -2.30 -15.86 -26.37
C ASP B 320 -0.86 -15.73 -26.86
N ALA B 321 -0.65 -15.02 -27.96
CA ALA B 321 0.70 -14.84 -28.48
C ALA B 321 1.51 -13.92 -27.58
N ILE B 322 0.88 -12.88 -27.03
CA ILE B 322 1.58 -11.99 -26.11
C ILE B 322 2.04 -12.76 -24.89
N HIS B 323 1.22 -13.69 -24.40
CA HIS B 323 1.61 -14.51 -23.26
C HIS B 323 2.72 -15.48 -23.63
N ASP B 324 2.62 -16.10 -24.80
CA ASP B 324 3.68 -17.01 -25.24
C ASP B 324 4.96 -16.25 -25.56
N LEU B 325 4.84 -14.98 -25.95
CA LEU B 325 6.03 -14.18 -26.20
C LEU B 325 6.78 -13.88 -24.91
N LYS B 326 6.06 -13.50 -23.86
CA LYS B 326 6.72 -13.16 -22.60
C LYS B 326 7.39 -14.38 -21.97
N VAL B 327 6.80 -15.56 -22.13
CA VAL B 327 7.38 -16.75 -21.54
C VAL B 327 8.64 -17.18 -22.28
N ARG B 328 8.62 -17.08 -23.61
CA ARG B 328 9.77 -17.53 -24.38
C ARG B 328 10.99 -16.61 -24.19
N ILE B 329 10.75 -15.32 -23.95
CA ILE B 329 11.86 -14.38 -23.78
C ILE B 329 12.15 -14.08 -22.32
N GLY B 330 11.41 -14.68 -21.39
CA GLY B 330 11.74 -14.57 -19.99
C GLY B 330 11.21 -13.34 -19.29
N MET B 331 10.03 -12.87 -19.66
CA MET B 331 9.41 -11.71 -19.04
C MET B 331 8.42 -12.14 -17.95
N ARG B 332 8.08 -11.19 -17.08
CA ARG B 332 7.21 -11.49 -15.95
C ARG B 332 5.80 -11.80 -16.42
N THR B 333 5.23 -12.87 -15.84
CA THR B 333 3.85 -13.27 -16.09
C THR B 333 3.03 -13.30 -14.81
N GLY B 334 3.49 -12.64 -13.76
CA GLY B 334 2.79 -12.65 -12.48
C GLY B 334 3.59 -11.88 -11.45
N LEU B 335 3.07 -11.88 -10.22
CA LEU B 335 3.71 -11.16 -9.13
C LEU B 335 3.69 -11.97 -7.84
N LYS B 336 3.65 -13.30 -7.93
CA LYS B 336 3.57 -14.11 -6.72
C LYS B 336 4.85 -14.07 -5.91
N ASP B 337 6.00 -13.89 -6.58
CA ASP B 337 7.28 -13.83 -5.87
C ASP B 337 7.44 -12.56 -5.04
N LEU B 338 6.60 -11.55 -5.23
CA LEU B 338 6.69 -10.33 -4.44
C LEU B 338 6.00 -10.48 -3.09
N ASN B 339 5.19 -11.53 -2.90
CA ASN B 339 4.43 -11.75 -1.68
C ASN B 339 3.66 -10.49 -1.28
N LEU B 340 2.91 -9.95 -2.23
CA LEU B 340 2.21 -8.69 -2.00
C LEU B 340 1.18 -8.86 -0.89
N THR B 341 1.09 -7.84 -0.04
CA THR B 341 0.07 -7.78 0.99
C THR B 341 -1.17 -7.09 0.46
N GLU B 342 -2.28 -7.23 1.20
CA GLU B 342 -3.51 -6.55 0.82
C GLU B 342 -3.33 -5.04 0.80
N GLU B 343 -2.46 -4.51 1.66
CA GLU B 343 -2.15 -3.09 1.62
C GLU B 343 -1.39 -2.73 0.34
N GLN B 344 -0.47 -3.59 -0.10
CA GLN B 344 0.28 -3.33 -1.31
C GLN B 344 -0.60 -3.41 -2.55
N ILE B 345 -1.47 -4.42 -2.61
CA ILE B 345 -2.40 -4.54 -3.73
C ILE B 345 -3.31 -3.32 -3.79
N ALA B 346 -3.81 -2.89 -2.63
CA ALA B 346 -4.63 -1.68 -2.59
C ALA B 346 -3.81 -0.45 -2.99
N ASP B 347 -2.49 -0.47 -2.77
CA ASP B 347 -1.66 0.62 -3.22
C ASP B 347 -1.50 0.58 -4.74
N LEU B 348 -1.43 -0.61 -5.32
CA LEU B 348 -1.33 -0.72 -6.77
C LEU B 348 -2.57 -0.16 -7.45
N VAL B 349 -3.75 -0.34 -6.83
CA VAL B 349 -4.98 0.13 -7.45
C VAL B 349 -5.10 1.65 -7.36
N ARG B 350 -4.73 2.23 -6.22
CA ARG B 350 -4.88 3.67 -6.05
C ARG B 350 -3.94 4.44 -6.96
N ILE B 351 -2.70 3.98 -7.10
CA ILE B 351 -1.74 4.70 -7.93
C ILE B 351 -1.94 4.41 -9.41
N SER B 352 -2.66 3.34 -9.75
CA SER B 352 -2.95 3.04 -11.16
C SER B 352 -4.04 3.93 -11.75
N ARG B 353 -4.74 4.72 -10.93
CA ARG B 353 -5.76 5.63 -11.43
C ARG B 353 -5.10 6.91 -11.96
N HIS B 354 -4.27 6.72 -13.00
CA HIS B 354 -3.50 7.69 -13.75
C HIS B 354 -4.33 8.26 -14.89
N PRO B 355 -4.08 9.50 -15.29
CA PRO B 355 -4.81 10.07 -16.45
C PRO B 355 -4.75 9.21 -17.71
N ASN B 356 -3.68 8.42 -17.89
CA ASN B 356 -3.60 7.55 -19.05
C ASN B 356 -4.66 6.45 -19.01
N LEU B 357 -5.07 6.03 -17.81
CA LEU B 357 -6.02 4.94 -17.68
C LEU B 357 -7.37 5.28 -18.33
N TYR B 358 -7.71 6.57 -18.40
CA TYR B 358 -8.98 7.00 -18.99
C TYR B 358 -8.96 6.98 -20.52
N ASN B 359 -7.80 6.80 -21.14
CA ASN B 359 -7.73 6.66 -22.59
C ASN B 359 -8.09 5.26 -23.06
N ASN B 360 -8.29 4.32 -22.14
CA ASN B 360 -8.63 2.96 -22.51
C ASN B 360 -10.02 2.92 -23.14
N PRO B 361 -10.20 2.16 -24.22
CA PRO B 361 -11.53 2.12 -24.86
C PRO B 361 -12.63 1.60 -23.95
N VAL B 362 -12.29 0.75 -22.98
CA VAL B 362 -13.24 0.25 -21.99
C VAL B 362 -12.90 0.89 -20.64
N GLU B 363 -13.91 1.49 -20.01
CA GLU B 363 -13.72 2.11 -18.71
C GLU B 363 -13.31 1.08 -17.67
N ILE B 364 -12.12 1.26 -17.10
CA ILE B 364 -11.58 0.33 -16.12
C ILE B 364 -11.94 0.84 -14.73
N THR B 365 -12.81 0.11 -14.04
CA THR B 365 -13.23 0.46 -12.70
C THR B 365 -12.27 -0.11 -11.66
N ASP B 366 -12.36 0.42 -10.44
CA ASP B 366 -11.46 -0.01 -9.36
C ASP B 366 -11.67 -1.49 -9.03
N ASP B 367 -12.89 -1.99 -9.17
CA ASP B 367 -13.11 -3.42 -8.95
C ASP B 367 -12.39 -4.26 -9.99
N MET B 368 -12.18 -3.72 -11.19
CA MET B 368 -11.44 -4.46 -12.21
C MET B 368 -9.94 -4.48 -11.89
N LEU B 369 -9.39 -3.34 -11.46
CA LEU B 369 -7.99 -3.31 -11.06
C LEU B 369 -7.74 -4.20 -9.86
N ASP B 370 -8.68 -4.25 -8.92
CA ASP B 370 -8.54 -5.12 -7.76
C ASP B 370 -8.54 -6.59 -8.17
N THR B 371 -9.35 -6.95 -9.16
CA THR B 371 -9.36 -8.33 -9.65
C THR B 371 -8.06 -8.64 -10.39
N MET B 372 -7.57 -7.68 -11.17
CA MET B 372 -6.37 -7.92 -11.97
C MET B 372 -5.15 -8.11 -11.08
N TYR B 373 -4.94 -7.19 -10.13
CA TYR B 373 -3.76 -7.27 -9.28
C TYR B 373 -3.81 -8.47 -8.34
N HIS B 374 -5.01 -8.86 -7.89
CA HIS B 374 -5.12 -10.10 -7.12
C HIS B 374 -4.82 -11.32 -7.97
N TYR B 375 -5.13 -11.27 -9.27
CA TYR B 375 -4.74 -12.35 -10.16
C TYR B 375 -3.24 -12.32 -10.43
N LEU B 376 -2.66 -11.13 -10.57
CA LEU B 376 -1.23 -11.02 -10.79
C LEU B 376 -0.45 -11.43 -9.55
N ALA B 377 -0.91 -11.03 -8.36
CA ALA B 377 -0.23 -11.39 -7.13
C ALA B 377 -0.29 -12.88 -6.83
N SER B 378 -1.11 -13.64 -7.54
CA SER B 378 -1.28 -15.07 -7.33
C SER B 378 -0.90 -15.85 -8.59
N THR B 379 0.17 -15.43 -9.26
CA THR B 379 0.61 -16.07 -10.50
C THR B 379 2.13 -16.01 -10.58
N ASP B 380 2.73 -17.14 -10.95
CA ASP B 380 4.19 -17.23 -11.07
C ASP B 380 4.69 -16.42 -12.27
N GLY C 5 2.91 -28.41 12.14
CA GLY C 5 1.73 -28.55 12.98
C GLY C 5 0.45 -28.09 12.29
N MET C 6 -0.69 -28.52 12.85
CA MET C 6 -2.00 -28.19 12.30
C MET C 6 -2.63 -27.06 13.11
N LEU C 7 -3.18 -26.07 12.41
CA LEU C 7 -3.85 -24.94 13.04
C LEU C 7 -5.18 -24.72 12.35
N TRP C 8 -6.27 -24.76 13.11
CA TRP C 8 -7.60 -24.56 12.56
C TRP C 8 -8.52 -24.01 13.62
N ASP C 9 -9.39 -23.08 13.22
CA ASP C 9 -10.47 -22.59 14.06
C ASP C 9 -11.75 -23.33 13.73
N TYR C 10 -12.73 -23.22 14.62
CA TYR C 10 -14.02 -23.86 14.40
C TYR C 10 -15.08 -23.13 15.18
N ALA C 11 -16.18 -22.78 14.52
CA ALA C 11 -17.32 -22.17 15.18
C ALA C 11 -18.58 -22.54 14.42
N GLN C 12 -19.67 -22.76 15.16
CA GLN C 12 -20.94 -23.14 14.56
C GLN C 12 -22.10 -22.71 15.46
N PRO C 13 -22.48 -21.42 15.43
CA PRO C 13 -23.51 -20.94 16.35
C PRO C 13 -24.94 -21.21 15.92
N VAL C 14 -25.17 -22.03 14.92
CA VAL C 14 -26.51 -22.30 14.40
C VAL C 14 -27.02 -23.59 15.05
N THR C 15 -28.14 -23.48 15.76
CA THR C 15 -28.80 -24.65 16.32
C THR C 15 -29.58 -25.37 15.23
N ILE C 16 -29.44 -26.69 15.17
CA ILE C 16 -30.05 -27.50 14.12
C ILE C 16 -31.15 -28.36 14.76
N ARG C 17 -32.36 -28.27 14.21
CA ARG C 17 -33.47 -29.13 14.57
C ARG C 17 -33.83 -29.95 13.34
N PHE C 18 -33.51 -31.24 13.35
CA PHE C 18 -33.73 -32.12 12.22
C PHE C 18 -34.84 -33.11 12.54
N GLY C 19 -35.70 -33.36 11.55
CA GLY C 19 -36.75 -34.35 11.72
C GLY C 19 -37.95 -34.15 10.82
N LYS C 20 -38.61 -35.24 10.44
CA LYS C 20 -39.78 -35.17 9.58
C LYS C 20 -40.95 -34.55 10.33
N GLY C 21 -41.54 -33.50 9.75
CA GLY C 21 -42.67 -32.83 10.35
C GLY C 21 -42.32 -31.77 11.38
N ARG C 22 -41.03 -31.56 11.67
CA ARG C 22 -40.62 -30.60 12.69
C ARG C 22 -40.71 -29.15 12.23
N ALA C 23 -41.25 -28.88 11.04
CA ALA C 23 -41.40 -27.50 10.60
C ALA C 23 -42.47 -26.75 11.37
N MET C 24 -43.31 -27.45 12.13
CA MET C 24 -44.35 -26.79 12.92
C MET C 24 -43.84 -26.27 14.26
N GLU C 25 -42.60 -26.56 14.63
CA GLU C 25 -42.04 -26.15 15.90
C GLU C 25 -41.63 -24.68 15.93
N ILE C 26 -42.07 -23.89 14.94
CA ILE C 26 -41.78 -22.46 14.95
C ILE C 26 -42.45 -21.79 16.14
N LYS C 27 -43.61 -22.27 16.56
CA LYS C 27 -44.29 -21.70 17.72
C LYS C 27 -43.48 -21.91 18.99
N ASP C 28 -42.88 -23.09 19.15
CA ASP C 28 -42.11 -23.39 20.35
C ASP C 28 -40.90 -22.47 20.46
N ILE C 29 -40.15 -22.32 19.36
CA ILE C 29 -38.99 -21.43 19.37
C ILE C 29 -39.43 -19.99 19.61
N ALA C 30 -40.60 -19.61 19.09
CA ALA C 30 -41.12 -18.27 19.37
C ALA C 30 -41.64 -18.16 20.79
N GLU C 31 -42.21 -19.23 21.35
CA GLU C 31 -42.69 -19.18 22.72
C GLU C 31 -41.53 -19.24 23.71
N ALA C 32 -40.46 -19.98 23.38
CA ALA C 32 -39.30 -20.06 24.25
C ALA C 32 -38.55 -18.73 24.29
N MET C 33 -38.55 -17.99 23.19
CA MET C 33 -37.89 -16.68 23.13
C MET C 33 -38.83 -15.53 23.47
N GLY C 34 -40.12 -15.80 23.65
CA GLY C 34 -41.07 -14.77 24.01
C GLY C 34 -41.37 -13.76 22.92
N LEU C 35 -41.12 -14.11 21.66
CA LEU C 35 -41.36 -13.22 20.54
C LEU C 35 -42.71 -13.52 19.90
N HIS C 36 -43.17 -12.57 19.07
CA HIS C 36 -44.46 -12.70 18.40
C HIS C 36 -44.41 -11.91 17.10
N ASP C 37 -45.45 -12.10 16.28
CA ASP C 37 -45.63 -11.38 15.02
C ASP C 37 -44.40 -11.56 14.11
N GLY C 38 -44.14 -12.81 13.77
CA GLY C 38 -43.05 -13.12 12.86
C GLY C 38 -43.48 -13.02 11.39
N ILE C 39 -42.51 -12.72 10.54
CA ILE C 39 -42.73 -12.60 9.10
C ILE C 39 -42.14 -13.83 8.42
N MET C 40 -42.91 -14.41 7.50
CA MET C 40 -42.48 -15.59 6.77
C MET C 40 -42.04 -15.18 5.37
N VAL C 41 -40.76 -15.38 5.07
CA VAL C 41 -40.18 -15.09 3.77
C VAL C 41 -40.08 -16.39 2.99
N THR C 42 -40.84 -16.48 1.90
CA THR C 42 -40.91 -17.72 1.12
C THR C 42 -41.38 -17.37 -0.28
N PRO C 43 -40.99 -18.15 -1.29
CA PRO C 43 -41.51 -17.92 -2.64
C PRO C 43 -43.02 -18.14 -2.69
N LYS C 44 -43.64 -17.57 -3.73
CA LYS C 44 -45.10 -17.63 -3.88
C LYS C 44 -45.61 -19.04 -4.15
N PHE C 45 -44.72 -20.00 -4.44
CA PHE C 45 -45.18 -21.38 -4.65
C PHE C 45 -45.81 -21.94 -3.39
N PHE C 46 -45.19 -21.70 -2.23
CA PHE C 46 -45.71 -22.25 -0.98
C PHE C 46 -46.99 -21.55 -0.54
N VAL C 47 -47.23 -20.32 -0.99
CA VAL C 47 -48.48 -19.65 -0.69
C VAL C 47 -49.62 -20.21 -1.54
N ASP C 48 -49.35 -20.43 -2.83
CA ASP C 48 -50.39 -20.97 -3.72
C ASP C 48 -50.72 -22.41 -3.38
N SER C 49 -49.70 -23.21 -3.06
CA SER C 49 -49.91 -24.61 -2.73
C SER C 49 -50.49 -24.82 -1.35
N GLY C 50 -50.52 -23.79 -0.50
CA GLY C 50 -51.04 -23.91 0.84
C GLY C 50 -50.05 -24.43 1.85
N GLU C 51 -48.83 -24.78 1.44
CA GLU C 51 -47.83 -25.24 2.40
C GLU C 51 -47.43 -24.12 3.36
N ALA C 52 -47.35 -22.88 2.87
CA ALA C 52 -47.00 -21.77 3.73
C ALA C 52 -48.12 -21.47 4.72
N GLN C 53 -49.37 -21.53 4.26
CA GLN C 53 -50.50 -21.31 5.17
C GLN C 53 -50.66 -22.44 6.17
N ARG C 54 -50.24 -23.66 5.80
CA ARG C 54 -50.31 -24.79 6.71
C ARG C 54 -49.37 -24.59 7.90
N LEU C 55 -48.19 -24.02 7.66
CA LEU C 55 -47.24 -23.80 8.74
C LEU C 55 -47.67 -22.63 9.64
N ILE C 56 -48.29 -21.61 9.06
CA ILE C 56 -48.73 -20.46 9.85
C ILE C 56 -49.83 -20.87 10.81
N ASP C 57 -50.81 -21.64 10.33
CA ASP C 57 -51.89 -22.10 11.20
C ASP C 57 -51.39 -23.03 12.29
N ALA C 58 -50.26 -23.71 12.07
CA ALA C 58 -49.66 -24.54 13.10
C ALA C 58 -48.87 -23.71 14.12
N SER C 59 -48.46 -22.49 13.75
CA SER C 59 -47.72 -21.64 14.68
C SER C 59 -48.61 -21.03 15.76
N ASP C 60 -49.93 -21.20 15.66
CA ASP C 60 -50.88 -20.72 16.66
C ASP C 60 -50.73 -19.22 16.89
N GLY C 61 -50.47 -18.47 15.82
CA GLY C 61 -50.37 -17.03 15.89
C GLY C 61 -48.97 -16.48 15.99
N ALA C 62 -47.94 -17.33 15.91
CA ALA C 62 -46.57 -16.83 15.95
C ALA C 62 -46.25 -16.02 14.72
N VAL C 63 -46.60 -16.53 13.54
CA VAL C 63 -46.38 -15.84 12.27
C VAL C 63 -47.67 -15.15 11.87
N SER C 64 -47.56 -13.89 11.45
CA SER C 64 -48.72 -13.10 11.08
C SER C 64 -48.65 -12.57 9.65
N THR C 65 -47.47 -12.18 9.18
CA THR C 65 -47.32 -11.58 7.87
C THR C 65 -46.40 -12.43 7.00
N VAL C 66 -46.63 -12.38 5.69
CA VAL C 66 -45.84 -13.13 4.71
C VAL C 66 -45.30 -12.14 3.69
N PHE C 67 -44.19 -12.53 3.05
CA PHE C 67 -43.53 -11.70 2.04
C PHE C 67 -43.03 -12.61 0.93
N THR C 68 -43.39 -12.29 -0.32
CA THR C 68 -43.04 -13.13 -1.46
C THR C 68 -42.46 -12.33 -2.62
N ASP C 69 -42.01 -11.10 -2.38
CA ASP C 69 -41.59 -10.20 -3.45
C ASP C 69 -40.07 -10.25 -3.58
N PHE C 70 -39.59 -11.29 -4.25
CA PHE C 70 -38.17 -11.39 -4.59
C PHE C 70 -38.03 -12.43 -5.70
N SER C 71 -37.12 -12.16 -6.63
CA SER C 71 -36.92 -13.01 -7.79
C SER C 71 -36.00 -14.17 -7.43
N PRO C 72 -35.63 -15.00 -8.41
CA PRO C 72 -34.67 -16.08 -8.11
C PRO C 72 -33.32 -15.55 -7.67
N ASN C 73 -32.77 -14.58 -8.39
CA ASN C 73 -31.60 -13.85 -7.93
C ASN C 73 -32.08 -12.61 -7.19
N PRO C 74 -31.86 -12.51 -5.88
CA PRO C 74 -32.45 -11.42 -5.11
C PRO C 74 -32.00 -10.04 -5.58
N ASP C 75 -32.78 -9.03 -5.21
CA ASP C 75 -32.48 -7.65 -5.55
C ASP C 75 -32.33 -6.82 -4.27
N VAL C 76 -31.48 -5.80 -4.34
CA VAL C 76 -31.25 -4.93 -3.19
C VAL C 76 -32.53 -4.19 -2.82
N THR C 77 -33.40 -3.90 -3.80
CA THR C 77 -34.66 -3.24 -3.50
C THR C 77 -35.65 -4.19 -2.85
N GLU C 78 -35.61 -5.48 -3.23
CA GLU C 78 -36.49 -6.45 -2.60
C GLU C 78 -36.16 -6.67 -1.13
N VAL C 79 -34.93 -6.41 -0.72
CA VAL C 79 -34.59 -6.53 0.71
C VAL C 79 -35.07 -5.32 1.48
N ASP C 80 -35.06 -4.13 0.87
CA ASP C 80 -35.53 -2.93 1.56
C ASP C 80 -37.05 -2.90 1.63
N ALA C 81 -37.73 -3.41 0.60
CA ALA C 81 -39.19 -3.48 0.64
C ALA C 81 -39.67 -4.48 1.68
N CYS C 82 -38.94 -5.58 1.86
CA CYS C 82 -39.26 -6.51 2.93
C CYS C 82 -39.01 -5.89 4.30
N ALA C 83 -37.89 -5.17 4.43
CA ALA C 83 -37.61 -4.48 5.69
C ALA C 83 -38.63 -3.39 5.98
N GLU C 84 -39.19 -2.78 4.93
CA GLU C 84 -40.22 -1.77 5.15
C GLU C 84 -41.51 -2.40 5.66
N ILE C 85 -41.83 -3.61 5.18
CA ILE C 85 -43.00 -4.33 5.69
C ILE C 85 -42.77 -4.76 7.13
N ILE C 86 -41.55 -5.19 7.46
CA ILE C 86 -41.21 -5.51 8.84
C ILE C 86 -41.36 -4.29 9.72
N ARG C 87 -41.07 -3.10 9.19
CA ARG C 87 -41.17 -1.88 9.97
C ARG C 87 -42.61 -1.56 10.32
N LYS C 88 -43.52 -1.71 9.36
CA LYS C 88 -44.91 -1.33 9.57
C LYS C 88 -45.65 -2.35 10.45
N ASN C 89 -45.47 -3.64 10.16
CA ASN C 89 -46.18 -4.69 10.89
C ASN C 89 -45.57 -4.98 12.26
N HIS C 90 -44.46 -4.33 12.62
CA HIS C 90 -43.78 -4.53 13.90
C HIS C 90 -43.41 -6.00 14.09
N CYS C 91 -42.63 -6.51 13.13
CA CYS C 91 -42.18 -7.90 13.18
C CYS C 91 -40.98 -8.03 14.11
N GLU C 92 -40.97 -9.10 14.91
CA GLU C 92 -39.94 -9.32 15.90
C GLU C 92 -38.96 -10.42 15.52
N PHE C 93 -39.32 -11.31 14.60
CA PHE C 93 -38.39 -12.32 14.11
C PHE C 93 -38.76 -12.67 12.67
N VAL C 94 -37.81 -13.28 11.97
CA VAL C 94 -37.93 -13.59 10.56
C VAL C 94 -37.90 -15.11 10.37
N VAL C 95 -38.76 -15.61 9.50
CA VAL C 95 -38.83 -17.03 9.18
C VAL C 95 -38.40 -17.18 7.72
N ALA C 96 -37.23 -17.78 7.49
CA ALA C 96 -36.69 -17.95 6.15
C ALA C 96 -37.00 -19.36 5.65
N MET C 97 -38.04 -19.48 4.83
CA MET C 97 -38.42 -20.75 4.22
C MET C 97 -38.15 -20.71 2.73
N GLY C 98 -37.59 -21.80 2.19
CA GLY C 98 -37.27 -21.87 0.78
C GLY C 98 -35.82 -22.18 0.51
N GLY C 99 -35.37 -21.97 -0.72
CA GLY C 99 -33.98 -22.15 -1.07
C GLY C 99 -33.10 -21.02 -0.56
N GLY C 100 -31.86 -21.02 -1.03
CA GLY C 100 -30.93 -19.97 -0.64
C GLY C 100 -31.36 -18.58 -1.04
N SER C 101 -32.22 -18.46 -2.05
CA SER C 101 -32.68 -17.16 -2.49
C SER C 101 -33.54 -16.50 -1.41
N ALA C 102 -34.46 -17.25 -0.83
CA ALA C 102 -35.34 -16.68 0.20
C ALA C 102 -34.59 -16.43 1.50
N MET C 103 -33.53 -17.18 1.76
CA MET C 103 -32.78 -16.99 2.99
C MET C 103 -31.77 -15.86 2.86
N ASP C 104 -31.30 -15.57 1.64
CA ASP C 104 -30.41 -14.44 1.44
C ASP C 104 -31.11 -13.11 1.68
N VAL C 105 -32.36 -12.99 1.22
CA VAL C 105 -33.13 -11.78 1.49
C VAL C 105 -33.58 -11.70 2.94
N SER C 106 -33.54 -12.83 3.66
CA SER C 106 -33.96 -12.84 5.06
C SER C 106 -32.83 -12.45 6.00
N LYS C 107 -31.59 -12.86 5.69
CA LYS C 107 -30.46 -12.46 6.51
C LYS C 107 -30.26 -10.95 6.46
N ALA C 108 -30.30 -10.37 5.25
CA ALA C 108 -30.06 -8.94 5.11
C ALA C 108 -31.20 -8.11 5.69
N ALA C 109 -32.44 -8.55 5.48
CA ALA C 109 -33.59 -7.77 5.94
C ALA C 109 -33.77 -7.84 7.45
N ALA C 110 -33.33 -8.93 8.08
CA ALA C 110 -33.45 -9.05 9.53
C ALA C 110 -32.51 -8.09 10.26
N SER C 111 -31.45 -7.63 9.60
CA SER C 111 -30.53 -6.66 10.17
C SER C 111 -30.73 -5.26 9.63
N ILE C 112 -31.11 -5.12 8.37
CA ILE C 112 -31.27 -3.80 7.76
C ILE C 112 -32.60 -3.15 8.16
N CYS C 113 -33.55 -3.93 8.69
CA CYS C 113 -34.82 -3.34 9.10
C CYS C 113 -34.70 -2.55 10.39
N LEU C 114 -33.63 -2.77 11.16
CA LEU C 114 -33.39 -2.02 12.39
C LEU C 114 -32.57 -0.76 12.15
N THR C 115 -31.94 -0.62 10.99
CA THR C 115 -31.24 0.59 10.62
C THR C 115 -32.14 1.47 9.75
N ASP C 116 -31.53 2.29 8.89
CA ASP C 116 -32.28 3.18 8.01
C ASP C 116 -31.76 3.22 6.58
N ASP C 117 -30.48 2.93 6.35
CA ASP C 117 -29.98 2.85 4.98
C ASP C 117 -30.51 1.60 4.29
N SER C 118 -30.48 1.61 2.97
CA SER C 118 -30.88 0.44 2.20
C SER C 118 -29.76 -0.60 2.21
N ILE C 119 -30.08 -1.78 1.68
CA ILE C 119 -29.09 -2.84 1.56
C ILE C 119 -27.99 -2.52 0.56
N ALA C 120 -28.16 -1.47 -0.24
CA ALA C 120 -27.16 -1.09 -1.23
C ALA C 120 -25.98 -0.34 -0.61
N ASP C 121 -26.14 0.21 0.59
CA ASP C 121 -25.05 0.92 1.26
C ASP C 121 -23.98 -0.01 1.80
N TYR C 122 -24.17 -1.33 1.71
CA TYR C 122 -23.22 -2.30 2.22
C TYR C 122 -22.91 -3.40 1.22
N HIS C 123 -23.36 -3.27 -0.03
CA HIS C 123 -23.25 -4.32 -1.02
C HIS C 123 -21.95 -4.14 -1.81
N GLY C 124 -21.01 -5.06 -1.62
CA GLY C 124 -19.77 -5.06 -2.38
C GLY C 124 -18.93 -3.80 -2.23
N THR C 125 -19.20 -2.99 -1.20
CA THR C 125 -18.48 -1.74 -0.98
C THR C 125 -17.54 -1.78 0.22
N GLY C 126 -17.53 -2.87 1.00
CA GLY C 126 -16.67 -2.97 2.15
C GLY C 126 -17.26 -2.45 3.45
N LYS C 127 -18.39 -1.74 3.39
CA LYS C 127 -19.03 -1.24 4.60
C LYS C 127 -19.59 -2.41 5.41
N ALA C 128 -19.09 -2.55 6.64
CA ALA C 128 -19.51 -3.67 7.48
C ALA C 128 -20.97 -3.51 7.92
N MET C 129 -21.64 -4.65 8.16
CA MET C 129 -23.03 -4.69 8.58
C MET C 129 -23.14 -4.52 10.09
N PRO C 130 -24.23 -3.93 10.55
CA PRO C 130 -24.47 -3.85 12.00
C PRO C 130 -24.76 -5.23 12.58
N GLN C 131 -24.26 -5.46 13.79
CA GLN C 131 -24.37 -6.76 14.45
C GLN C 131 -25.66 -6.91 15.24
N LYS C 132 -26.62 -6.01 15.07
CA LYS C 132 -27.92 -6.11 15.72
C LYS C 132 -28.96 -6.49 14.69
N HIS C 133 -29.73 -7.55 14.97
CA HIS C 133 -30.66 -8.11 14.00
C HIS C 133 -31.78 -8.84 14.73
N LEU C 134 -32.82 -9.18 13.96
CA LEU C 134 -33.91 -10.02 14.46
C LEU C 134 -33.52 -11.50 14.37
N PRO C 135 -34.10 -12.33 15.24
CA PRO C 135 -33.80 -13.77 15.16
C PRO C 135 -34.29 -14.35 13.84
N ILE C 136 -33.50 -15.27 13.29
CA ILE C 136 -33.77 -15.87 11.98
C ILE C 136 -33.94 -17.36 12.16
N ILE C 137 -35.08 -17.88 11.73
CA ILE C 137 -35.39 -19.31 11.76
C ILE C 137 -35.38 -19.80 10.32
N ALA C 138 -34.33 -20.52 9.93
CA ALA C 138 -34.16 -20.99 8.57
C ALA C 138 -34.87 -22.33 8.39
N LEU C 139 -35.66 -22.43 7.32
CA LEU C 139 -36.35 -23.67 6.95
C LEU C 139 -36.08 -23.96 5.48
N PRO C 140 -34.94 -24.59 5.17
CA PRO C 140 -34.62 -24.88 3.77
C PRO C 140 -35.58 -25.90 3.19
N THR C 141 -35.95 -25.69 1.92
CA THR C 141 -36.84 -26.60 1.21
C THR C 141 -36.13 -27.39 0.12
N THR C 142 -34.81 -27.23 -0.01
CA THR C 142 -34.03 -28.03 -0.94
C THR C 142 -32.91 -28.71 -0.18
N ALA C 143 -32.40 -29.81 -0.75
CA ALA C 143 -31.28 -30.56 -0.18
C ALA C 143 -30.24 -30.79 -1.28
N GLY C 144 -29.41 -29.79 -1.53
CA GLY C 144 -29.46 -28.54 -0.80
C GLY C 144 -28.29 -27.62 -1.11
N THR C 145 -28.15 -26.55 -0.34
CA THR C 145 -27.07 -25.59 -0.52
C THR C 145 -26.34 -25.22 0.76
N GLY C 146 -26.83 -25.66 1.92
CA GLY C 146 -26.19 -25.29 3.17
C GLY C 146 -26.29 -23.83 3.55
N SER C 147 -27.12 -23.06 2.84
CA SER C 147 -27.29 -21.64 3.17
C SER C 147 -27.96 -21.42 4.51
N GLU C 148 -28.44 -22.48 5.17
CA GLU C 148 -29.10 -22.34 6.46
C GLU C 148 -28.12 -22.31 7.64
N VAL C 149 -26.83 -22.54 7.39
CA VAL C 149 -25.82 -22.52 8.43
C VAL C 149 -24.67 -21.57 8.11
N THR C 150 -24.72 -20.88 6.97
CA THR C 150 -23.70 -19.91 6.61
C THR C 150 -24.19 -18.51 6.89
N CYS C 151 -23.25 -17.58 7.00
CA CYS C 151 -23.54 -16.18 7.28
C CYS C 151 -23.47 -15.31 6.03
N VAL C 152 -23.26 -15.91 4.86
CA VAL C 152 -23.13 -15.15 3.62
C VAL C 152 -24.52 -14.84 3.08
N SER C 153 -24.59 -13.77 2.28
CA SER C 153 -25.84 -13.37 1.63
C SER C 153 -25.48 -12.76 0.29
N VAL C 154 -25.84 -13.44 -0.80
CA VAL C 154 -25.47 -13.01 -2.14
C VAL C 154 -26.62 -12.19 -2.70
N LEU C 155 -26.53 -10.87 -2.57
CA LEU C 155 -27.50 -9.96 -3.15
C LEU C 155 -27.05 -9.52 -4.54
N THR C 156 -27.96 -8.89 -5.26
CA THR C 156 -27.70 -8.40 -6.61
C THR C 156 -28.39 -7.06 -6.81
N ASN C 157 -27.69 -6.12 -7.44
CA ASN C 157 -28.26 -4.82 -7.79
C ASN C 157 -28.46 -4.81 -9.31
N ARG C 158 -29.69 -5.08 -9.73
CA ARG C 158 -29.99 -5.12 -11.16
C ARG C 158 -29.83 -3.76 -11.82
N LYS C 159 -30.01 -2.68 -11.06
CA LYS C 159 -29.80 -1.33 -11.59
C LYS C 159 -28.33 -1.02 -11.83
N LEU C 160 -27.41 -1.85 -11.34
CA LEU C 160 -25.98 -1.65 -11.56
C LEU C 160 -25.27 -2.90 -12.07
N GLY C 161 -25.98 -4.02 -12.24
CA GLY C 161 -25.35 -5.22 -12.75
C GLY C 161 -24.31 -5.81 -11.82
N LYS C 162 -24.44 -5.58 -10.52
CA LYS C 162 -23.48 -6.05 -9.53
C LYS C 162 -24.10 -7.19 -8.73
N LYS C 163 -23.36 -8.28 -8.57
CA LYS C 163 -23.80 -9.44 -7.78
C LYS C 163 -22.63 -9.88 -6.90
N ALA C 164 -22.59 -9.35 -5.67
CA ALA C 164 -21.53 -9.63 -4.73
C ALA C 164 -22.12 -10.03 -3.39
N PRO C 165 -21.52 -11.01 -2.70
CA PRO C 165 -22.04 -11.44 -1.40
C PRO C 165 -21.74 -10.43 -0.30
N ILE C 166 -22.45 -10.60 0.82
CA ILE C 166 -22.28 -9.76 2.00
C ILE C 166 -22.04 -10.68 3.20
N VAL C 167 -20.95 -10.44 3.93
CA VAL C 167 -20.56 -11.25 5.06
C VAL C 167 -20.87 -10.49 6.35
N SER C 168 -21.51 -11.17 7.30
CA SER C 168 -21.84 -10.56 8.59
C SER C 168 -22.16 -11.66 9.58
N ASP C 169 -21.52 -11.60 10.76
CA ASP C 169 -21.77 -12.58 11.81
C ASP C 169 -23.15 -12.44 12.43
N GLY C 170 -23.89 -11.37 12.10
CA GLY C 170 -25.28 -11.28 12.51
C GLY C 170 -26.23 -12.05 11.63
N PHE C 171 -25.82 -12.39 10.41
CA PHE C 171 -26.67 -13.12 9.48
C PHE C 171 -26.84 -14.59 9.86
N PHE C 172 -26.07 -15.07 10.83
CA PHE C 172 -26.18 -16.46 11.24
C PHE C 172 -27.57 -16.75 11.80
N PRO C 173 -28.29 -17.73 11.27
CA PRO C 173 -29.62 -18.04 11.81
C PRO C 173 -29.53 -18.57 13.23
N SER C 174 -30.60 -18.32 13.98
CA SER C 174 -30.66 -18.84 15.35
C SER C 174 -30.91 -20.33 15.36
N VAL C 175 -31.92 -20.78 14.63
CA VAL C 175 -32.29 -22.19 14.54
C VAL C 175 -32.47 -22.55 13.07
N ALA C 176 -31.92 -23.68 12.67
CA ALA C 176 -32.08 -24.20 11.31
C ALA C 176 -32.94 -25.46 11.39
N ILE C 177 -34.20 -25.34 10.99
CA ILE C 177 -35.13 -26.46 11.01
C ILE C 177 -35.04 -27.17 9.66
N VAL C 178 -34.49 -28.38 9.66
CA VAL C 178 -34.30 -29.15 8.43
C VAL C 178 -35.41 -30.21 8.38
N ASP C 179 -36.52 -29.85 7.74
CA ASP C 179 -37.66 -30.75 7.59
C ASP C 179 -37.63 -31.39 6.21
N PRO C 180 -37.50 -32.71 6.10
CA PRO C 180 -37.48 -33.34 4.77
C PRO C 180 -38.80 -33.27 4.03
N GLU C 181 -39.91 -33.02 4.74
CA GLU C 181 -41.20 -32.93 4.08
C GLU C 181 -41.25 -31.75 3.12
N LEU C 182 -40.56 -30.65 3.47
CA LEU C 182 -40.51 -29.49 2.58
C LEU C 182 -39.75 -29.78 1.30
N THR C 183 -38.95 -30.84 1.26
CA THR C 183 -38.22 -31.22 0.06
C THR C 183 -38.95 -32.27 -0.78
N TYR C 184 -40.07 -32.79 -0.30
CA TYR C 184 -40.86 -33.72 -1.11
C TYR C 184 -41.32 -33.08 -2.40
N SER C 185 -41.54 -31.77 -2.40
CA SER C 185 -42.13 -31.06 -3.53
C SER C 185 -41.12 -30.70 -4.62
N VAL C 186 -39.83 -30.92 -4.39
CA VAL C 186 -38.80 -30.52 -5.35
C VAL C 186 -38.90 -31.40 -6.59
N PRO C 187 -38.93 -30.83 -7.79
CA PRO C 187 -39.02 -31.64 -9.02
C PRO C 187 -37.74 -32.42 -9.24
N PRO C 188 -37.80 -33.52 -10.00
CA PRO C 188 -36.61 -34.36 -10.18
C PRO C 188 -35.43 -33.63 -10.82
N LYS C 189 -35.67 -32.66 -11.71
CA LYS C 189 -34.54 -31.97 -12.34
C LYS C 189 -33.82 -31.07 -11.35
N ILE C 190 -34.56 -30.40 -10.48
CA ILE C 190 -33.93 -29.59 -9.43
C ILE C 190 -33.33 -30.48 -8.36
N THR C 191 -33.95 -31.62 -8.08
CA THR C 191 -33.42 -32.55 -7.08
C THR C 191 -32.03 -33.03 -7.46
N ALA C 192 -31.86 -33.45 -8.72
CA ALA C 192 -30.53 -33.90 -9.16
C ALA C 192 -29.52 -32.77 -9.14
N SER C 193 -29.96 -31.55 -9.44
CA SER C 193 -29.04 -30.40 -9.41
C SER C 193 -28.60 -30.08 -7.99
N THR C 194 -29.57 -29.90 -7.09
CA THR C 194 -29.23 -29.64 -5.69
C THR C 194 -28.45 -30.80 -5.08
N GLY C 195 -28.65 -32.02 -5.59
CA GLY C 195 -27.89 -33.15 -5.08
C GLY C 195 -26.42 -33.10 -5.48
N MET C 196 -26.14 -32.78 -6.74
CA MET C 196 -24.77 -32.56 -7.17
C MET C 196 -24.13 -31.38 -6.46
N ASP C 197 -24.94 -30.46 -5.94
CA ASP C 197 -24.40 -29.36 -5.15
C ASP C 197 -23.88 -29.85 -3.80
N VAL C 198 -24.51 -30.88 -3.24
CA VAL C 198 -24.06 -31.42 -1.97
C VAL C 198 -22.79 -32.25 -2.16
N LEU C 199 -22.75 -33.06 -3.22
CA LEU C 199 -21.54 -33.83 -3.50
C LEU C 199 -20.36 -32.93 -3.81
N SER C 200 -20.61 -31.76 -4.39
CA SER C 200 -19.52 -30.82 -4.64
C SER C 200 -19.04 -30.18 -3.36
N GLN C 201 -19.97 -29.64 -2.56
CA GLN C 201 -19.58 -29.02 -1.29
C GLN C 201 -18.89 -30.01 -0.36
N ALA C 202 -19.22 -31.30 -0.46
CA ALA C 202 -18.61 -32.27 0.42
C ALA C 202 -17.16 -32.55 0.01
N ILE C 203 -16.94 -32.91 -1.25
CA ILE C 203 -15.59 -33.25 -1.71
C ILE C 203 -14.70 -32.02 -1.72
N GLU C 204 -15.21 -30.89 -2.22
CA GLU C 204 -14.40 -29.68 -2.24
C GLU C 204 -14.09 -29.19 -0.84
N GLY C 205 -15.07 -29.25 0.06
CA GLY C 205 -14.83 -28.87 1.44
C GLY C 205 -13.85 -29.76 2.17
N PHE C 206 -13.47 -30.90 1.57
CA PHE C 206 -12.51 -31.81 2.17
C PHE C 206 -11.09 -31.48 1.71
N TRP C 207 -10.84 -31.47 0.40
CA TRP C 207 -9.50 -31.31 -0.14
C TRP C 207 -9.05 -29.85 -0.19
N SER C 208 -9.84 -28.92 0.34
CA SER C 208 -9.45 -27.52 0.32
C SER C 208 -8.21 -27.28 1.17
N LYS C 209 -7.50 -26.19 0.87
CA LYS C 209 -6.30 -25.86 1.62
C LYS C 209 -6.61 -25.60 3.09
N GLY C 210 -7.70 -24.88 3.36
CA GLY C 210 -8.08 -24.58 4.72
C GLY C 210 -8.93 -25.67 5.36
N HIS C 211 -8.53 -26.93 5.18
CA HIS C 211 -9.27 -28.04 5.74
C HIS C 211 -9.02 -28.17 7.24
N GLN C 212 -9.85 -28.99 7.89
CA GLN C 212 -9.74 -29.24 9.32
C GLN C 212 -10.44 -30.57 9.61
N PRO C 213 -10.06 -31.26 10.69
CA PRO C 213 -10.58 -32.63 10.88
C PRO C 213 -12.08 -32.69 11.17
N ILE C 214 -12.62 -31.73 11.89
CA ILE C 214 -14.05 -31.76 12.20
C ILE C 214 -14.88 -31.69 10.92
N CYS C 215 -14.54 -30.74 10.05
CA CYS C 215 -15.28 -30.60 8.79
C CYS C 215 -15.03 -31.79 7.86
N ASP C 216 -13.84 -32.40 7.93
CA ASP C 216 -13.56 -33.58 7.11
C ASP C 216 -14.43 -34.76 7.52
N SER C 217 -14.72 -34.89 8.82
CA SER C 217 -15.62 -35.94 9.27
C SER C 217 -16.99 -35.80 8.64
N CYS C 218 -17.47 -34.56 8.49
CA CYS C 218 -18.74 -34.30 7.83
C CYS C 218 -18.65 -34.36 6.32
N ALA C 219 -17.44 -34.35 5.75
CA ALA C 219 -17.30 -34.41 4.30
C ALA C 219 -17.47 -35.83 3.79
N ALA C 220 -16.77 -36.80 4.40
CA ALA C 220 -16.86 -38.17 3.94
C ALA C 220 -18.22 -38.77 4.24
N HIS C 221 -18.89 -38.31 5.31
CA HIS C 221 -20.20 -38.84 5.64
C HIS C 221 -21.26 -38.37 4.65
N ALA C 222 -21.30 -37.06 4.38
CA ALA C 222 -22.26 -36.53 3.43
C ALA C 222 -22.02 -37.06 2.03
N ALA C 223 -20.75 -37.23 1.65
CA ALA C 223 -20.43 -37.72 0.31
C ALA C 223 -20.95 -39.13 0.11
N LYS C 224 -20.81 -39.99 1.12
CA LYS C 224 -21.24 -41.38 0.99
C LYS C 224 -22.76 -41.47 0.84
N LEU C 225 -23.50 -40.54 1.45
CA LEU C 225 -24.96 -40.58 1.35
C LEU C 225 -25.44 -40.19 -0.05
N VAL C 226 -24.75 -39.27 -0.71
CA VAL C 226 -25.23 -38.79 -2.01
C VAL C 226 -25.09 -39.87 -3.07
N PHE C 227 -24.01 -40.66 -3.02
CA PHE C 227 -23.82 -41.71 -4.01
C PHE C 227 -24.93 -42.74 -3.98
N LYS C 228 -25.54 -42.96 -2.82
CA LYS C 228 -26.52 -44.03 -2.64
C LYS C 228 -27.96 -43.56 -2.82
N TYR C 229 -28.31 -42.41 -2.26
CA TYR C 229 -29.71 -42.00 -2.18
C TYR C 229 -30.13 -40.99 -3.24
N LEU C 230 -29.18 -40.22 -3.80
CA LEU C 230 -29.55 -39.24 -4.82
C LEU C 230 -30.21 -39.87 -6.04
N PRO C 231 -29.71 -40.98 -6.61
CA PRO C 231 -30.47 -41.62 -7.71
C PRO C 231 -31.87 -42.03 -7.31
N ILE C 232 -32.09 -42.35 -6.04
CA ILE C 232 -33.42 -42.77 -5.61
C ILE C 232 -34.37 -41.59 -5.58
N ALA C 233 -33.87 -40.41 -5.19
CA ALA C 233 -34.74 -39.24 -5.10
C ALA C 233 -35.14 -38.72 -6.48
N VAL C 234 -34.28 -38.91 -7.49
CA VAL C 234 -34.62 -38.47 -8.83
C VAL C 234 -35.72 -39.35 -9.41
N ALA C 235 -35.62 -40.67 -9.19
CA ALA C 235 -36.60 -41.60 -9.75
C ALA C 235 -37.85 -41.70 -8.88
N GLU C 236 -37.69 -41.72 -7.55
CA GLU C 236 -38.80 -41.80 -6.61
C GLU C 236 -38.87 -40.50 -5.82
N PRO C 237 -39.56 -39.48 -6.33
CA PRO C 237 -39.58 -38.18 -5.62
C PRO C 237 -40.26 -38.24 -4.27
N HIS C 238 -41.20 -39.16 -4.05
CA HIS C 238 -41.91 -39.26 -2.78
C HIS C 238 -41.34 -40.35 -1.88
N ASN C 239 -40.17 -40.88 -2.21
CA ASN C 239 -39.49 -41.83 -1.33
C ASN C 239 -39.02 -41.11 -0.07
N GLU C 240 -39.73 -41.31 1.04
CA GLU C 240 -39.43 -40.56 2.26
C GLU C 240 -38.03 -40.84 2.79
N GLU C 241 -37.51 -42.05 2.56
CA GLU C 241 -36.16 -42.37 3.04
C GLU C 241 -35.10 -41.58 2.29
N ALA C 242 -35.14 -41.63 0.95
CA ALA C 242 -34.13 -40.93 0.15
C ALA C 242 -34.18 -39.42 0.38
N ARG C 243 -35.37 -38.88 0.66
CA ARG C 243 -35.47 -37.46 0.94
C ARG C 243 -34.81 -37.10 2.26
N GLU C 244 -34.96 -37.96 3.27
CA GLU C 244 -34.39 -37.66 4.59
C GLU C 244 -32.88 -37.79 4.58
N LYS C 245 -32.34 -38.75 3.83
CA LYS C 245 -30.89 -38.91 3.77
C LYS C 245 -30.24 -37.82 2.95
N MET C 246 -30.92 -37.31 1.91
CA MET C 246 -30.37 -36.19 1.16
C MET C 246 -30.36 -34.91 2.00
N CYS C 247 -31.44 -34.67 2.76
CA CYS C 247 -31.43 -33.58 3.73
C CYS C 247 -30.34 -33.78 4.77
N GLU C 248 -30.08 -35.02 5.15
CA GLU C 248 -29.03 -35.31 6.13
C GLU C 248 -27.65 -34.94 5.58
N ALA C 249 -27.35 -35.40 4.37
CA ALA C 249 -26.08 -35.05 3.73
C ALA C 249 -26.01 -33.58 3.33
N SER C 250 -27.15 -32.94 3.10
CA SER C 250 -27.13 -31.53 2.70
C SER C 250 -26.64 -30.64 3.85
N VAL C 251 -27.36 -30.65 4.97
CA VAL C 251 -27.01 -29.78 6.08
C VAL C 251 -25.65 -30.16 6.68
N ILE C 252 -25.27 -31.44 6.57
CA ILE C 252 -23.96 -31.87 7.08
C ILE C 252 -22.85 -31.37 6.16
N ALA C 253 -23.08 -31.40 4.84
CA ALA C 253 -22.11 -30.81 3.93
C ALA C 253 -22.08 -29.29 4.07
N GLY C 254 -23.19 -28.68 4.48
CA GLY C 254 -23.20 -27.25 4.73
C GLY C 254 -22.30 -26.82 5.87
N LEU C 255 -21.99 -27.74 6.79
CA LEU C 255 -21.04 -27.45 7.85
C LEU C 255 -19.60 -27.63 7.39
N ALA C 256 -19.37 -28.54 6.45
CA ALA C 256 -18.02 -28.87 6.02
C ALA C 256 -17.41 -27.84 5.08
N PHE C 257 -18.19 -26.86 4.61
CA PHE C 257 -17.70 -25.86 3.69
C PHE C 257 -17.83 -24.43 4.22
N THR C 258 -18.46 -24.23 5.38
CA THR C 258 -18.63 -22.88 5.90
C THR C 258 -17.29 -22.27 6.31
N LEU C 259 -16.36 -23.09 6.81
CA LEU C 259 -15.06 -22.59 7.25
C LEU C 259 -13.95 -22.91 6.24
N PRO C 260 -13.84 -24.14 5.73
CA PRO C 260 -12.78 -24.41 4.73
C PRO C 260 -13.06 -23.80 3.36
N LYS C 261 -14.30 -23.39 3.08
CA LYS C 261 -14.69 -22.81 1.79
C LYS C 261 -14.56 -23.83 0.66
N THR C 262 -14.99 -23.45 -0.54
CA THR C 262 -14.99 -24.33 -1.70
C THR C 262 -13.75 -24.08 -2.56
N THR C 263 -13.58 -24.93 -3.59
CA THR C 263 -12.33 -24.97 -4.34
C THR C 263 -12.61 -24.59 -5.78
N SER C 264 -12.23 -25.43 -6.75
CA SER C 264 -12.18 -25.10 -8.18
C SER C 264 -13.51 -25.26 -8.90
N SER C 265 -14.25 -26.34 -8.64
CA SER C 265 -15.51 -26.56 -9.36
C SER C 265 -16.53 -25.49 -9.03
N HIS C 266 -16.49 -24.94 -7.81
CA HIS C 266 -17.36 -23.83 -7.46
C HIS C 266 -16.89 -22.51 -8.03
N ALA C 267 -15.61 -22.39 -8.38
CA ALA C 267 -15.11 -21.18 -9.02
C ALA C 267 -15.42 -21.19 -10.53
N CYS C 268 -15.28 -22.34 -11.17
CA CYS C 268 -15.64 -22.46 -12.58
C CYS C 268 -17.14 -22.47 -12.81
N SER C 269 -17.94 -22.72 -11.77
CA SER C 269 -19.39 -22.78 -11.94
C SER C 269 -19.99 -21.39 -12.14
N PHE C 270 -19.38 -20.36 -11.56
CA PHE C 270 -19.94 -19.02 -11.67
C PHE C 270 -20.05 -18.54 -13.12
N PRO C 271 -19.01 -18.65 -13.96
CA PRO C 271 -19.23 -18.31 -15.37
C PRO C 271 -20.16 -19.28 -16.08
N LEU C 272 -20.14 -20.56 -15.71
CA LEU C 272 -21.04 -21.53 -16.33
C LEU C 272 -22.51 -21.22 -16.06
N THR C 273 -22.82 -20.51 -14.98
CA THR C 273 -24.20 -20.21 -14.63
C THR C 273 -24.66 -18.87 -15.20
N ASN C 274 -23.86 -17.82 -15.02
CA ASN C 274 -24.29 -16.49 -15.44
C ASN C 274 -24.24 -16.34 -16.96
N ILE C 275 -23.26 -16.96 -17.61
CA ILE C 275 -23.07 -16.81 -19.04
C ILE C 275 -23.87 -17.84 -19.83
N HIS C 276 -23.91 -19.09 -19.37
CA HIS C 276 -24.50 -20.17 -20.12
C HIS C 276 -25.76 -20.74 -19.47
N GLY C 277 -26.25 -20.12 -18.40
CA GLY C 277 -27.50 -20.51 -17.80
C GLY C 277 -27.53 -21.89 -17.19
N ILE C 278 -26.40 -22.60 -17.17
CA ILE C 278 -26.34 -23.91 -16.51
C ILE C 278 -26.61 -23.73 -15.02
N PRO C 279 -27.48 -24.53 -14.42
CA PRO C 279 -27.78 -24.36 -12.99
C PRO C 279 -26.54 -24.56 -12.12
N HIS C 280 -26.57 -23.94 -10.95
CA HIS C 280 -25.40 -23.95 -10.07
C HIS C 280 -24.99 -25.36 -9.68
N GLY C 281 -25.97 -26.21 -9.35
CA GLY C 281 -25.65 -27.57 -8.96
C GLY C 281 -25.09 -28.39 -10.11
N GLU C 282 -25.64 -28.19 -11.32
CA GLU C 282 -25.17 -28.93 -12.48
C GLU C 282 -23.84 -28.41 -13.00
N ALA C 283 -23.52 -27.14 -12.74
CA ALA C 283 -22.23 -26.60 -13.20
C ALA C 283 -21.09 -27.13 -12.34
N CYS C 284 -21.27 -27.22 -11.03
CA CYS C 284 -20.22 -27.75 -10.17
C CYS C 284 -19.96 -29.22 -10.47
N GLY C 285 -21.02 -30.02 -10.61
CA GLY C 285 -20.85 -31.43 -10.94
C GLY C 285 -20.19 -31.68 -12.28
N LEU C 286 -20.29 -30.72 -13.21
CA LEU C 286 -19.68 -30.91 -14.52
C LEU C 286 -18.15 -30.92 -14.43
N THR C 287 -17.58 -30.21 -13.45
CA THR C 287 -16.14 -30.17 -13.26
C THR C 287 -15.67 -30.88 -12.01
N LEU C 288 -16.59 -31.42 -11.19
CA LEU C 288 -16.19 -32.06 -9.94
C LEU C 288 -15.39 -33.32 -10.20
N ASP C 289 -15.76 -34.10 -11.21
CA ASP C 289 -15.02 -35.31 -11.54
C ASP C 289 -13.72 -35.02 -12.27
N TYR C 290 -13.60 -33.85 -12.92
CA TYR C 290 -12.37 -33.50 -13.61
C TYR C 290 -11.28 -33.10 -12.63
N PHE C 291 -11.62 -32.26 -11.64
CA PHE C 291 -10.64 -31.86 -10.64
C PHE C 291 -10.33 -32.96 -9.64
N ALA C 292 -11.19 -33.98 -9.54
CA ALA C 292 -10.87 -35.12 -8.69
C ALA C 292 -9.70 -35.91 -9.26
N ARG C 293 -9.61 -36.02 -10.58
CA ARG C 293 -8.47 -36.68 -11.20
C ARG C 293 -7.20 -35.84 -11.14
N ILE C 294 -7.33 -34.54 -10.89
CA ILE C 294 -6.16 -33.69 -10.76
C ILE C 294 -5.64 -33.69 -9.33
N ASN C 295 -6.53 -33.61 -8.35
CA ASN C 295 -6.15 -33.56 -6.94
C ASN C 295 -6.04 -34.94 -6.31
N LYS C 296 -5.89 -36.00 -7.12
CA LYS C 296 -5.88 -37.35 -6.56
C LYS C 296 -4.62 -37.61 -5.76
N ASP C 297 -3.47 -37.18 -6.26
CA ASP C 297 -2.21 -37.40 -5.56
C ASP C 297 -1.71 -36.10 -4.95
N ALA C 298 -2.53 -35.49 -4.10
CA ALA C 298 -2.19 -34.23 -3.46
C ALA C 298 -2.28 -34.39 -1.95
N GLN C 299 -1.58 -33.49 -1.25
CA GLN C 299 -1.58 -33.45 0.22
C GLN C 299 -1.13 -34.79 0.81
N HIS C 300 -0.06 -35.36 0.23
CA HIS C 300 0.53 -36.61 0.70
C HIS C 300 -0.50 -37.74 0.70
N GLY C 301 -1.18 -37.91 -0.43
CA GLY C 301 -2.14 -38.98 -0.57
C GLY C 301 -3.38 -38.86 0.29
N ARG C 302 -3.70 -37.65 0.75
CA ARG C 302 -4.86 -37.48 1.61
C ARG C 302 -6.16 -37.70 0.85
N VAL C 303 -6.22 -37.28 -0.42
CA VAL C 303 -7.42 -37.51 -1.22
C VAL C 303 -7.55 -39.00 -1.57
N GLN C 304 -6.42 -39.71 -1.69
CA GLN C 304 -6.49 -41.14 -1.93
C GLN C 304 -7.12 -41.88 -0.77
N GLU C 305 -7.01 -41.34 0.44
CA GLU C 305 -7.67 -41.93 1.59
C GLU C 305 -9.15 -41.58 1.65
N PHE C 306 -9.54 -40.44 1.08
CA PHE C 306 -10.95 -40.06 1.07
C PHE C 306 -11.78 -41.02 0.23
N ALA C 307 -11.24 -41.46 -0.91
CA ALA C 307 -11.94 -42.43 -1.73
C ALA C 307 -12.07 -43.76 -1.01
N ARG C 308 -10.99 -44.23 -0.38
CA ARG C 308 -11.06 -45.49 0.37
C ARG C 308 -11.92 -45.35 1.62
N GLY C 309 -12.07 -44.14 2.15
CA GLY C 309 -12.89 -43.97 3.34
C GLY C 309 -14.37 -44.12 3.07
N ILE C 310 -14.82 -43.76 1.87
CA ILE C 310 -16.24 -43.89 1.51
C ILE C 310 -16.53 -45.17 0.73
N GLY C 311 -15.50 -45.93 0.34
CA GLY C 311 -15.72 -47.20 -0.30
C GLY C 311 -15.33 -47.25 -1.76
N PHE C 312 -14.16 -46.70 -2.10
CA PHE C 312 -13.64 -46.75 -3.46
C PHE C 312 -12.20 -47.24 -3.45
N LYS C 313 -11.79 -47.85 -4.56
CA LYS C 313 -10.41 -48.34 -4.66
C LYS C 313 -9.42 -47.19 -4.66
N ASP C 314 -9.75 -46.11 -5.37
CA ASP C 314 -8.91 -44.93 -5.43
C ASP C 314 -9.74 -43.78 -5.96
N VAL C 315 -9.09 -42.63 -6.17
CA VAL C 315 -9.83 -41.45 -6.63
C VAL C 315 -10.31 -41.64 -8.07
N ASP C 316 -9.51 -42.30 -8.91
CA ASP C 316 -9.95 -42.57 -10.28
C ASP C 316 -11.21 -43.40 -10.32
N ALA C 317 -11.38 -44.33 -9.36
CA ALA C 317 -12.63 -45.07 -9.26
C ALA C 317 -13.76 -44.17 -8.77
N MET C 318 -13.45 -43.19 -7.91
CA MET C 318 -14.46 -42.25 -7.48
C MET C 318 -14.86 -41.29 -8.60
N ALA C 319 -13.91 -40.93 -9.46
CA ALA C 319 -14.24 -40.06 -10.59
C ALA C 319 -15.20 -40.74 -11.54
N ASP C 320 -15.02 -42.04 -11.78
CA ASP C 320 -15.93 -42.78 -12.65
C ASP C 320 -17.31 -42.91 -12.02
N ALA C 321 -17.38 -42.98 -10.69
CA ALA C 321 -18.69 -43.03 -10.04
C ALA C 321 -19.40 -41.70 -10.16
N ILE C 322 -18.66 -40.60 -10.07
CA ILE C 322 -19.28 -39.27 -10.26
C ILE C 322 -19.74 -39.11 -11.70
N HIS C 323 -18.95 -39.59 -12.66
CA HIS C 323 -19.37 -39.52 -14.06
C HIS C 323 -20.60 -40.37 -14.31
N ASP C 324 -20.61 -41.61 -13.79
CA ASP C 324 -21.76 -42.48 -13.97
C ASP C 324 -22.98 -41.96 -13.21
N LEU C 325 -22.77 -41.26 -12.09
CA LEU C 325 -23.89 -40.71 -11.35
C LEU C 325 -24.63 -39.66 -12.15
N LYS C 326 -23.89 -38.76 -12.80
CA LYS C 326 -24.53 -37.70 -13.59
C LYS C 326 -25.28 -38.28 -14.77
N VAL C 327 -24.74 -39.33 -15.40
CA VAL C 327 -25.41 -39.96 -16.53
C VAL C 327 -26.75 -40.53 -16.11
N ARG C 328 -26.81 -41.13 -14.91
CA ARG C 328 -28.04 -41.79 -14.48
C ARG C 328 -29.14 -40.80 -14.14
N ILE C 329 -28.78 -39.61 -13.64
CA ILE C 329 -29.77 -38.64 -13.19
C ILE C 329 -29.97 -37.50 -14.18
N GLY C 330 -29.20 -37.46 -15.26
CA GLY C 330 -29.40 -36.46 -16.29
C GLY C 330 -28.64 -35.17 -16.12
N MET C 331 -27.48 -35.21 -15.46
CA MET C 331 -26.65 -34.03 -15.30
C MET C 331 -25.58 -33.99 -16.39
N ARG C 332 -25.08 -32.78 -16.65
CA ARG C 332 -24.17 -32.56 -17.76
C ARG C 332 -22.82 -33.24 -17.51
N THR C 333 -22.33 -33.95 -18.51
CA THR C 333 -20.98 -34.49 -18.49
C THR C 333 -20.05 -33.80 -19.48
N GLY C 334 -20.60 -33.03 -20.42
CA GLY C 334 -19.80 -32.28 -21.37
C GLY C 334 -20.44 -30.97 -21.77
N LEU C 335 -19.96 -30.36 -22.85
CA LEU C 335 -20.47 -29.07 -23.32
C LEU C 335 -20.50 -28.98 -24.84
N LYS C 336 -20.56 -30.12 -25.53
CA LYS C 336 -20.50 -30.09 -26.99
C LYS C 336 -21.72 -29.40 -27.59
N ASP C 337 -22.88 -29.50 -26.94
CA ASP C 337 -24.11 -28.94 -27.49
C ASP C 337 -24.10 -27.42 -27.52
N LEU C 338 -23.20 -26.78 -26.79
CA LEU C 338 -23.15 -25.31 -26.78
C LEU C 338 -22.41 -24.74 -27.98
N ASN C 339 -21.71 -25.58 -28.75
CA ASN C 339 -20.93 -25.14 -29.91
C ASN C 339 -20.04 -23.96 -29.56
N LEU C 340 -19.24 -24.14 -28.50
CA LEU C 340 -18.41 -23.06 -28.00
C LEU C 340 -17.31 -22.71 -29.00
N THR C 341 -17.16 -21.42 -29.27
CA THR C 341 -16.09 -20.93 -30.12
C THR C 341 -14.79 -20.85 -29.34
N GLU C 342 -13.70 -20.52 -30.03
CA GLU C 342 -12.44 -20.33 -29.34
C GLU C 342 -12.46 -19.10 -28.44
N GLU C 343 -13.19 -18.06 -28.84
CA GLU C 343 -13.31 -16.88 -27.99
C GLU C 343 -14.13 -17.17 -26.74
N GLN C 344 -15.15 -18.02 -26.86
CA GLN C 344 -15.97 -18.35 -25.70
C GLN C 344 -15.22 -19.24 -24.71
N ILE C 345 -14.32 -20.09 -25.20
CA ILE C 345 -13.49 -20.88 -24.30
C ILE C 345 -12.51 -19.96 -23.55
N ALA C 346 -11.91 -19.01 -24.26
CA ALA C 346 -11.00 -18.07 -23.61
C ALA C 346 -11.70 -17.20 -22.58
N ASP C 347 -12.98 -16.88 -22.80
CA ASP C 347 -13.72 -16.13 -21.81
C ASP C 347 -13.96 -16.95 -20.55
N LEU C 348 -14.24 -18.25 -20.72
CA LEU C 348 -14.39 -19.12 -19.56
C LEU C 348 -13.13 -19.17 -18.72
N VAL C 349 -11.97 -19.23 -19.37
CA VAL C 349 -10.71 -19.28 -18.64
C VAL C 349 -10.50 -17.99 -17.85
N ARG C 350 -10.82 -16.84 -18.45
CA ARG C 350 -10.57 -15.55 -17.79
C ARG C 350 -11.47 -15.37 -16.57
N ILE C 351 -12.76 -15.73 -16.70
CA ILE C 351 -13.70 -15.48 -15.62
C ILE C 351 -13.67 -16.58 -14.55
N SER C 352 -13.10 -17.74 -14.85
CA SER C 352 -13.03 -18.80 -13.85
C SER C 352 -11.95 -18.55 -12.79
N ARG C 353 -11.27 -17.41 -12.84
CA ARG C 353 -10.22 -17.11 -11.87
C ARG C 353 -10.80 -16.51 -10.60
N HIS C 354 -11.87 -17.12 -10.09
CA HIS C 354 -12.47 -16.67 -8.84
C HIS C 354 -11.51 -16.88 -7.68
N PRO C 355 -11.69 -16.15 -6.57
CA PRO C 355 -10.79 -16.33 -5.42
C PRO C 355 -10.82 -17.74 -4.85
N ASN C 356 -11.94 -18.46 -4.98
CA ASN C 356 -12.02 -19.83 -4.47
C ASN C 356 -11.18 -20.81 -5.29
N LEU C 357 -10.72 -20.41 -6.48
CA LEU C 357 -9.90 -21.30 -7.29
C LEU C 357 -8.54 -21.54 -6.65
N TYR C 358 -8.08 -20.65 -5.78
CA TYR C 358 -6.78 -20.78 -5.13
C TYR C 358 -6.83 -21.65 -3.89
N ASN C 359 -8.02 -22.10 -3.48
CA ASN C 359 -8.15 -23.05 -2.38
C ASN C 359 -7.97 -24.50 -2.82
N ASN C 360 -7.84 -24.73 -4.12
CA ASN C 360 -7.57 -26.08 -4.62
C ASN C 360 -6.18 -26.52 -4.19
N PRO C 361 -6.02 -27.78 -3.76
CA PRO C 361 -4.67 -28.23 -3.34
C PRO C 361 -3.63 -28.13 -4.43
N VAL C 362 -3.99 -28.41 -5.67
CA VAL C 362 -3.10 -28.25 -6.82
C VAL C 362 -3.34 -26.88 -7.44
N GLU C 363 -2.26 -26.19 -7.79
CA GLU C 363 -2.39 -24.89 -8.44
C GLU C 363 -2.92 -25.07 -9.86
N ILE C 364 -4.03 -24.40 -10.16
CA ILE C 364 -4.68 -24.50 -11.46
C ILE C 364 -4.26 -23.28 -12.26
N THR C 365 -3.33 -23.48 -13.19
CA THR C 365 -2.84 -22.38 -14.01
C THR C 365 -3.82 -22.08 -15.14
N ASP C 366 -3.54 -20.99 -15.86
CA ASP C 366 -4.38 -20.63 -17.02
C ASP C 366 -4.28 -21.68 -18.12
N ASP C 367 -3.15 -22.39 -18.22
CA ASP C 367 -3.03 -23.44 -19.22
C ASP C 367 -3.82 -24.68 -18.82
N MET C 368 -4.01 -24.90 -17.53
CA MET C 368 -4.80 -26.06 -17.09
C MET C 368 -6.28 -25.84 -17.34
N LEU C 369 -6.79 -24.64 -17.06
CA LEU C 369 -8.19 -24.34 -17.31
C LEU C 369 -8.51 -24.42 -18.80
N ASP C 370 -7.56 -24.06 -19.67
CA ASP C 370 -7.81 -24.12 -21.10
C ASP C 370 -7.96 -25.57 -21.57
N THR C 371 -7.14 -26.49 -21.04
CA THR C 371 -7.24 -27.88 -21.44
C THR C 371 -8.57 -28.50 -21.01
N MET C 372 -9.04 -28.16 -19.81
CA MET C 372 -10.31 -28.70 -19.33
C MET C 372 -11.47 -28.23 -20.21
N TYR C 373 -11.53 -26.93 -20.48
CA TYR C 373 -12.66 -26.37 -21.24
C TYR C 373 -12.66 -26.86 -22.68
N HIS C 374 -11.49 -27.07 -23.27
CA HIS C 374 -11.48 -27.66 -24.60
C HIS C 374 -11.94 -29.12 -24.57
N TYR C 375 -11.64 -29.83 -23.49
CA TYR C 375 -12.15 -31.19 -23.34
C TYR C 375 -13.67 -31.19 -23.20
N LEU C 376 -14.19 -30.29 -22.35
CA LEU C 376 -15.64 -30.26 -22.10
C LEU C 376 -16.41 -29.83 -23.33
N ALA C 377 -15.89 -28.86 -24.08
CA ALA C 377 -16.56 -28.40 -25.29
C ALA C 377 -16.60 -29.44 -26.39
N SER C 378 -15.91 -30.57 -26.23
CA SER C 378 -15.90 -31.63 -27.22
C SER C 378 -16.48 -32.94 -26.67
N THR C 379 -17.31 -32.85 -25.64
CA THR C 379 -17.85 -34.03 -24.98
C THR C 379 -19.35 -33.84 -24.73
N ASP C 380 -20.08 -34.95 -24.76
CA ASP C 380 -21.51 -34.93 -24.52
C ASP C 380 -21.81 -35.17 -23.04
N GLY D 5 8.50 1.64 31.58
CA GLY D 5 8.56 2.87 32.32
C GLY D 5 7.88 4.04 31.63
N MET D 6 7.10 4.80 32.39
CA MET D 6 6.39 5.95 31.87
C MET D 6 7.29 7.18 31.92
N LEU D 7 7.37 7.90 30.80
CA LEU D 7 8.10 9.15 30.73
C LEU D 7 7.20 10.23 30.18
N TRP D 8 7.11 11.36 30.89
CA TRP D 8 6.23 12.44 30.48
C TRP D 8 6.62 13.71 31.22
N ASP D 9 6.25 14.85 30.64
CA ASP D 9 6.41 16.15 31.24
C ASP D 9 5.06 16.84 31.35
N TYR D 10 4.95 17.75 32.32
CA TYR D 10 3.71 18.50 32.54
C TYR D 10 4.07 19.95 32.81
N ALA D 11 3.62 20.84 31.93
CA ALA D 11 3.83 22.28 32.06
C ALA D 11 2.51 22.98 31.81
N GLN D 12 2.09 23.83 32.75
CA GLN D 12 0.81 24.52 32.66
C GLN D 12 0.92 25.86 33.36
N PRO D 13 1.57 26.84 32.73
CA PRO D 13 1.76 28.14 33.37
C PRO D 13 0.57 29.08 33.30
N VAL D 14 -0.59 28.62 32.86
CA VAL D 14 -1.75 29.48 32.66
C VAL D 14 -2.64 29.41 33.88
N THR D 15 -2.84 30.57 34.53
CA THR D 15 -3.76 30.66 35.66
C THR D 15 -5.19 30.78 35.14
N ILE D 16 -6.09 30.00 35.73
CA ILE D 16 -7.47 29.91 35.27
C ILE D 16 -8.37 30.50 36.34
N ARG D 17 -9.19 31.47 35.95
CA ARG D 17 -10.23 32.04 36.81
C ARG D 17 -11.57 31.68 36.18
N PHE D 18 -12.23 30.67 36.76
CA PHE D 18 -13.49 30.16 36.24
C PHE D 18 -14.65 30.62 37.12
N GLY D 19 -15.76 30.99 36.48
CA GLY D 19 -16.94 31.41 37.22
C GLY D 19 -17.86 32.33 36.46
N LYS D 20 -19.16 32.21 36.70
CA LYS D 20 -20.14 33.02 36.00
C LYS D 20 -20.02 34.48 36.43
N GLY D 21 -19.88 35.37 35.44
CA GLY D 21 -19.78 36.78 35.71
C GLY D 21 -18.42 37.28 36.15
N ARG D 22 -17.40 36.42 36.16
CA ARG D 22 -16.07 36.80 36.62
C ARG D 22 -15.28 37.60 35.58
N ALA D 23 -15.90 37.96 34.45
CA ALA D 23 -15.22 38.80 33.47
C ALA D 23 -14.98 40.20 34.00
N MET D 24 -15.80 40.65 34.96
CA MET D 24 -15.60 41.96 35.60
C MET D 24 -14.31 42.02 36.41
N GLU D 25 -13.69 40.88 36.70
CA GLU D 25 -12.54 40.82 37.60
C GLU D 25 -11.24 41.12 36.85
N ILE D 26 -11.34 41.87 35.75
CA ILE D 26 -10.11 42.33 35.08
C ILE D 26 -9.34 43.24 36.01
N LYS D 27 -10.03 44.19 36.66
CA LYS D 27 -9.37 45.09 37.60
C LYS D 27 -8.76 44.32 38.76
N ASP D 28 -9.47 43.29 39.25
CA ASP D 28 -8.95 42.48 40.36
C ASP D 28 -7.74 41.66 39.94
N ILE D 29 -7.68 41.24 38.67
CA ILE D 29 -6.51 40.53 38.18
C ILE D 29 -5.43 41.52 37.72
N ALA D 30 -5.82 42.67 37.19
CA ALA D 30 -4.84 43.62 36.68
C ALA D 30 -4.15 44.37 37.81
N GLU D 31 -4.91 44.77 38.84
CA GLU D 31 -4.32 45.53 39.95
C GLU D 31 -3.25 44.71 40.67
N ALA D 32 -3.57 43.44 40.99
CA ALA D 32 -2.63 42.53 41.69
C ALA D 32 -1.48 42.04 40.80
N MET D 33 -1.26 42.64 39.63
CA MET D 33 -0.21 42.18 38.72
C MET D 33 0.59 43.35 38.17
N GLY D 34 -0.11 44.32 37.58
CA GLY D 34 0.53 45.47 36.94
C GLY D 34 -0.37 46.23 35.99
N LEU D 35 -1.66 46.34 36.34
CA LEU D 35 -2.68 47.09 35.61
C LEU D 35 -2.17 48.40 35.02
N HIS D 36 -1.81 48.42 33.75
CA HIS D 36 -1.36 49.69 33.21
C HIS D 36 -1.37 49.70 31.69
N ASP D 37 -2.25 50.52 31.10
CA ASP D 37 -2.30 50.76 29.66
C ASP D 37 -2.45 49.47 28.85
N GLY D 38 -3.65 48.91 28.80
CA GLY D 38 -3.89 47.68 28.07
C GLY D 38 -4.58 47.90 26.73
N ILE D 39 -4.61 46.83 25.93
CA ILE D 39 -5.25 46.83 24.62
C ILE D 39 -6.17 45.62 24.53
N MET D 40 -7.43 45.84 24.15
CA MET D 40 -8.42 44.79 24.06
C MET D 40 -8.59 44.37 22.60
N VAL D 41 -8.24 43.13 22.29
CA VAL D 41 -8.38 42.58 20.94
C VAL D 41 -9.63 41.71 20.92
N THR D 42 -10.70 42.24 20.32
CA THR D 42 -11.99 41.58 20.29
C THR D 42 -12.61 41.75 18.92
N PRO D 43 -13.40 40.78 18.46
CA PRO D 43 -14.12 40.95 17.19
C PRO D 43 -15.12 42.09 17.26
N LYS D 44 -15.46 42.62 16.08
CA LYS D 44 -16.34 43.78 15.99
C LYS D 44 -17.74 43.53 16.52
N PHE D 45 -18.12 42.27 16.72
CA PHE D 45 -19.47 41.98 17.24
C PHE D 45 -19.62 42.46 18.67
N PHE D 46 -18.57 42.33 19.49
CA PHE D 46 -18.66 42.72 20.89
C PHE D 46 -18.60 44.23 21.09
N VAL D 47 -18.20 44.98 20.07
CA VAL D 47 -18.28 46.43 20.18
C VAL D 47 -19.67 46.92 19.80
N ASP D 48 -20.25 46.37 18.72
CA ASP D 48 -21.60 46.73 18.32
C ASP D 48 -22.65 46.27 19.32
N SER D 49 -22.31 45.32 20.19
CA SER D 49 -23.23 44.84 21.22
C SER D 49 -23.00 45.51 22.57
N GLY D 50 -22.01 46.39 22.67
CA GLY D 50 -21.72 47.06 23.92
C GLY D 50 -21.05 46.22 24.97
N GLU D 51 -20.86 44.92 24.71
CA GLU D 51 -20.23 44.06 25.71
C GLU D 51 -18.76 44.40 25.91
N ALA D 52 -18.12 44.97 24.89
CA ALA D 52 -16.70 45.33 25.00
C ALA D 52 -16.50 46.50 25.95
N GLN D 53 -17.31 47.55 25.80
CA GLN D 53 -17.22 48.71 26.68
C GLN D 53 -17.62 48.39 28.11
N ARG D 54 -18.47 47.38 28.31
CA ARG D 54 -18.88 47.02 29.66
C ARG D 54 -17.70 46.53 30.49
N LEU D 55 -16.80 45.76 29.87
CA LEU D 55 -15.63 45.25 30.57
C LEU D 55 -14.50 46.27 30.64
N ILE D 56 -14.53 47.30 29.79
CA ILE D 56 -13.54 48.37 29.91
C ILE D 56 -13.91 49.31 31.05
N ASP D 57 -15.20 49.60 31.21
CA ASP D 57 -15.65 50.41 32.34
C ASP D 57 -15.42 49.67 33.65
N ALA D 58 -15.69 48.36 33.68
CA ALA D 58 -15.46 47.58 34.88
C ALA D 58 -13.99 47.38 35.18
N SER D 59 -13.11 47.58 34.19
CA SER D 59 -11.67 47.48 34.37
C SER D 59 -11.06 48.77 34.93
N ASP D 60 -11.88 49.61 35.57
CA ASP D 60 -11.46 50.94 36.00
C ASP D 60 -10.87 51.71 34.82
N GLY D 61 -9.55 51.70 34.70
CA GLY D 61 -8.88 52.33 33.59
C GLY D 61 -7.75 51.48 33.05
N ALA D 62 -7.80 50.17 33.33
CA ALA D 62 -6.73 49.28 32.91
C ALA D 62 -6.63 49.19 31.40
N VAL D 63 -7.77 49.11 30.71
CA VAL D 63 -7.79 49.06 29.25
C VAL D 63 -8.02 50.48 28.74
N SER D 64 -7.61 50.72 27.49
CA SER D 64 -7.73 52.04 26.90
C SER D 64 -8.09 51.95 25.42
N THR D 65 -7.29 51.22 24.65
CA THR D 65 -7.49 51.10 23.21
C THR D 65 -8.04 49.72 22.86
N VAL D 66 -8.80 49.66 21.76
CA VAL D 66 -9.43 48.44 21.28
C VAL D 66 -9.01 48.19 19.84
N PHE D 67 -8.79 46.92 19.50
CA PHE D 67 -8.40 46.51 18.16
C PHE D 67 -9.39 45.47 17.64
N THR D 68 -9.90 45.68 16.43
CA THR D 68 -10.91 44.79 15.85
C THR D 68 -10.59 44.36 14.43
N ASP D 69 -9.53 44.86 13.81
CA ASP D 69 -9.25 44.63 12.40
C ASP D 69 -8.54 43.28 12.24
N PHE D 70 -9.34 42.21 12.19
CA PHE D 70 -8.81 40.88 11.90
C PHE D 70 -9.95 40.00 11.42
N SER D 71 -9.61 39.03 10.57
CA SER D 71 -10.55 38.10 9.98
C SER D 71 -10.72 36.87 10.85
N PRO D 72 -11.80 36.09 10.65
CA PRO D 72 -11.93 34.83 11.40
C PRO D 72 -10.76 33.89 11.21
N ASN D 73 -9.98 34.04 10.15
CA ASN D 73 -8.69 33.37 10.02
C ASN D 73 -7.62 34.44 9.89
N PRO D 74 -6.73 34.58 10.87
CA PRO D 74 -5.87 35.75 10.94
C PRO D 74 -4.89 35.84 9.77
N ASP D 75 -4.29 37.01 9.63
CA ASP D 75 -3.26 37.28 8.64
C ASP D 75 -2.07 37.95 9.31
N VAL D 76 -0.91 37.82 8.68
CA VAL D 76 0.31 38.43 9.25
C VAL D 76 0.21 39.95 9.20
N THR D 77 -0.52 40.50 8.23
CA THR D 77 -0.67 41.95 8.16
C THR D 77 -1.57 42.46 9.28
N GLU D 78 -2.57 41.67 9.69
CA GLU D 78 -3.43 42.09 10.78
C GLU D 78 -2.69 42.09 12.12
N VAL D 79 -1.74 41.16 12.30
CA VAL D 79 -0.97 41.11 13.54
C VAL D 79 0.03 42.26 13.58
N ASP D 80 0.70 42.53 12.45
CA ASP D 80 1.65 43.63 12.41
C ASP D 80 0.94 44.97 12.55
N ALA D 81 -0.32 45.06 12.11
CA ALA D 81 -1.08 46.29 12.33
C ALA D 81 -1.42 46.47 13.80
N CYS D 82 -1.73 45.37 14.50
CA CYS D 82 -2.02 45.44 15.92
C CYS D 82 -0.77 45.74 16.73
N ALA D 83 0.39 45.22 16.30
CA ALA D 83 1.63 45.46 17.04
C ALA D 83 2.05 46.93 16.95
N GLU D 84 1.76 47.59 15.83
CA GLU D 84 2.12 49.00 15.69
C GLU D 84 1.26 49.88 16.59
N ILE D 85 -0.04 49.56 16.70
CA ILE D 85 -0.92 50.31 17.58
C ILE D 85 -0.50 50.15 19.04
N ILE D 86 0.04 48.99 19.39
CA ILE D 86 0.55 48.78 20.75
C ILE D 86 1.66 49.78 21.05
N ARG D 87 2.59 49.95 20.11
CA ARG D 87 3.65 50.93 20.30
C ARG D 87 3.14 52.35 20.21
N LYS D 88 2.04 52.57 19.47
CA LYS D 88 1.45 53.90 19.33
C LYS D 88 0.66 54.34 20.56
N ASN D 89 0.39 53.43 21.50
CA ASN D 89 -0.34 53.77 22.71
C ASN D 89 0.40 53.33 23.98
N HIS D 90 1.61 52.80 23.85
CA HIS D 90 2.41 52.34 24.98
C HIS D 90 1.66 51.28 25.79
N CYS D 91 1.20 50.24 25.10
CA CYS D 91 0.44 49.17 25.74
C CYS D 91 1.37 48.21 26.45
N GLU D 92 0.96 47.79 27.65
CA GLU D 92 1.76 46.88 28.46
C GLU D 92 1.17 45.49 28.57
N PHE D 93 -0.09 45.29 28.19
CA PHE D 93 -0.70 43.96 28.19
C PHE D 93 -1.87 43.95 27.22
N VAL D 94 -2.21 42.75 26.77
CA VAL D 94 -3.23 42.54 25.75
C VAL D 94 -4.40 41.77 26.37
N VAL D 95 -5.61 42.19 26.01
CA VAL D 95 -6.83 41.52 26.44
C VAL D 95 -7.43 40.83 25.23
N ALA D 96 -7.47 39.51 25.25
CA ALA D 96 -8.04 38.71 24.15
C ALA D 96 -9.44 38.27 24.55
N MET D 97 -10.44 38.99 24.06
CA MET D 97 -11.85 38.68 24.30
C MET D 97 -12.48 38.26 22.99
N GLY D 98 -12.42 36.97 22.68
CA GLY D 98 -13.02 36.47 21.46
C GLY D 98 -12.86 34.98 21.37
N GLY D 99 -13.14 34.45 20.17
CA GLY D 99 -13.00 33.03 19.93
C GLY D 99 -11.53 32.64 19.80
N GLY D 100 -11.33 31.43 19.27
CA GLY D 100 -9.98 30.93 19.04
C GLY D 100 -9.19 31.77 18.06
N SER D 101 -9.85 32.57 17.24
CA SER D 101 -9.15 33.41 16.27
C SER D 101 -8.62 34.68 16.92
N ALA D 102 -9.41 35.30 17.79
CA ALA D 102 -8.97 36.52 18.47
C ALA D 102 -7.78 36.24 19.39
N MET D 103 -7.78 35.07 20.04
CA MET D 103 -6.65 34.71 20.90
C MET D 103 -5.42 34.34 20.09
N ASP D 104 -5.58 33.94 18.83
CA ASP D 104 -4.42 33.61 18.02
C ASP D 104 -3.68 34.86 17.57
N VAL D 105 -4.39 35.96 17.30
CA VAL D 105 -3.72 37.19 16.89
C VAL D 105 -3.08 37.91 18.07
N SER D 106 -3.57 37.69 19.28
CA SER D 106 -3.05 38.41 20.44
C SER D 106 -1.73 37.82 20.92
N LYS D 107 -1.61 36.49 20.88
CA LYS D 107 -0.35 35.85 21.29
C LYS D 107 0.79 36.24 20.36
N ALA D 108 0.51 36.32 19.06
CA ALA D 108 1.55 36.73 18.12
C ALA D 108 1.91 38.20 18.26
N ALA D 109 0.90 39.05 18.43
CA ALA D 109 1.17 40.48 18.55
C ALA D 109 1.86 40.82 19.87
N ALA D 110 1.51 40.13 20.95
CA ALA D 110 2.13 40.43 22.23
C ALA D 110 3.60 40.06 22.25
N SER D 111 4.00 39.11 21.41
CA SER D 111 5.40 38.69 21.31
C SER D 111 6.16 39.38 20.19
N ILE D 112 5.46 40.05 19.28
CA ILE D 112 6.12 40.74 18.17
C ILE D 112 6.12 42.26 18.34
N CYS D 113 5.29 42.82 19.23
CA CYS D 113 5.28 44.25 19.47
C CYS D 113 6.53 44.72 20.20
N LEU D 114 7.34 43.81 20.72
CA LEU D 114 8.58 44.17 21.41
C LEU D 114 9.78 44.26 20.46
N THR D 115 9.59 44.03 19.17
CA THR D 115 10.66 44.10 18.19
C THR D 115 10.25 45.01 17.04
N ASP D 116 11.22 45.35 16.21
CA ASP D 116 10.96 46.13 15.01
C ASP D 116 10.71 45.27 13.78
N ASP D 117 10.86 43.94 13.89
CA ASP D 117 10.62 43.04 12.79
C ASP D 117 9.12 42.84 12.58
N SER D 118 8.78 42.19 11.48
CA SER D 118 7.40 41.78 11.22
C SER D 118 7.17 40.37 11.75
N ILE D 119 5.90 40.09 12.09
CA ILE D 119 5.57 38.77 12.60
C ILE D 119 5.77 37.69 11.54
N ALA D 120 5.71 38.05 10.26
CA ALA D 120 5.98 37.11 9.19
C ALA D 120 7.43 36.63 9.15
N ASP D 121 8.34 37.33 9.85
CA ASP D 121 9.74 36.90 9.90
C ASP D 121 9.94 35.63 10.70
N TYR D 122 8.91 35.17 11.42
CA TYR D 122 8.98 33.91 12.16
C TYR D 122 7.79 33.02 11.88
N HIS D 123 7.06 33.29 10.80
CA HIS D 123 5.89 32.50 10.43
C HIS D 123 6.35 31.26 9.67
N GLY D 124 6.53 30.16 10.39
CA GLY D 124 6.98 28.92 9.80
C GLY D 124 8.40 28.92 9.30
N THR D 125 9.16 29.99 9.52
CA THR D 125 10.54 30.07 9.07
C THR D 125 11.50 29.33 10.00
N GLY D 126 10.99 28.72 11.06
CA GLY D 126 11.84 28.00 12.01
C GLY D 126 12.58 28.88 12.99
N LYS D 127 12.47 30.21 12.87
CA LYS D 127 13.15 31.11 13.78
C LYS D 127 12.43 31.14 15.13
N ALA D 128 13.22 31.15 16.20
CA ALA D 128 12.64 31.19 17.54
C ALA D 128 12.03 32.56 17.81
N MET D 129 10.83 32.56 18.40
CA MET D 129 10.16 33.81 18.73
C MET D 129 10.88 34.49 19.89
N PRO D 130 10.96 35.83 19.89
CA PRO D 130 11.55 36.52 21.05
C PRO D 130 10.68 36.32 22.28
N GLN D 131 11.28 35.68 23.30
CA GLN D 131 10.52 35.28 24.47
C GLN D 131 10.01 36.47 25.28
N LYS D 132 10.56 37.67 25.07
CA LYS D 132 10.04 38.86 25.72
C LYS D 132 8.69 39.22 25.10
N HIS D 133 7.65 39.26 25.93
CA HIS D 133 6.30 39.52 25.45
C HIS D 133 5.48 40.17 26.55
N LEU D 134 4.52 41.00 26.15
CA LEU D 134 3.62 41.60 27.11
C LEU D 134 2.64 40.55 27.63
N PRO D 135 2.17 40.69 28.87
CA PRO D 135 1.20 39.73 29.40
C PRO D 135 -0.08 39.74 28.57
N ILE D 136 -0.73 38.58 28.52
CA ILE D 136 -1.96 38.39 27.76
C ILE D 136 -3.02 37.80 28.68
N ILE D 137 -4.18 38.44 28.72
CA ILE D 137 -5.32 37.96 29.49
C ILE D 137 -6.33 37.43 28.48
N ALA D 138 -6.60 36.12 28.54
CA ALA D 138 -7.49 35.48 27.58
C ALA D 138 -8.91 35.41 28.13
N LEU D 139 -9.86 35.91 27.35
CA LEU D 139 -11.29 35.86 27.69
C LEU D 139 -11.99 35.07 26.59
N PRO D 140 -12.07 33.74 26.73
CA PRO D 140 -12.68 32.93 25.67
C PRO D 140 -14.20 33.11 25.63
N THR D 141 -14.73 33.23 24.42
CA THR D 141 -16.15 33.43 24.21
C THR D 141 -16.86 32.23 23.59
N THR D 142 -16.12 31.19 23.21
CA THR D 142 -16.69 29.95 22.71
C THR D 142 -16.13 28.77 23.49
N ALA D 143 -16.91 27.69 23.56
CA ALA D 143 -16.53 26.47 24.29
C ALA D 143 -16.60 25.28 23.35
N GLY D 144 -15.58 25.10 22.51
CA GLY D 144 -14.43 25.98 22.47
C GLY D 144 -13.17 25.28 22.02
N THR D 145 -12.14 26.06 21.70
CA THR D 145 -10.87 25.50 21.27
C THR D 145 -9.88 25.29 22.40
N GLY D 146 -10.15 25.85 23.58
CA GLY D 146 -9.17 25.80 24.65
C GLY D 146 -7.90 26.57 24.36
N SER D 147 -7.96 27.54 23.45
CA SER D 147 -6.78 28.31 23.07
C SER D 147 -6.26 29.19 24.19
N GLU D 148 -7.05 29.41 25.25
CA GLU D 148 -6.62 30.22 26.37
C GLU D 148 -5.55 29.55 27.23
N VAL D 149 -5.34 28.25 27.06
CA VAL D 149 -4.40 27.50 27.86
C VAL D 149 -3.31 26.84 27.00
N THR D 150 -3.26 27.16 25.72
CA THR D 150 -2.30 26.57 24.80
C THR D 150 -1.26 27.61 24.38
N CYS D 151 -0.06 27.12 24.06
CA CYS D 151 1.01 27.95 23.51
C CYS D 151 1.01 27.95 21.99
N VAL D 152 -0.16 27.78 21.37
CA VAL D 152 -0.27 27.67 19.92
C VAL D 152 -1.04 28.88 19.40
N SER D 153 -0.58 29.41 18.26
CA SER D 153 -1.22 30.55 17.60
C SER D 153 -1.26 30.25 16.11
N VAL D 154 -2.42 29.85 15.61
CA VAL D 154 -2.57 29.50 14.20
C VAL D 154 -2.75 30.77 13.39
N LEU D 155 -1.80 31.03 12.48
CA LEU D 155 -1.82 32.21 11.63
C LEU D 155 -1.96 31.79 10.16
N THR D 156 -1.86 32.77 9.27
CA THR D 156 -1.96 32.53 7.83
C THR D 156 -1.38 33.73 7.10
N ASN D 157 -0.62 33.47 6.04
CA ASN D 157 -0.07 34.52 5.17
C ASN D 157 -0.82 34.46 3.84
N ARG D 158 -1.61 35.48 3.56
CA ARG D 158 -2.38 35.52 2.31
C ARG D 158 -1.52 35.96 1.14
N LYS D 159 -0.68 36.98 1.34
CA LYS D 159 0.21 37.44 0.27
C LYS D 159 1.25 36.41 -0.11
N LEU D 160 1.58 35.48 0.78
CA LEU D 160 2.51 34.39 0.48
C LEU D 160 1.82 33.05 0.29
N GLY D 161 0.51 32.98 0.47
CA GLY D 161 -0.21 31.73 0.33
C GLY D 161 0.18 30.64 1.30
N LYS D 162 0.73 31.00 2.46
CA LYS D 162 1.19 30.03 3.45
C LYS D 162 0.36 30.15 4.72
N LYS D 163 -0.06 29.01 5.26
CA LYS D 163 -0.83 28.97 6.51
C LYS D 163 -0.19 27.92 7.41
N ALA D 164 0.41 28.37 8.51
CA ALA D 164 1.11 27.48 9.41
C ALA D 164 1.01 27.97 10.85
N PRO D 165 0.74 27.08 11.80
CA PRO D 165 0.74 27.48 13.21
C PRO D 165 2.15 27.72 13.72
N ILE D 166 2.22 28.44 14.85
CA ILE D 166 3.48 28.78 15.49
C ILE D 166 3.40 28.38 16.96
N VAL D 167 4.47 27.78 17.48
CA VAL D 167 4.56 27.36 18.87
C VAL D 167 5.67 28.16 19.53
N SER D 168 5.33 28.89 20.59
CA SER D 168 6.28 29.72 21.32
C SER D 168 5.96 29.66 22.80
N ASP D 169 7.01 29.59 23.62
CA ASP D 169 6.83 29.59 25.06
C ASP D 169 6.25 30.90 25.58
N GLY D 170 6.41 31.99 24.83
CA GLY D 170 5.84 33.27 25.17
C GLY D 170 4.40 33.47 24.75
N PHE D 171 3.76 32.43 24.20
CA PHE D 171 2.36 32.52 23.79
C PHE D 171 1.40 32.07 24.88
N PHE D 172 1.90 31.57 26.00
CA PHE D 172 1.03 31.19 27.11
C PHE D 172 0.42 32.43 27.72
N PRO D 173 -0.92 32.52 27.81
CA PRO D 173 -1.53 33.65 28.51
C PRO D 173 -1.25 33.60 30.00
N SER D 174 -1.24 34.78 30.62
CA SER D 174 -0.99 34.86 32.05
C SER D 174 -2.21 34.44 32.86
N VAL D 175 -3.36 35.04 32.56
CA VAL D 175 -4.62 34.72 33.23
C VAL D 175 -5.65 34.34 32.16
N ALA D 176 -6.53 33.42 32.51
CA ALA D 176 -7.62 32.99 31.64
C ALA D 176 -8.92 33.07 32.41
N ILE D 177 -9.77 34.04 32.06
CA ILE D 177 -11.06 34.22 32.70
C ILE D 177 -12.10 33.49 31.87
N VAL D 178 -12.55 32.34 32.34
CA VAL D 178 -13.53 31.52 31.63
C VAL D 178 -14.90 31.87 32.18
N ASP D 179 -15.57 32.83 31.53
CA ASP D 179 -16.89 33.27 31.93
C ASP D 179 -17.93 32.63 31.03
N PRO D 180 -18.84 31.80 31.56
CA PRO D 180 -19.87 31.19 30.70
C PRO D 180 -20.85 32.19 30.12
N GLU D 181 -20.96 33.40 30.69
CA GLU D 181 -21.92 34.38 30.17
C GLU D 181 -21.57 34.81 28.76
N LEU D 182 -20.28 34.89 28.43
CA LEU D 182 -19.86 35.29 27.09
C LEU D 182 -20.21 34.25 26.02
N THR D 183 -20.60 33.05 26.42
CA THR D 183 -20.99 32.00 25.48
C THR D 183 -22.49 31.91 25.28
N TYR D 184 -23.28 32.73 25.98
CA TYR D 184 -24.73 32.66 25.83
C TYR D 184 -25.16 33.11 24.43
N SER D 185 -24.41 34.03 23.83
CA SER D 185 -24.76 34.59 22.53
C SER D 185 -24.30 33.75 21.35
N VAL D 186 -23.69 32.60 21.59
CA VAL D 186 -23.23 31.76 20.50
C VAL D 186 -24.43 31.06 19.85
N PRO D 187 -24.59 31.14 18.53
CA PRO D 187 -25.72 30.46 17.88
C PRO D 187 -25.57 28.96 17.94
N PRO D 188 -26.68 28.21 17.82
CA PRO D 188 -26.60 26.75 17.99
C PRO D 188 -25.70 26.05 16.98
N LYS D 189 -25.53 26.59 15.78
CA LYS D 189 -24.63 25.95 14.81
C LYS D 189 -23.19 26.09 15.25
N ILE D 190 -22.79 27.29 15.69
CA ILE D 190 -21.42 27.47 16.16
C ILE D 190 -21.22 26.74 17.49
N THR D 191 -22.28 26.67 18.31
CA THR D 191 -22.20 25.87 19.53
C THR D 191 -21.89 24.41 19.22
N ALA D 192 -22.58 23.83 18.24
CA ALA D 192 -22.36 22.43 17.90
C ALA D 192 -20.96 22.21 17.33
N SER D 193 -20.49 23.13 16.47
CA SER D 193 -19.15 23.00 15.91
C SER D 193 -18.08 23.07 16.99
N THR D 194 -18.13 24.10 17.83
CA THR D 194 -17.16 24.22 18.91
C THR D 194 -17.27 23.08 19.91
N GLY D 195 -18.45 22.47 20.03
CA GLY D 195 -18.60 21.34 20.94
C GLY D 195 -17.85 20.11 20.46
N MET D 196 -17.97 19.79 19.17
CA MET D 196 -17.22 18.68 18.61
C MET D 196 -15.72 18.96 18.66
N ASP D 197 -15.32 20.23 18.65
CA ASP D 197 -13.91 20.56 18.80
C ASP D 197 -13.39 20.15 20.17
N VAL D 198 -14.22 20.28 21.20
CA VAL D 198 -13.81 19.85 22.55
C VAL D 198 -13.71 18.33 22.59
N LEU D 199 -14.73 17.65 22.07
CA LEU D 199 -14.74 16.18 22.10
C LEU D 199 -13.60 15.59 21.29
N SER D 200 -13.21 16.24 20.20
CA SER D 200 -12.07 15.76 19.42
C SER D 200 -10.77 15.92 20.20
N GLN D 201 -10.51 17.14 20.70
CA GLN D 201 -9.26 17.38 21.43
C GLN D 201 -9.15 16.50 22.67
N ALA D 202 -10.28 16.14 23.27
CA ALA D 202 -10.24 15.27 24.45
C ALA D 202 -9.86 13.85 24.07
N ILE D 203 -10.58 13.27 23.10
CA ILE D 203 -10.31 11.89 22.72
C ILE D 203 -8.97 11.75 22.01
N GLU D 204 -8.62 12.72 21.17
CA GLU D 204 -7.32 12.68 20.49
C GLU D 204 -6.18 12.77 21.50
N GLY D 205 -6.22 13.77 22.38
CA GLY D 205 -5.17 13.93 23.37
C GLY D 205 -5.04 12.76 24.31
N PHE D 206 -6.10 11.96 24.46
CA PHE D 206 -6.03 10.79 25.32
C PHE D 206 -5.27 9.64 24.66
N TRP D 207 -5.73 9.21 23.49
CA TRP D 207 -5.11 8.08 22.82
C TRP D 207 -3.83 8.46 22.06
N SER D 208 -3.36 9.69 22.22
CA SER D 208 -2.16 10.13 21.53
C SER D 208 -0.94 9.33 21.99
N LYS D 209 0.10 9.35 21.17
CA LYS D 209 1.35 8.69 21.54
C LYS D 209 2.02 9.38 22.72
N GLY D 210 1.88 10.70 22.82
CA GLY D 210 2.49 11.45 23.90
C GLY D 210 1.58 11.64 25.09
N HIS D 211 0.70 10.67 25.34
CA HIS D 211 -0.23 10.77 26.46
C HIS D 211 0.51 10.72 27.79
N GLN D 212 -0.16 11.21 28.84
CA GLN D 212 0.38 11.22 30.19
C GLN D 212 -0.78 11.13 31.16
N PRO D 213 -0.55 10.63 32.38
CA PRO D 213 -1.69 10.38 33.29
C PRO D 213 -2.47 11.62 33.67
N ILE D 214 -1.83 12.79 33.74
CA ILE D 214 -2.55 13.99 34.12
C ILE D 214 -3.52 14.40 33.02
N CYS D 215 -3.04 14.50 31.78
CA CYS D 215 -3.88 14.90 30.66
C CYS D 215 -4.95 13.86 30.35
N ASP D 216 -4.72 12.60 30.70
CA ASP D 216 -5.74 11.57 30.49
C ASP D 216 -6.91 11.74 31.47
N SER D 217 -6.63 12.21 32.68
CA SER D 217 -7.71 12.44 33.63
C SER D 217 -8.60 13.60 33.22
N CYS D 218 -8.02 14.60 32.55
CA CYS D 218 -8.83 15.70 32.02
C CYS D 218 -9.67 15.25 30.85
N ALA D 219 -9.11 14.42 29.97
CA ALA D 219 -9.84 13.96 28.80
C ALA D 219 -11.06 13.13 29.19
N ALA D 220 -10.91 12.27 30.20
CA ALA D 220 -12.01 11.41 30.62
C ALA D 220 -13.16 12.23 31.18
N HIS D 221 -12.85 13.32 31.90
CA HIS D 221 -13.91 14.13 32.48
C HIS D 221 -14.56 15.04 31.45
N ALA D 222 -13.77 15.58 30.52
CA ALA D 222 -14.33 16.47 29.52
C ALA D 222 -15.23 15.72 28.54
N ALA D 223 -14.84 14.51 28.15
CA ALA D 223 -15.65 13.74 27.20
C ALA D 223 -17.00 13.39 27.79
N LYS D 224 -17.05 13.11 29.10
CA LYS D 224 -18.32 12.78 29.74
C LYS D 224 -19.25 14.00 29.77
N LEU D 225 -18.69 15.19 29.98
CA LEU D 225 -19.51 16.40 30.02
C LEU D 225 -20.13 16.70 28.65
N VAL D 226 -19.34 16.56 27.57
CA VAL D 226 -19.85 16.91 26.25
C VAL D 226 -20.97 15.99 25.84
N PHE D 227 -20.84 14.68 26.13
CA PHE D 227 -21.87 13.73 25.72
C PHE D 227 -23.20 13.98 26.42
N LYS D 228 -23.21 14.74 27.52
CA LYS D 228 -24.44 15.00 28.26
C LYS D 228 -24.99 16.40 28.03
N TYR D 229 -24.12 17.41 27.89
CA TYR D 229 -24.56 18.79 27.86
C TYR D 229 -24.53 19.45 26.49
N LEU D 230 -23.69 18.98 25.57
CA LEU D 230 -23.63 19.61 24.25
C LEU D 230 -24.96 19.58 23.51
N PRO D 231 -25.73 18.48 23.47
CA PRO D 231 -27.06 18.57 22.84
C PRO D 231 -28.00 19.52 23.56
N ILE D 232 -27.82 19.70 24.87
CA ILE D 232 -28.66 20.63 25.62
C ILE D 232 -28.35 22.07 25.23
N ALA D 233 -27.06 22.40 25.12
CA ALA D 233 -26.67 23.77 24.78
C ALA D 233 -27.03 24.11 23.34
N VAL D 234 -27.12 23.11 22.46
CA VAL D 234 -27.52 23.37 21.08
C VAL D 234 -29.02 23.63 21.00
N ALA D 235 -29.82 22.81 21.67
CA ALA D 235 -31.26 22.97 21.65
C ALA D 235 -31.76 24.06 22.59
N GLU D 236 -30.97 24.43 23.60
CA GLU D 236 -31.35 25.46 24.57
C GLU D 236 -30.16 26.41 24.74
N PRO D 237 -30.02 27.38 23.83
CA PRO D 237 -28.87 28.29 23.91
C PRO D 237 -28.81 29.11 25.18
N HIS D 238 -29.92 29.29 25.89
CA HIS D 238 -29.95 30.06 27.13
C HIS D 238 -30.11 29.16 28.34
N ASN D 239 -29.38 28.04 28.35
CA ASN D 239 -29.35 27.11 29.48
C ASN D 239 -28.02 27.31 30.20
N GLU D 240 -28.07 27.99 31.34
CA GLU D 240 -26.83 28.33 32.06
C GLU D 240 -26.10 27.09 32.56
N GLU D 241 -26.83 26.00 32.84
CA GLU D 241 -26.17 24.79 33.31
C GLU D 241 -25.35 24.14 32.20
N ALA D 242 -25.95 23.99 31.01
CA ALA D 242 -25.24 23.38 29.90
C ALA D 242 -24.11 24.27 29.40
N ARG D 243 -24.34 25.59 29.40
CA ARG D 243 -23.29 26.52 28.97
C ARG D 243 -22.10 26.48 29.92
N GLU D 244 -22.36 26.39 31.23
CA GLU D 244 -21.27 26.34 32.19
C GLU D 244 -20.55 24.99 32.13
N LYS D 245 -21.28 23.92 31.85
CA LYS D 245 -20.64 22.61 31.72
C LYS D 245 -19.83 22.51 30.44
N MET D 246 -20.20 23.25 29.40
CA MET D 246 -19.40 23.25 28.18
C MET D 246 -18.13 24.07 28.34
N CYS D 247 -18.21 25.20 29.07
CA CYS D 247 -17.01 25.98 29.35
C CYS D 247 -16.06 25.21 30.26
N GLU D 248 -16.61 24.56 31.29
CA GLU D 248 -15.78 23.71 32.15
C GLU D 248 -15.12 22.60 31.35
N ALA D 249 -15.87 21.95 30.46
CA ALA D 249 -15.31 20.89 29.63
C ALA D 249 -14.34 21.43 28.59
N SER D 250 -14.45 22.71 28.21
CA SER D 250 -13.56 23.26 27.21
C SER D 250 -12.18 23.57 27.80
N VAL D 251 -12.15 24.27 28.94
CA VAL D 251 -10.86 24.62 29.54
C VAL D 251 -10.15 23.37 30.05
N ILE D 252 -10.91 22.36 30.49
CA ILE D 252 -10.31 21.12 30.94
C ILE D 252 -9.74 20.34 29.77
N ALA D 253 -10.50 20.24 28.68
CA ALA D 253 -10.01 19.54 27.49
C ALA D 253 -8.87 20.32 26.83
N GLY D 254 -8.83 21.63 27.02
CA GLY D 254 -7.67 22.38 26.56
C GLY D 254 -6.39 21.95 27.25
N LEU D 255 -6.48 21.55 28.51
CA LEU D 255 -5.34 20.99 29.22
C LEU D 255 -5.01 19.58 28.78
N ALA D 256 -5.90 18.92 28.04
CA ALA D 256 -5.66 17.55 27.62
C ALA D 256 -4.80 17.50 26.35
N PHE D 257 -5.15 18.30 25.34
CA PHE D 257 -4.40 18.34 24.09
C PHE D 257 -3.57 19.61 23.97
N THR D 258 -2.77 19.92 25.00
CA THR D 258 -1.85 21.05 24.99
C THR D 258 -0.39 20.64 25.20
N LEU D 259 -0.13 19.47 25.78
CA LEU D 259 1.20 18.89 25.92
C LEU D 259 1.37 17.65 25.04
N PRO D 260 0.39 16.76 24.94
CA PRO D 260 0.49 15.67 23.96
C PRO D 260 0.02 16.00 22.55
N LYS D 261 -0.49 17.21 22.32
CA LYS D 261 -0.95 17.66 21.00
C LYS D 261 -2.09 16.80 20.47
N THR D 262 -2.39 16.93 19.17
CA THR D 262 -3.52 16.27 18.54
C THR D 262 -3.02 15.09 17.70
N THR D 263 -3.98 14.35 17.12
CA THR D 263 -3.65 13.12 16.40
C THR D 263 -4.16 13.26 14.96
N SER D 264 -5.07 12.40 14.52
CA SER D 264 -5.40 12.25 13.11
C SER D 264 -6.56 13.14 12.67
N SER D 265 -7.62 13.24 13.48
CA SER D 265 -8.79 14.02 13.07
C SER D 265 -8.45 15.50 12.94
N HIS D 266 -7.48 15.98 13.71
CA HIS D 266 -7.02 17.35 13.52
C HIS D 266 -6.17 17.49 12.26
N ALA D 267 -5.41 16.44 11.91
CA ALA D 267 -4.61 16.49 10.70
C ALA D 267 -5.47 16.51 9.45
N CYS D 268 -6.59 15.79 9.48
CA CYS D 268 -7.52 15.78 8.35
C CYS D 268 -8.40 17.03 8.31
N SER D 269 -8.58 17.72 9.43
CA SER D 269 -9.42 18.90 9.45
C SER D 269 -8.74 20.09 8.77
N PHE D 270 -7.41 20.07 8.63
CA PHE D 270 -6.72 21.19 7.98
C PHE D 270 -7.06 21.29 6.50
N PRO D 271 -7.00 20.21 5.70
CA PRO D 271 -7.44 20.35 4.30
C PRO D 271 -8.96 20.47 4.18
N LEU D 272 -9.72 19.88 5.09
CA LEU D 272 -11.18 20.00 5.02
C LEU D 272 -11.65 21.43 5.22
N THR D 273 -10.86 22.28 5.86
CA THR D 273 -11.21 23.67 6.10
C THR D 273 -10.64 24.61 5.04
N ASN D 274 -9.36 24.49 4.74
CA ASN D 274 -8.72 25.38 3.77
C ASN D 274 -9.13 25.12 2.34
N ILE D 275 -9.87 24.04 2.07
CA ILE D 275 -10.28 23.68 0.72
C ILE D 275 -11.80 23.70 0.58
N HIS D 276 -12.51 23.10 1.53
CA HIS D 276 -13.96 22.93 1.45
C HIS D 276 -14.71 23.81 2.44
N GLY D 277 -14.03 24.67 3.18
CA GLY D 277 -14.69 25.62 4.05
C GLY D 277 -15.45 25.04 5.22
N ILE D 278 -15.27 23.77 5.52
CA ILE D 278 -15.95 23.18 6.67
C ILE D 278 -15.36 23.73 7.95
N PRO D 279 -16.18 24.14 8.93
CA PRO D 279 -15.62 24.64 10.20
C PRO D 279 -14.68 23.64 10.84
N HIS D 280 -13.78 24.18 11.67
CA HIS D 280 -12.73 23.34 12.27
C HIS D 280 -13.33 22.27 13.18
N GLY D 281 -14.30 22.64 14.02
CA GLY D 281 -14.90 21.66 14.91
C GLY D 281 -15.70 20.61 14.18
N GLU D 282 -16.43 21.02 13.14
CA GLU D 282 -17.21 20.06 12.37
C GLU D 282 -16.33 19.14 11.54
N ALA D 283 -15.19 19.64 11.07
CA ALA D 283 -14.26 18.80 10.32
C ALA D 283 -13.56 17.79 11.22
N CYS D 284 -13.29 18.16 12.48
CA CYS D 284 -12.66 17.23 13.40
C CYS D 284 -13.60 16.09 13.77
N GLY D 285 -14.85 16.43 14.11
CA GLY D 285 -15.83 15.40 14.43
C GLY D 285 -16.22 14.54 13.24
N LEU D 286 -15.93 15.00 12.02
CA LEU D 286 -16.30 14.25 10.83
C LEU D 286 -15.59 12.90 10.79
N THR D 287 -14.28 12.91 11.03
CA THR D 287 -13.46 11.70 11.00
C THR D 287 -13.18 11.14 12.38
N LEU D 288 -13.80 11.69 13.43
CA LEU D 288 -13.51 11.26 14.79
C LEU D 288 -13.97 9.82 15.03
N ASP D 289 -15.25 9.55 14.75
CA ASP D 289 -15.78 8.20 14.93
C ASP D 289 -15.14 7.18 13.98
N TYR D 290 -14.63 7.63 12.84
CA TYR D 290 -13.92 6.72 11.95
C TYR D 290 -12.60 6.29 12.56
N PHE D 291 -11.79 7.25 13.03
CA PHE D 291 -10.51 6.90 13.64
C PHE D 291 -10.69 6.22 14.99
N ALA D 292 -11.85 6.35 15.62
CA ALA D 292 -12.11 5.64 16.87
C ALA D 292 -12.21 4.15 16.64
N ARG D 293 -12.83 3.74 15.52
CA ARG D 293 -12.90 2.31 15.21
C ARG D 293 -11.55 1.77 14.78
N ILE D 294 -10.70 2.61 14.19
CA ILE D 294 -9.36 2.19 13.82
C ILE D 294 -8.50 1.96 15.07
N ASN D 295 -8.53 2.91 15.99
CA ASN D 295 -7.78 2.80 17.24
C ASN D 295 -8.57 2.10 18.34
N LYS D 296 -9.50 1.21 17.97
CA LYS D 296 -10.34 0.55 18.97
C LYS D 296 -9.53 -0.34 19.89
N ASP D 297 -8.57 -1.09 19.33
CA ASP D 297 -7.76 -2.00 20.13
C ASP D 297 -6.29 -1.61 20.06
N ALA D 298 -5.98 -0.35 20.37
CA ALA D 298 -4.62 0.15 20.33
C ALA D 298 -4.12 0.40 21.74
N GLN D 299 -2.79 0.50 21.86
CA GLN D 299 -2.13 0.79 23.14
C GLN D 299 -2.53 -0.22 24.22
N HIS D 300 -2.74 -1.47 23.80
CA HIS D 300 -3.02 -2.58 24.72
C HIS D 300 -4.29 -2.33 25.53
N GLY D 301 -5.36 -1.98 24.83
CA GLY D 301 -6.65 -1.80 25.48
C GLY D 301 -6.84 -0.49 26.22
N ARG D 302 -5.99 0.50 25.99
CA ARG D 302 -6.17 1.79 26.63
C ARG D 302 -7.47 2.46 26.17
N VAL D 303 -7.74 2.43 24.86
CA VAL D 303 -8.93 3.07 24.33
C VAL D 303 -10.19 2.35 24.78
N GLN D 304 -10.12 1.02 24.99
CA GLN D 304 -11.28 0.29 25.44
C GLN D 304 -11.65 0.65 26.88
N GLU D 305 -10.64 0.81 27.73
CA GLU D 305 -10.92 1.24 29.10
C GLU D 305 -11.45 2.67 29.14
N PHE D 306 -11.05 3.51 28.17
CA PHE D 306 -11.54 4.88 28.13
C PHE D 306 -13.02 4.92 27.80
N ALA D 307 -13.47 4.09 26.85
CA ALA D 307 -14.88 4.05 26.49
C ALA D 307 -15.74 3.56 27.65
N ARG D 308 -15.21 2.68 28.50
CA ARG D 308 -15.97 2.19 29.64
C ARG D 308 -15.89 3.16 30.82
N GLY D 309 -14.78 3.90 30.95
CA GLY D 309 -14.67 4.87 32.02
C GLY D 309 -15.59 6.06 31.88
N ILE D 310 -16.15 6.27 30.68
CA ILE D 310 -17.06 7.40 30.45
C ILE D 310 -18.52 6.96 30.41
N GLY D 311 -18.81 5.68 30.24
CA GLY D 311 -20.18 5.21 30.35
C GLY D 311 -20.67 4.32 29.23
N PHE D 312 -19.77 3.85 28.37
CA PHE D 312 -20.15 2.97 27.26
C PHE D 312 -19.64 1.56 27.52
N LYS D 313 -20.11 0.63 26.69
CA LYS D 313 -19.68 -0.77 26.82
C LYS D 313 -18.35 -1.03 26.14
N ASP D 314 -18.06 -0.34 25.04
CA ASP D 314 -16.82 -0.54 24.30
C ASP D 314 -16.61 0.68 23.40
N VAL D 315 -15.49 0.65 22.65
CA VAL D 315 -15.18 1.74 21.75
C VAL D 315 -16.21 1.83 20.63
N ASP D 316 -16.65 0.67 20.12
CA ASP D 316 -17.66 0.68 19.06
C ASP D 316 -18.96 1.32 19.51
N ALA D 317 -19.28 1.21 20.81
CA ALA D 317 -20.44 1.92 21.35
C ALA D 317 -20.19 3.41 21.50
N MET D 318 -18.93 3.79 21.75
CA MET D 318 -18.59 5.21 21.84
C MET D 318 -18.67 5.88 20.46
N ALA D 319 -18.15 5.21 19.43
CA ALA D 319 -18.24 5.76 18.08
C ALA D 319 -19.70 5.88 17.64
N ASP D 320 -20.54 4.91 18.01
CA ASP D 320 -21.96 5.00 17.69
C ASP D 320 -22.60 6.19 18.39
N ALA D 321 -22.18 6.48 19.61
CA ALA D 321 -22.70 7.66 20.31
C ALA D 321 -22.19 8.93 19.67
N ILE D 322 -20.93 8.93 19.21
CA ILE D 322 -20.40 10.09 18.48
C ILE D 322 -21.22 10.34 17.22
N HIS D 323 -21.58 9.27 16.51
CA HIS D 323 -22.38 9.43 15.29
C HIS D 323 -23.78 9.96 15.61
N ASP D 324 -24.41 9.43 16.67
CA ASP D 324 -25.72 9.93 17.07
C ASP D 324 -25.62 11.36 17.59
N LEU D 325 -24.50 11.71 18.21
CA LEU D 325 -24.32 13.08 18.70
C LEU D 325 -24.35 14.09 17.55
N LYS D 326 -23.55 13.83 16.52
CA LYS D 326 -23.49 14.75 15.38
C LYS D 326 -24.82 14.83 14.64
N VAL D 327 -25.65 13.78 14.73
CA VAL D 327 -26.95 13.80 14.07
C VAL D 327 -27.95 14.64 14.85
N ARG D 328 -27.92 14.56 16.18
CA ARG D 328 -28.87 15.31 16.98
C ARG D 328 -28.59 16.80 16.92
N ILE D 329 -27.31 17.20 16.87
CA ILE D 329 -26.94 18.60 16.81
C ILE D 329 -26.67 19.08 15.40
N GLY D 330 -26.82 18.21 14.41
CA GLY D 330 -26.76 18.63 13.02
C GLY D 330 -25.36 18.92 12.50
N MET D 331 -24.49 17.92 12.55
CA MET D 331 -23.13 18.03 12.05
C MET D 331 -22.92 17.09 10.87
N ARG D 332 -21.83 17.31 10.14
CA ARG D 332 -21.55 16.52 8.95
C ARG D 332 -21.18 15.09 9.33
N THR D 333 -21.80 14.12 8.66
CA THR D 333 -21.40 12.72 8.77
C THR D 333 -20.73 12.20 7.52
N GLY D 334 -20.83 12.92 6.40
CA GLY D 334 -20.21 12.52 5.15
C GLY D 334 -19.94 13.73 4.28
N LEU D 335 -19.40 13.47 3.08
CA LEU D 335 -19.05 14.52 2.14
C LEU D 335 -19.66 14.25 0.76
N LYS D 336 -20.80 13.56 0.71
CA LYS D 336 -21.41 13.24 -0.57
C LYS D 336 -21.95 14.48 -1.26
N ASP D 337 -22.48 15.44 -0.49
CA ASP D 337 -23.02 16.66 -1.08
C ASP D 337 -21.94 17.48 -1.78
N LEU D 338 -20.66 17.29 -1.43
CA LEU D 338 -19.60 17.99 -2.13
C LEU D 338 -19.38 17.45 -3.54
N ASN D 339 -19.85 16.23 -3.82
CA ASN D 339 -19.69 15.57 -5.12
C ASN D 339 -18.22 15.59 -5.55
N LEU D 340 -17.37 15.07 -4.68
CA LEU D 340 -15.94 15.11 -4.90
C LEU D 340 -15.55 14.27 -6.11
N THR D 341 -14.44 14.66 -6.73
CA THR D 341 -13.84 13.93 -7.82
C THR D 341 -12.62 13.14 -7.32
N GLU D 342 -12.19 12.19 -8.15
CA GLU D 342 -11.02 11.38 -7.78
C GLU D 342 -9.79 12.24 -7.57
N GLU D 343 -9.65 13.33 -8.33
CA GLU D 343 -8.54 14.25 -8.11
C GLU D 343 -8.66 14.97 -6.77
N GLN D 344 -9.89 15.26 -6.33
CA GLN D 344 -10.08 15.90 -5.03
C GLN D 344 -9.88 14.92 -3.87
N ILE D 345 -10.25 13.65 -4.06
CA ILE D 345 -9.97 12.65 -3.03
C ILE D 345 -8.46 12.50 -2.86
N ALA D 346 -7.73 12.38 -3.97
CA ALA D 346 -6.28 12.32 -3.90
C ALA D 346 -5.69 13.60 -3.33
N ASP D 347 -6.36 14.74 -3.54
CA ASP D 347 -5.92 15.98 -2.92
C ASP D 347 -6.03 15.91 -1.40
N LEU D 348 -7.12 15.36 -0.89
CA LEU D 348 -7.29 15.25 0.55
C LEU D 348 -6.33 14.24 1.16
N VAL D 349 -6.07 13.14 0.45
CA VAL D 349 -5.18 12.12 0.98
C VAL D 349 -3.76 12.64 1.12
N ARG D 350 -3.30 13.44 0.15
CA ARG D 350 -1.92 13.91 0.19
C ARG D 350 -1.72 14.96 1.28
N ILE D 351 -2.65 15.92 1.38
CA ILE D 351 -2.51 16.99 2.35
C ILE D 351 -2.75 16.50 3.77
N SER D 352 -3.45 15.37 3.94
CA SER D 352 -3.65 14.81 5.27
C SER D 352 -2.39 14.23 5.88
N ARG D 353 -1.25 14.30 5.18
CA ARG D 353 0.03 13.85 5.73
C ARG D 353 0.61 14.94 6.62
N HIS D 354 -0.21 15.48 7.52
CA HIS D 354 0.25 16.50 8.44
C HIS D 354 1.11 15.87 9.54
N PRO D 355 2.11 16.58 10.05
CA PRO D 355 2.96 16.02 11.11
C PRO D 355 2.18 15.50 12.32
N ASN D 356 1.04 16.11 12.65
CA ASN D 356 0.24 15.65 13.78
C ASN D 356 -0.43 14.30 13.51
N LEU D 357 -0.43 13.82 12.27
CA LEU D 357 -1.05 12.54 11.97
C LEU D 357 -0.32 11.39 12.65
N TYR D 358 0.98 11.53 12.87
CA TYR D 358 1.81 10.46 13.42
C TYR D 358 1.77 10.39 14.94
N ASN D 359 0.91 11.17 15.59
CA ASN D 359 0.59 10.98 16.99
C ASN D 359 -0.47 9.89 17.20
N ASN D 360 -1.01 9.35 16.12
CA ASN D 360 -2.06 8.34 16.23
C ASN D 360 -1.48 7.03 16.74
N PRO D 361 -2.19 6.31 17.61
CA PRO D 361 -1.67 5.04 18.11
C PRO D 361 -1.52 3.98 17.02
N VAL D 362 -2.42 3.97 16.03
CA VAL D 362 -2.34 3.06 14.90
C VAL D 362 -1.78 3.83 13.71
N GLU D 363 -0.87 3.20 12.97
CA GLU D 363 -0.23 3.87 11.84
C GLU D 363 -1.26 4.20 10.77
N ILE D 364 -1.29 5.46 10.36
CA ILE D 364 -2.20 5.92 9.32
C ILE D 364 -1.45 5.87 8.00
N THR D 365 -1.88 4.96 7.12
CA THR D 365 -1.27 4.80 5.80
C THR D 365 -2.10 5.52 4.74
N ASP D 366 -1.53 5.63 3.54
CA ASP D 366 -2.25 6.24 2.44
C ASP D 366 -3.44 5.39 2.00
N ASP D 367 -3.37 4.07 2.21
CA ASP D 367 -4.50 3.21 1.88
C ASP D 367 -5.66 3.43 2.86
N MET D 368 -5.35 3.71 4.13
CA MET D 368 -6.42 3.99 5.09
C MET D 368 -7.05 5.34 4.84
N LEU D 369 -6.27 6.33 4.40
CA LEU D 369 -6.83 7.64 4.06
C LEU D 369 -7.66 7.57 2.78
N ASP D 370 -7.20 6.79 1.80
CA ASP D 370 -7.97 6.63 0.57
C ASP D 370 -9.29 5.93 0.84
N THR D 371 -9.30 4.95 1.74
CA THR D 371 -10.55 4.26 2.07
C THR D 371 -11.48 5.14 2.88
N MET D 372 -10.93 6.00 3.75
CA MET D 372 -11.78 6.85 4.58
C MET D 372 -12.43 7.94 3.75
N TYR D 373 -11.62 8.66 2.96
CA TYR D 373 -12.15 9.74 2.14
C TYR D 373 -13.10 9.24 1.06
N HIS D 374 -12.89 8.00 0.58
CA HIS D 374 -13.85 7.42 -0.35
C HIS D 374 -15.15 7.06 0.35
N TYR D 375 -15.08 6.69 1.63
CA TYR D 375 -16.29 6.40 2.39
C TYR D 375 -17.07 7.68 2.69
N LEU D 376 -16.35 8.75 3.10
CA LEU D 376 -17.01 10.01 3.38
C LEU D 376 -17.60 10.63 2.12
N ALA D 377 -17.01 10.36 0.95
CA ALA D 377 -17.53 10.88 -0.30
C ALA D 377 -18.81 10.20 -0.74
N SER D 378 -19.23 9.13 -0.06
CA SER D 378 -20.43 8.38 -0.43
C SER D 378 -21.48 8.34 0.68
N THR D 379 -21.24 8.97 1.81
CA THR D 379 -22.14 8.95 2.95
C THR D 379 -22.80 10.32 3.12
N ASP D 380 -24.08 10.31 3.48
CA ASP D 380 -24.83 11.54 3.69
C ASP D 380 -24.56 12.13 5.08
PA NAD E . 19.56 -1.09 1.33
O1A NAD E . 20.51 -0.43 2.29
O2A NAD E . 19.04 -0.64 0.01
O5B NAD E . 18.13 -1.03 2.34
C5B NAD E . 17.71 0.26 2.37
C4B NAD E . 16.53 0.41 1.43
O4B NAD E . 15.45 -0.34 1.93
C3B NAD E . 16.09 1.87 1.49
O3B NAD E . 16.94 2.53 0.61
C2B NAD E . 14.67 1.75 0.96
O2B NAD E . 14.62 1.80 -0.42
C1B NAD E . 14.28 0.26 1.37
N9A NAD E . 13.23 0.25 2.42
C8A NAD E . 11.83 0.20 2.28
N7A NAD E . 11.19 0.22 3.45
C5A NAD E . 12.21 0.27 4.41
C6A NAD E . 12.19 0.32 5.83
N6A NAD E . 10.99 0.30 6.48
N1A NAD E . 13.36 0.39 6.55
C2A NAD E . 14.52 0.41 5.81
N3A NAD E . 14.71 0.37 4.47
C4A NAD E . 13.50 0.31 3.80
O3 NAD E . 20.14 -2.59 1.41
PN NAD E . 20.41 -3.16 2.86
O1N NAD E . 19.84 -2.52 4.10
O2N NAD E . 20.57 -4.61 2.54
O5D NAD E . 22.14 -2.81 3.13
C5D NAD E . 22.78 -3.16 1.97
C4D NAD E . 23.85 -2.14 1.68
O4D NAD E . 24.87 -2.25 2.70
C3D NAD E . 24.51 -2.54 0.35
O3D NAD E . 25.15 -1.40 -0.12
C2D NAD E . 25.53 -3.58 0.83
O2D NAD E . 26.66 -3.70 0.03
C1D NAD E . 26.00 -2.87 2.13
N1N NAD E . 26.48 -3.90 3.13
C2N NAD E . 27.29 -3.43 4.13
C3N NAD E . 27.78 -4.31 5.09
C7N NAD E . 28.66 -3.71 6.13
O7N NAD E . 29.06 -4.37 7.09
N7N NAD E . 28.98 -2.39 5.99
C4N NAD E . 27.43 -5.66 5.01
C5N NAD E . 26.60 -6.11 3.99
C6N NAD E . 26.12 -5.22 3.03
PA NAD F . 17.43 2.57 -20.38
O1A NAD F . 16.64 3.20 -19.26
O2A NAD F . 18.36 3.17 -21.39
O5B NAD F . 18.57 1.75 -19.37
C5B NAD F . 18.99 0.65 -20.08
C4B NAD F . 20.30 0.19 -19.50
O4B NAD F . 21.01 -0.56 -20.48
C3B NAD F . 21.12 1.49 -19.20
O3B NAD F . 21.52 1.37 -17.87
C2B NAD F . 22.28 1.37 -20.20
O2B NAD F . 23.48 1.81 -19.67
C1B NAD F . 22.35 -0.19 -20.31
N9A NAD F . 23.11 -0.68 -21.49
C8A NAD F . 24.18 -1.59 -21.56
N7A NAD F . 24.61 -1.80 -22.80
C5A NAD F . 23.80 -0.99 -23.59
C6A NAD F . 23.77 -0.75 -24.99
N6A NAD F . 24.64 -1.40 -25.81
N1A NAD F . 22.85 0.11 -25.53
C2A NAD F . 22.00 0.73 -24.64
N3A NAD F . 21.91 0.61 -23.30
C4A NAD F . 22.84 -0.27 -22.80
O3 NAD F . 16.33 1.50 -20.88
PN NAD F . 15.27 1.98 -21.97
O1N NAD F . 13.92 1.31 -22.05
O2N NAD F . 16.17 2.43 -23.07
O5D NAD F . 14.73 3.60 -21.45
C5D NAD F . 13.77 3.41 -20.49
C4D NAD F . 13.66 4.68 -19.68
O4D NAD F . 13.00 5.68 -20.51
C3D NAD F . 12.73 4.38 -18.48
O3D NAD F . 13.16 5.19 -17.45
C2D NAD F . 11.36 4.82 -19.01
O2D NAD F . 10.51 5.34 -18.05
C1D NAD F . 11.80 6.03 -19.87
N1N NAD F . 10.81 6.23 -20.99
C2N NAD F . 10.88 7.43 -21.64
C3N NAD F . 9.99 7.68 -22.68
C7N NAD F . 10.12 9.02 -23.34
O7N NAD F . 9.33 9.39 -24.20
N7N NAD F . 11.18 9.79 -22.94
C4N NAD F . 9.05 6.72 -23.04
C5N NAD F . 9.01 5.50 -22.36
C6N NAD F . 9.90 5.26 -21.32
PA NAD G . -33.26 -21.30 -5.34
O1A NAD G . -32.07 -20.88 -6.16
O2A NAD G . -34.57 -20.63 -5.12
O5B NAD G . -33.71 -22.65 -6.31
C5B NAD G . -34.71 -23.32 -5.63
C4B NAD G . -35.92 -23.36 -6.51
O4B NAD G . -36.40 -24.70 -6.53
C3B NAD G . -37.00 -22.51 -5.82
O3B NAD G . -36.77 -21.21 -6.24
C2B NAD G . -38.24 -23.12 -6.43
O2B NAD G . -38.43 -22.69 -7.74
C1B NAD G . -37.83 -24.64 -6.50
N9A NAD G . -38.26 -25.34 -5.29
C8A NAD G . -37.67 -25.48 -4.01
N7A NAD G . -38.42 -26.22 -3.18
C5A NAD G . -39.55 -26.57 -3.95
C6A NAD G . -40.71 -27.34 -3.69
N6A NAD G . -40.91 -27.93 -2.46
N1A NAD G . -41.65 -27.52 -4.67
C2A NAD G . -41.41 -26.94 -5.88
N3A NAD G . -40.37 -26.19 -6.27
C4A NAD G . -39.45 -26.03 -5.27
O3 NAD G . -32.48 -21.85 -4.03
PN NAD G . -31.41 -22.99 -4.29
O1N NAD G . -31.01 -23.39 -5.69
O2N NAD G . -31.63 -23.84 -3.09
O5D NAD G . -29.86 -22.27 -3.75
C5D NAD G . -29.34 -21.58 -4.80
C4D NAD G . -29.47 -20.10 -4.53
O4D NAD G . -28.71 -19.77 -3.35
C3D NAD G . -28.79 -19.35 -5.69
O3D NAD G . -29.16 -18.02 -5.57
C2D NAD G . -27.33 -19.58 -5.31
O2D NAD G . -26.46 -18.61 -5.80
C1D NAD G . -27.43 -19.32 -3.78
N1N NAD G . -26.42 -20.17 -3.04
C2N NAD G . -26.11 -19.74 -1.78
C3N NAD G . -25.19 -20.47 -1.02
C7N NAD G . -24.90 -19.94 0.34
O7N NAD G . -25.12 -18.77 0.65
N7N NAD G . -24.38 -20.83 1.25
C4N NAD G . -24.61 -21.62 -1.57
C5N NAD G . -24.94 -22.03 -2.85
C6N NAD G . -25.87 -21.29 -3.60
ZN ZN H . -22.84 -24.19 -3.13
PA NAD I . -14.01 31.42 15.73
O1A NAD I . -13.05 32.27 16.50
O2A NAD I . -13.94 30.88 14.33
O5B NAD I . -15.25 32.61 15.51
C5B NAD I . -16.25 32.00 14.79
C4B NAD I . -17.45 32.90 14.76
O4B NAD I . -17.99 32.94 16.07
C3B NAD I . -16.93 34.31 14.41
O3B NAD I . -17.65 34.69 13.28
C2B NAD I . -17.29 35.14 15.66
O2B NAD I . -17.87 36.37 15.35
C1B NAD I . -18.41 34.26 16.31
N9A NAD I . -18.45 34.41 17.76
C8A NAD I . -17.41 34.39 18.70
N7A NAD I . -17.84 34.56 19.94
C5A NAD I . -19.24 34.70 19.82
C6A NAD I . -20.28 34.92 20.76
N6A NAD I . -19.99 35.02 22.08
N1A NAD I . -21.59 35.01 20.34
C2A NAD I . -21.80 34.90 18.99
N3A NAD I . -20.93 34.70 17.99
C4A NAD I . -19.63 34.61 18.44
O3 NAD I . -14.46 30.43 16.92
PN NAD I . -13.61 29.08 17.04
O1N NAD I . -14.25 27.76 16.67
O2N NAD I . -12.72 29.43 18.17
O5D NAD I . -12.39 29.18 15.74
C5D NAD I . -11.46 28.23 15.97
C4D NAD I . -10.11 28.74 15.55
O4D NAD I . -9.14 28.32 16.54
C3D NAD I . -9.74 28.03 14.22
O3D NAD I . -8.98 28.93 13.49
C2D NAD I . -8.90 26.85 14.71
O2D NAD I . -7.91 26.45 13.83
C1D NAD I . -8.18 27.53 15.89
N1N NAD I . -7.75 26.47 16.89
C2N NAD I . -6.71 26.81 17.71
C3N NAD I . -6.26 25.89 18.66
C7N NAD I . -5.12 26.32 19.52
O7N NAD I . -4.63 27.45 19.42
N7N NAD I . -4.65 25.41 20.43
C4N NAD I . -6.87 24.64 18.75
C5N NAD I . -7.93 24.32 17.90
C6N NAD I . -8.37 25.26 16.95
#